data_7XOY
#
_entry.id   7XOY
#
_cell.length_a   1.00
_cell.length_b   1.00
_cell.length_c   1.00
_cell.angle_alpha   90.00
_cell.angle_beta   90.00
_cell.angle_gamma   90.00
#
_symmetry.space_group_name_H-M   'P 1'
#
loop_
_entity.id
_entity.type
_entity.pdbx_description
1 polymer 'Putative cystathionine beta-synthase Rv1077'
2 non-polymer [3-HYDROXY-2-METHYL-5-PHOSPHONOOXYMETHYL-PYRIDIN-4-YLMETHYL]-SERINE
#
_entity_poly.entity_id   1
_entity_poly.type   'polypeptide(L)'
_entity_poly.pdbx_seq_one_letter_code
;MARIAQHISELIGGTPLVRLNSVVPDGAGTVAAKVEYLNPGGSSKDRIAVKMIEAAEASGQLKPGGTIVEPTSGNTGVGL
ALVAQRRGYKCVFVCPDKVSEDKRNVLIAYGAEVVVCPTAVPPHDPASYYSVSDRLVRDIDGAWKPDQYANPEGPASHYV
TTGPEIWADTEGKVTHFVAGIGTGGTITGAGRYLKEVSGGRVRIVGADPEGSVYSGGAGRPYLVEGVGEDFWPAAYDPSV
PDEIIAVSDSDSFDMTRRLAREEAMLVGGSCGMAVVAALKVAEEAGPDALIVVLLPDGGRGYMSKIFNDAWMSSYGFLRS
RLDGSTEQSTVGDVLRRKSGALPALVHTHPSETVRDAIGILREYGVSQMPVVGAEPPVMAGEVAGSVSERELLSAVFEGR
AKLADAVSAHMSPPLRMIGAGELVSAAGKALRDWDALMVVEEGKPVGVITRYDLLGFLSEGAGRRKLAAALEHHHHHH
;
_entity_poly.pdbx_strand_id   B,A,C,D
#
# COMPACT_ATOMS: atom_id res chain seq x y z
N ILE A 4 -15.42 -45.98 -33.06
CA ILE A 4 -16.70 -46.39 -33.61
C ILE A 4 -17.68 -45.23 -33.58
N ALA A 5 -17.73 -44.53 -32.45
CA ALA A 5 -18.70 -43.47 -32.27
C ALA A 5 -18.53 -42.38 -33.32
N GLN A 6 -19.65 -41.94 -33.91
CA GLN A 6 -19.58 -40.90 -34.92
C GLN A 6 -19.09 -39.59 -34.33
N HIS A 7 -19.53 -39.28 -33.11
CA HIS A 7 -19.14 -38.02 -32.47
C HIS A 7 -19.17 -38.22 -30.97
N ILE A 8 -18.50 -37.32 -30.25
CA ILE A 8 -18.44 -37.44 -28.81
C ILE A 8 -19.82 -37.38 -28.18
N SER A 9 -20.72 -36.60 -28.78
CA SER A 9 -22.05 -36.44 -28.21
C SER A 9 -22.81 -37.76 -28.12
N GLU A 10 -22.47 -38.74 -28.94
CA GLU A 10 -23.18 -40.00 -28.93
C GLU A 10 -22.71 -40.94 -27.84
N LEU A 11 -21.94 -40.45 -26.88
CA LEU A 11 -21.60 -41.22 -25.69
C LEU A 11 -22.39 -40.81 -24.47
N ILE A 12 -23.30 -39.85 -24.59
CA ILE A 12 -24.10 -39.42 -23.45
C ILE A 12 -25.16 -40.47 -23.16
N GLY A 13 -25.26 -40.86 -21.90
CA GLY A 13 -26.16 -41.91 -21.47
C GLY A 13 -25.41 -43.13 -20.99
N GLY A 14 -26.18 -44.13 -20.58
CA GLY A 14 -25.60 -45.35 -20.08
C GLY A 14 -24.73 -45.14 -18.86
N THR A 15 -25.09 -44.19 -18.01
CA THR A 15 -24.31 -43.95 -16.81
C THR A 15 -24.35 -45.16 -15.90
N PRO A 16 -23.25 -45.53 -15.29
CA PRO A 16 -23.22 -46.71 -14.42
C PRO A 16 -23.86 -46.44 -13.07
N LEU A 17 -23.99 -47.50 -12.29
CA LEU A 17 -24.53 -47.43 -10.94
C LEU A 17 -23.50 -47.96 -9.96
N VAL A 18 -23.45 -47.32 -8.78
CA VAL A 18 -22.50 -47.70 -7.74
C VAL A 18 -23.28 -47.96 -6.46
N ARG A 19 -22.65 -48.70 -5.55
CA ARG A 19 -23.27 -49.02 -4.26
C ARG A 19 -22.51 -48.31 -3.15
N LEU A 20 -23.15 -47.35 -2.52
CA LEU A 20 -22.55 -46.69 -1.37
C LEU A 20 -22.45 -47.67 -0.20
N ASN A 21 -21.30 -47.67 0.47
CA ASN A 21 -21.08 -48.56 1.60
C ASN A 21 -20.77 -47.86 2.91
N SER A 22 -20.43 -46.59 2.89
CA SER A 22 -20.11 -45.86 4.11
C SER A 22 -21.12 -44.77 4.45
N VAL A 23 -21.98 -44.39 3.52
CA VAL A 23 -22.96 -43.34 3.76
C VAL A 23 -24.33 -43.90 4.11
N VAL A 24 -24.45 -45.21 4.26
CA VAL A 24 -25.70 -45.86 4.55
C VAL A 24 -25.57 -46.60 5.88
N PRO A 25 -26.12 -46.05 6.94
CA PRO A 25 -26.09 -46.73 8.23
C PRO A 25 -26.48 -48.20 8.12
N ASP A 26 -25.81 -49.04 8.89
CA ASP A 26 -26.06 -50.46 8.83
C ASP A 26 -27.52 -50.76 9.16
N GLY A 27 -27.99 -51.89 8.65
CA GLY A 27 -29.35 -52.33 8.87
C GLY A 27 -30.35 -51.81 7.86
N ALA A 28 -29.95 -50.89 6.99
CA ALA A 28 -30.83 -50.38 5.96
C ALA A 28 -30.58 -51.09 4.63
N GLY A 29 -31.56 -51.00 3.75
CA GLY A 29 -31.44 -51.64 2.45
C GLY A 29 -30.41 -50.96 1.57
N THR A 30 -30.05 -51.66 0.49
CA THR A 30 -29.05 -51.14 -0.43
C THR A 30 -29.51 -49.80 -1.00
N VAL A 31 -28.61 -48.84 -1.02
CA VAL A 31 -28.88 -47.52 -1.55
C VAL A 31 -27.81 -47.24 -2.60
N ALA A 32 -28.11 -47.57 -3.84
CA ALA A 32 -27.21 -47.33 -4.95
C ALA A 32 -27.41 -45.93 -5.52
N ALA A 33 -26.36 -45.43 -6.16
CA ALA A 33 -26.33 -44.10 -6.72
C ALA A 33 -25.98 -44.17 -8.21
N LYS A 34 -26.59 -43.28 -8.98
CA LYS A 34 -26.34 -43.14 -10.41
C LYS A 34 -25.51 -41.88 -10.60
N VAL A 35 -24.25 -42.07 -10.97
CA VAL A 35 -23.34 -40.95 -11.18
C VAL A 35 -23.53 -40.42 -12.59
N GLU A 36 -23.45 -39.10 -12.74
CA GLU A 36 -23.68 -38.48 -14.02
C GLU A 36 -22.47 -37.73 -14.56
N TYR A 37 -21.36 -37.73 -13.84
CA TYR A 37 -20.19 -36.99 -14.31
C TYR A 37 -19.31 -37.81 -15.23
N LEU A 38 -19.71 -39.04 -15.54
CA LEU A 38 -18.98 -39.86 -16.49
C LEU A 38 -19.40 -39.58 -17.93
N ASN A 39 -20.37 -38.71 -18.15
CA ASN A 39 -20.75 -38.37 -19.50
C ASN A 39 -19.74 -37.41 -20.11
N PRO A 40 -19.73 -37.30 -21.43
CA PRO A 40 -18.78 -36.39 -22.08
C PRO A 40 -18.92 -34.97 -21.62
N GLY A 41 -20.14 -34.51 -21.36
CA GLY A 41 -20.32 -33.15 -20.91
C GLY A 41 -19.96 -32.90 -19.46
N GLY A 42 -19.69 -33.95 -18.70
CA GLY A 42 -19.38 -33.82 -17.29
C GLY A 42 -20.57 -33.55 -16.41
N SER A 43 -21.75 -33.35 -16.97
CA SER A 43 -22.95 -33.09 -16.18
C SER A 43 -24.11 -33.90 -16.76
N SER A 44 -25.07 -34.21 -15.90
CA SER A 44 -26.23 -34.95 -16.37
C SER A 44 -27.12 -34.13 -17.27
N LYS A 45 -26.90 -32.82 -17.35
CA LYS A 45 -27.76 -31.98 -18.16
C LYS A 45 -27.55 -32.18 -19.65
N ASP A 46 -26.38 -32.66 -20.07
CA ASP A 46 -26.13 -32.79 -21.50
C ASP A 46 -27.19 -33.64 -22.18
N ARG A 47 -27.86 -34.49 -21.39
CA ARG A 47 -28.96 -35.33 -21.95
C ARG A 47 -30.11 -34.41 -22.35
N ILE A 48 -30.64 -33.63 -21.40
CA ILE A 48 -31.71 -32.66 -21.73
C ILE A 48 -31.27 -31.88 -22.98
N ALA A 49 -30.00 -31.48 -23.01
CA ALA A 49 -29.47 -30.72 -24.17
C ALA A 49 -29.74 -31.49 -25.46
N VAL A 50 -29.07 -32.64 -25.64
CA VAL A 50 -29.22 -33.41 -26.92
C VAL A 50 -30.71 -33.48 -27.28
N LYS A 51 -31.54 -34.06 -26.41
CA LYS A 51 -32.97 -34.21 -26.77
C LYS A 51 -33.48 -32.87 -27.30
N MET A 52 -33.29 -31.79 -26.51
CA MET A 52 -33.77 -30.46 -26.92
C MET A 52 -33.31 -30.18 -28.35
N ILE A 53 -32.03 -30.36 -28.63
CA ILE A 53 -31.50 -30.04 -29.95
C ILE A 53 -32.14 -30.91 -31.01
N GLU A 54 -32.27 -32.21 -30.73
CA GLU A 54 -32.93 -33.09 -31.69
C GLU A 54 -34.36 -32.62 -31.96
N ALA A 55 -35.10 -32.29 -30.91
CA ALA A 55 -36.48 -31.86 -31.09
C ALA A 55 -36.54 -30.58 -31.90
N ALA A 56 -35.68 -29.62 -31.59
CA ALA A 56 -35.69 -28.36 -32.31
C ALA A 56 -35.35 -28.56 -33.78
N GLU A 57 -34.35 -29.39 -34.06
CA GLU A 57 -33.99 -29.65 -35.45
C GLU A 57 -35.14 -30.32 -36.18
N ALA A 58 -35.81 -31.28 -35.54
CA ALA A 58 -36.93 -31.96 -36.18
C ALA A 58 -38.15 -31.07 -36.31
N SER A 59 -38.22 -29.99 -35.53
CA SER A 59 -39.40 -29.13 -35.58
C SER A 59 -39.39 -28.23 -36.80
N GLY A 60 -38.38 -27.38 -36.92
CA GLY A 60 -38.31 -26.48 -38.06
C GLY A 60 -38.11 -25.04 -37.64
N GLN A 61 -38.34 -24.75 -36.36
CA GLN A 61 -38.15 -23.38 -35.87
C GLN A 61 -36.68 -23.01 -35.73
N LEU A 62 -35.77 -23.96 -35.93
CA LEU A 62 -34.33 -23.71 -35.89
C LEU A 62 -33.73 -24.22 -37.19
N LYS A 63 -33.63 -23.34 -38.18
CA LYS A 63 -33.10 -23.72 -39.48
C LYS A 63 -31.59 -23.88 -39.42
N PRO A 64 -31.01 -24.67 -40.31
CA PRO A 64 -29.56 -24.81 -40.34
C PRO A 64 -28.88 -23.47 -40.54
N GLY A 65 -27.77 -23.28 -39.86
CA GLY A 65 -27.10 -22.00 -39.86
C GLY A 65 -27.64 -21.00 -38.87
N GLY A 66 -28.50 -21.43 -37.95
CA GLY A 66 -29.06 -20.55 -36.96
C GLY A 66 -28.11 -20.33 -35.79
N THR A 67 -28.66 -19.77 -34.73
CA THR A 67 -27.88 -19.44 -33.54
C THR A 67 -28.72 -19.69 -32.30
N ILE A 68 -28.21 -20.55 -31.42
CA ILE A 68 -28.86 -20.80 -30.14
C ILE A 68 -28.58 -19.63 -29.19
N VAL A 69 -29.53 -19.36 -28.32
CA VAL A 69 -29.35 -18.29 -27.34
C VAL A 69 -30.24 -18.55 -26.13
N GLU A 70 -29.67 -18.46 -24.94
CA GLU A 70 -30.42 -18.66 -23.72
C GLU A 70 -29.52 -18.42 -22.52
N PRO A 71 -30.07 -18.22 -21.34
CA PRO A 71 -29.21 -18.00 -20.17
C PRO A 71 -28.60 -19.29 -19.67
N THR A 72 -27.31 -19.46 -19.88
CA THR A 72 -26.63 -20.70 -19.51
C THR A 72 -26.12 -20.55 -18.08
N SER A 73 -26.84 -21.19 -17.14
CA SER A 73 -26.43 -21.13 -15.74
C SER A 73 -24.96 -21.48 -15.61
N GLY A 74 -24.49 -22.41 -16.46
CA GLY A 74 -23.10 -22.87 -16.40
C GLY A 74 -22.94 -24.24 -17.04
N ASN A 75 -23.54 -25.26 -16.43
CA ASN A 75 -23.45 -26.65 -16.98
C ASN A 75 -24.27 -26.73 -18.28
N THR A 76 -25.26 -25.85 -18.44
CA THR A 76 -26.11 -25.88 -19.65
C THR A 76 -25.23 -25.63 -20.86
N GLY A 77 -24.54 -24.49 -20.89
CA GLY A 77 -23.62 -24.20 -22.00
C GLY A 77 -22.81 -25.42 -22.35
N VAL A 78 -22.40 -26.20 -21.34
CA VAL A 78 -21.62 -27.44 -21.58
C VAL A 78 -22.36 -28.29 -22.62
N GLY A 79 -23.46 -28.93 -22.23
CA GLY A 79 -24.16 -29.81 -23.15
C GLY A 79 -24.67 -29.08 -24.38
N LEU A 80 -25.23 -27.89 -24.19
CA LEU A 80 -25.79 -27.18 -25.33
C LEU A 80 -24.71 -26.88 -26.36
N ALA A 81 -23.60 -26.30 -25.92
CA ALA A 81 -22.51 -26.04 -26.85
C ALA A 81 -21.95 -27.33 -27.41
N LEU A 82 -21.89 -28.39 -26.61
CA LEU A 82 -21.43 -29.67 -27.14
C LEU A 82 -22.25 -30.08 -28.35
N VAL A 83 -23.57 -30.10 -28.18
CA VAL A 83 -24.43 -30.52 -29.27
C VAL A 83 -24.29 -29.58 -30.46
N ALA A 84 -24.28 -28.27 -30.19
CA ALA A 84 -24.22 -27.31 -31.30
C ALA A 84 -22.94 -27.48 -32.09
N GLN A 85 -21.81 -27.66 -31.40
CA GLN A 85 -20.55 -27.88 -32.09
C GLN A 85 -20.56 -29.20 -32.84
N ARG A 86 -21.22 -30.22 -32.29
CA ARG A 86 -21.37 -31.47 -33.03
C ARG A 86 -22.05 -31.23 -34.36
N ARG A 87 -23.19 -30.55 -34.33
CA ARG A 87 -23.88 -30.26 -35.58
C ARG A 87 -23.35 -29.02 -36.28
N GLY A 88 -22.56 -28.21 -35.58
CA GLY A 88 -21.99 -27.03 -36.21
C GLY A 88 -22.84 -25.79 -36.08
N TYR A 89 -23.36 -25.53 -34.88
CA TYR A 89 -24.16 -24.35 -34.62
C TYR A 89 -23.32 -23.29 -33.91
N LYS A 90 -23.97 -22.20 -33.51
CA LYS A 90 -23.36 -21.17 -32.69
C LYS A 90 -23.98 -21.20 -31.30
N CYS A 91 -23.31 -20.52 -30.36
CA CYS A 91 -23.78 -20.46 -28.98
C CYS A 91 -23.52 -19.07 -28.44
N VAL A 92 -24.57 -18.40 -28.00
CA VAL A 92 -24.46 -17.09 -27.36
C VAL A 92 -25.18 -17.18 -26.03
N PHE A 93 -24.48 -16.88 -24.95
CA PHE A 93 -25.01 -17.05 -23.61
C PHE A 93 -25.07 -15.70 -22.90
N VAL A 94 -26.25 -15.38 -22.38
CA VAL A 94 -26.44 -14.22 -21.52
C VAL A 94 -27.09 -14.71 -20.25
N CYS A 95 -26.33 -14.77 -19.16
CA CYS A 95 -26.90 -15.41 -17.94
C CYS A 95 -26.53 -14.65 -16.68
N PRO A 96 -26.93 -15.10 -15.47
CA PRO A 96 -26.48 -14.46 -14.24
C PRO A 96 -24.95 -14.39 -14.25
N ASP A 97 -24.39 -13.19 -14.13
CA ASP A 97 -22.91 -13.01 -14.13
C ASP A 97 -22.29 -14.00 -13.13
N LYS A 98 -23.07 -14.48 -12.15
CA LYS A 98 -22.57 -15.46 -11.16
C LYS A 98 -21.45 -16.32 -11.78
N VAL A 99 -21.78 -17.11 -12.81
CA VAL A 99 -20.78 -18.00 -13.46
C VAL A 99 -19.37 -17.67 -12.97
N SER A 100 -18.86 -18.41 -11.99
CA SER A 100 -17.48 -18.20 -11.49
C SER A 100 -16.53 -18.13 -12.70
N GLU A 101 -15.41 -17.42 -12.57
CA GLU A 101 -14.55 -17.26 -13.74
C GLU A 101 -14.41 -18.58 -14.51
N ASP A 102 -14.24 -19.69 -13.78
CA ASP A 102 -14.01 -20.96 -14.46
C ASP A 102 -15.18 -21.35 -15.34
N LYS A 103 -16.41 -21.11 -14.88
CA LYS A 103 -17.57 -21.50 -15.66
C LYS A 103 -17.58 -20.84 -17.03
N ARG A 104 -17.45 -19.52 -17.07
CA ARG A 104 -17.51 -18.85 -18.36
C ARG A 104 -16.24 -19.09 -19.16
N ASN A 105 -15.11 -19.31 -18.49
CA ASN A 105 -13.91 -19.69 -19.23
C ASN A 105 -14.14 -20.99 -19.98
N VAL A 106 -14.72 -21.98 -19.30
CA VAL A 106 -15.00 -23.25 -19.95
C VAL A 106 -16.01 -23.07 -21.06
N LEU A 107 -17.06 -22.30 -20.82
CA LEU A 107 -18.06 -22.08 -21.86
C LEU A 107 -17.42 -21.46 -23.09
N ILE A 108 -16.54 -20.48 -22.90
CA ILE A 108 -15.85 -19.89 -24.04
C ILE A 108 -15.00 -20.93 -24.73
N ALA A 109 -14.34 -21.79 -23.94
CA ALA A 109 -13.47 -22.79 -24.53
C ALA A 109 -14.21 -23.65 -25.55
N TYR A 110 -15.49 -23.91 -25.32
CA TYR A 110 -16.27 -24.68 -26.27
C TYR A 110 -16.77 -23.85 -27.43
N GLY A 111 -16.20 -22.68 -27.66
CA GLY A 111 -16.57 -21.84 -28.78
C GLY A 111 -17.97 -21.28 -28.67
N ALA A 112 -18.22 -20.50 -27.62
CA ALA A 112 -19.53 -19.89 -27.42
C ALA A 112 -19.31 -18.44 -26.99
N GLU A 113 -19.71 -17.51 -27.84
CA GLU A 113 -19.57 -16.10 -27.51
C GLU A 113 -20.49 -15.75 -26.35
N VAL A 114 -19.95 -15.06 -25.34
CA VAL A 114 -20.71 -14.73 -24.15
C VAL A 114 -20.78 -13.20 -24.01
N VAL A 115 -22.00 -12.68 -23.83
CA VAL A 115 -22.20 -11.23 -23.57
C VAL A 115 -22.92 -11.17 -22.22
N VAL A 116 -22.54 -12.06 -21.31
CA VAL A 116 -23.19 -12.21 -20.00
C VAL A 116 -23.31 -10.87 -19.29
N CYS A 117 -24.38 -10.70 -18.52
CA CYS A 117 -24.64 -9.46 -17.81
C CYS A 117 -24.91 -9.76 -16.35
N PRO A 118 -24.67 -8.77 -15.48
CA PRO A 118 -24.83 -8.99 -14.04
C PRO A 118 -26.24 -9.43 -13.69
N THR A 119 -26.34 -10.23 -12.64
CA THR A 119 -27.60 -10.78 -12.14
C THR A 119 -28.01 -10.08 -10.86
N ALA A 120 -29.11 -10.57 -10.29
CA ALA A 120 -29.72 -10.08 -9.05
C ALA A 120 -30.39 -8.73 -9.23
N VAL A 121 -30.36 -8.14 -10.43
CA VAL A 121 -30.95 -6.85 -10.70
C VAL A 121 -32.20 -7.06 -11.55
N PRO A 122 -33.39 -6.82 -11.02
CA PRO A 122 -34.61 -6.97 -11.83
C PRO A 122 -34.67 -5.89 -12.90
N PRO A 123 -34.43 -6.27 -14.16
CA PRO A 123 -34.25 -5.25 -15.20
C PRO A 123 -35.49 -4.39 -15.44
N HIS A 124 -36.60 -5.03 -15.80
CA HIS A 124 -37.78 -4.33 -16.31
C HIS A 124 -37.42 -3.40 -17.46
N ASP A 125 -36.23 -3.59 -18.04
CA ASP A 125 -35.70 -2.80 -19.13
C ASP A 125 -34.37 -3.38 -19.55
N PRO A 126 -33.85 -3.03 -20.72
CA PRO A 126 -32.54 -3.56 -21.11
C PRO A 126 -31.47 -3.05 -20.17
N ALA A 127 -31.40 -3.65 -18.98
CA ALA A 127 -30.36 -3.26 -17.99
C ALA A 127 -30.08 -4.45 -17.05
N SER A 128 -30.11 -5.67 -17.56
CA SER A 128 -29.82 -6.88 -16.74
C SER A 128 -29.53 -8.09 -17.63
N TYR A 129 -29.26 -9.25 -17.03
CA TYR A 129 -28.90 -10.46 -17.82
C TYR A 129 -30.14 -10.93 -18.62
N TYR A 130 -31.31 -11.02 -17.99
CA TYR A 130 -32.47 -11.38 -18.80
C TYR A 130 -32.85 -10.26 -19.75
N SER A 131 -32.59 -9.01 -19.36
CA SER A 131 -32.84 -7.91 -20.26
C SER A 131 -32.03 -8.06 -21.55
N VAL A 132 -30.73 -8.28 -21.39
CA VAL A 132 -29.84 -8.42 -22.58
C VAL A 132 -30.23 -9.69 -23.35
N SER A 133 -30.62 -10.75 -22.62
CA SER A 133 -31.03 -11.98 -23.31
C SER A 133 -32.25 -11.73 -24.18
N ASP A 134 -33.27 -11.07 -23.65
CA ASP A 134 -34.46 -10.78 -24.43
C ASP A 134 -34.15 -9.83 -25.57
N ARG A 135 -33.30 -8.84 -25.34
CA ARG A 135 -32.93 -7.93 -26.41
C ARG A 135 -32.25 -8.66 -27.56
N LEU A 136 -31.33 -9.58 -27.23
CA LEU A 136 -30.67 -10.37 -28.27
C LEU A 136 -31.67 -11.27 -28.99
N VAL A 137 -32.59 -11.88 -28.24
CA VAL A 137 -33.59 -12.73 -28.86
C VAL A 137 -34.43 -11.94 -29.86
N ARG A 138 -34.84 -10.73 -29.47
CA ARG A 138 -35.59 -9.89 -30.37
C ARG A 138 -34.75 -9.48 -31.58
N ASP A 139 -33.45 -9.24 -31.37
CA ASP A 139 -32.61 -8.69 -32.42
C ASP A 139 -32.20 -9.75 -33.43
N ILE A 140 -31.48 -10.78 -32.98
CA ILE A 140 -30.86 -11.72 -33.90
C ILE A 140 -31.93 -12.55 -34.61
N ASP A 141 -31.62 -12.94 -35.83
CA ASP A 141 -32.50 -13.78 -36.64
C ASP A 141 -32.03 -15.23 -36.61
N GLY A 142 -32.96 -16.14 -36.89
CA GLY A 142 -32.64 -17.55 -36.86
C GLY A 142 -32.20 -18.04 -35.50
N ALA A 143 -32.62 -17.36 -34.43
CA ALA A 143 -32.21 -17.73 -33.09
C ALA A 143 -33.22 -18.68 -32.47
N TRP A 144 -33.05 -18.97 -31.18
CA TRP A 144 -33.95 -19.86 -30.46
C TRP A 144 -33.71 -19.73 -28.97
N LYS A 145 -34.78 -19.63 -28.18
CA LYS A 145 -34.66 -19.56 -26.73
C LYS A 145 -35.11 -20.90 -26.16
N PRO A 146 -34.20 -21.84 -25.97
CA PRO A 146 -34.60 -23.15 -25.44
C PRO A 146 -35.29 -23.02 -24.09
N ASP A 147 -34.63 -22.39 -23.13
CA ASP A 147 -35.22 -22.10 -21.83
C ASP A 147 -35.79 -23.38 -21.20
N GLN A 148 -34.87 -24.28 -20.85
CA GLN A 148 -35.26 -25.56 -20.27
C GLN A 148 -36.28 -25.41 -19.17
N TYR A 149 -36.35 -24.23 -18.54
CA TYR A 149 -37.39 -23.99 -17.54
C TYR A 149 -38.78 -24.32 -18.08
N ALA A 150 -39.09 -23.90 -19.31
CA ALA A 150 -40.39 -24.19 -19.90
C ALA A 150 -40.17 -24.88 -21.26
N ASN A 151 -39.98 -26.18 -21.21
CA ASN A 151 -39.85 -26.98 -22.42
C ASN A 151 -40.21 -28.43 -22.12
N PRO A 152 -41.36 -28.88 -22.57
CA PRO A 152 -41.77 -30.27 -22.29
C PRO A 152 -40.76 -31.27 -22.79
N GLU A 153 -40.08 -30.99 -23.90
CA GLU A 153 -39.08 -31.93 -24.40
C GLU A 153 -38.01 -32.18 -23.36
N GLY A 154 -37.76 -31.22 -22.47
CA GLY A 154 -36.81 -31.41 -21.41
C GLY A 154 -37.13 -32.64 -20.60
N PRO A 155 -38.26 -32.61 -19.89
CA PRO A 155 -38.68 -33.80 -19.15
C PRO A 155 -38.91 -35.00 -20.05
N ALA A 156 -39.31 -34.79 -21.29
CA ALA A 156 -39.49 -35.93 -22.19
C ALA A 156 -38.18 -36.68 -22.38
N SER A 157 -37.07 -35.94 -22.44
CA SER A 157 -35.75 -36.58 -22.57
C SER A 157 -35.60 -37.62 -21.47
N HIS A 158 -35.75 -37.18 -20.22
CA HIS A 158 -35.57 -38.10 -19.11
C HIS A 158 -36.59 -39.22 -19.16
N TYR A 159 -37.83 -38.90 -19.52
CA TYR A 159 -38.83 -39.95 -19.64
C TYR A 159 -38.43 -40.99 -20.67
N VAL A 160 -37.62 -40.60 -21.65
CA VAL A 160 -37.20 -41.54 -22.68
C VAL A 160 -35.99 -42.34 -22.22
N THR A 161 -34.90 -41.66 -21.89
CA THR A 161 -33.63 -42.34 -21.63
C THR A 161 -32.97 -41.79 -20.37
N THR A 162 -33.75 -41.61 -19.33
CA THR A 162 -33.17 -41.29 -18.03
C THR A 162 -33.67 -42.21 -16.93
N GLY A 163 -34.92 -42.63 -17.00
CA GLY A 163 -35.47 -43.55 -16.02
C GLY A 163 -35.47 -44.98 -16.52
N PRO A 164 -35.83 -45.18 -17.78
CA PRO A 164 -35.81 -46.55 -18.31
C PRO A 164 -34.47 -47.22 -18.12
N GLU A 165 -33.38 -46.45 -18.22
CA GLU A 165 -32.08 -47.04 -17.96
C GLU A 165 -31.98 -47.53 -16.54
N ILE A 166 -32.53 -46.77 -15.59
CA ILE A 166 -32.53 -47.20 -14.20
C ILE A 166 -33.31 -48.50 -14.04
N TRP A 167 -34.48 -48.58 -14.67
CA TRP A 167 -35.27 -49.80 -14.59
C TRP A 167 -34.51 -50.99 -15.18
N ALA A 168 -33.88 -50.79 -16.33
CA ALA A 168 -33.13 -51.88 -16.95
C ALA A 168 -32.00 -52.34 -16.06
N ASP A 169 -31.24 -51.40 -15.50
CA ASP A 169 -30.13 -51.79 -14.64
C ASP A 169 -30.62 -52.50 -13.39
N THR A 170 -31.68 -52.00 -12.78
CA THR A 170 -32.20 -52.60 -11.57
C THR A 170 -33.31 -53.62 -11.85
N GLU A 171 -33.72 -53.78 -13.10
CA GLU A 171 -34.77 -54.73 -13.46
C GLU A 171 -36.07 -54.41 -12.72
N GLY A 172 -36.38 -53.13 -12.59
CA GLY A 172 -37.59 -52.74 -11.90
C GLY A 172 -37.59 -53.00 -10.41
N LYS A 173 -36.46 -53.42 -9.84
CA LYS A 173 -36.38 -53.72 -8.42
C LYS A 173 -35.83 -52.51 -7.65
N VAL A 174 -36.57 -51.41 -7.71
CA VAL A 174 -36.20 -50.17 -7.04
C VAL A 174 -37.38 -49.72 -6.19
N THR A 175 -37.16 -49.63 -4.88
CA THR A 175 -38.25 -49.24 -4.00
C THR A 175 -38.56 -47.75 -4.13
N HIS A 176 -37.57 -46.91 -3.84
CA HIS A 176 -37.73 -45.47 -3.86
C HIS A 176 -36.61 -44.84 -4.69
N PHE A 177 -36.98 -43.88 -5.52
CA PHE A 177 -36.04 -43.11 -6.33
C PHE A 177 -36.06 -41.66 -5.86
N VAL A 178 -35.00 -41.24 -5.19
CA VAL A 178 -34.85 -39.85 -4.81
C VAL A 178 -34.06 -39.14 -5.90
N ALA A 179 -34.23 -37.82 -5.98
CA ALA A 179 -33.58 -37.06 -7.04
C ALA A 179 -33.37 -35.64 -6.56
N GLY A 180 -32.34 -35.01 -7.12
CA GLY A 180 -32.05 -33.63 -6.80
C GLY A 180 -32.95 -32.68 -7.56
N ILE A 181 -34.20 -32.54 -7.09
CA ILE A 181 -35.22 -31.71 -7.81
C ILE A 181 -34.65 -30.35 -8.21
N GLY A 182 -35.09 -29.82 -9.35
CA GLY A 182 -34.65 -28.50 -9.83
C GLY A 182 -35.67 -27.94 -10.79
N THR A 183 -35.26 -27.57 -12.00
CA THR A 183 -36.23 -27.09 -13.03
C THR A 183 -37.32 -28.17 -13.21
N GLY A 184 -36.96 -29.44 -12.99
CA GLY A 184 -37.93 -30.55 -13.16
C GLY A 184 -37.26 -31.76 -13.78
N GLY A 185 -37.25 -31.85 -15.11
CA GLY A 185 -36.61 -32.98 -15.83
C GLY A 185 -36.40 -34.18 -14.94
N THR A 186 -35.14 -34.49 -14.61
CA THR A 186 -34.81 -35.69 -13.78
C THR A 186 -36.04 -36.17 -13.00
N ILE A 187 -36.44 -35.45 -11.95
CA ILE A 187 -37.58 -35.92 -11.11
C ILE A 187 -38.81 -36.15 -11.99
N THR A 188 -39.34 -35.09 -12.59
CA THR A 188 -40.59 -35.22 -13.38
C THR A 188 -40.50 -36.42 -14.34
N GLY A 189 -39.46 -36.49 -15.17
CA GLY A 189 -39.39 -37.57 -16.15
C GLY A 189 -39.16 -38.92 -15.51
N ALA A 190 -38.21 -38.99 -14.57
CA ALA A 190 -37.89 -40.26 -13.98
C ALA A 190 -39.11 -40.86 -13.27
N GLY A 191 -39.81 -40.03 -12.49
CA GLY A 191 -40.99 -40.53 -11.82
C GLY A 191 -42.09 -40.92 -12.78
N ARG A 192 -42.35 -40.06 -13.78
CA ARG A 192 -43.42 -40.35 -14.70
C ARG A 192 -43.15 -41.63 -15.48
N TYR A 193 -41.89 -42.00 -15.66
CA TYR A 193 -41.63 -43.27 -16.31
C TYR A 193 -41.68 -44.43 -15.33
N LEU A 194 -40.94 -44.34 -14.22
CA LEU A 194 -40.86 -45.45 -13.29
C LEU A 194 -42.23 -45.81 -12.73
N LYS A 195 -43.13 -44.83 -12.61
CA LYS A 195 -44.43 -45.12 -12.03
C LYS A 195 -45.28 -45.97 -12.97
N GLU A 196 -45.25 -45.67 -14.27
CA GLU A 196 -46.11 -46.38 -15.21
C GLU A 196 -45.75 -47.85 -15.28
N VAL A 197 -44.44 -48.16 -15.32
CA VAL A 197 -44.01 -49.55 -15.45
C VAL A 197 -44.09 -50.32 -14.15
N SER A 198 -44.31 -49.65 -13.03
CA SER A 198 -44.43 -50.33 -11.75
C SER A 198 -45.69 -49.95 -11.00
N GLY A 199 -46.66 -49.33 -11.67
CA GLY A 199 -47.87 -48.89 -11.01
C GLY A 199 -47.59 -47.94 -9.87
N GLY A 200 -47.82 -48.39 -8.64
CA GLY A 200 -47.51 -47.58 -7.49
C GLY A 200 -46.46 -48.24 -6.61
N ARG A 201 -45.66 -49.12 -7.20
CA ARG A 201 -44.68 -49.86 -6.41
C ARG A 201 -43.47 -49.00 -6.03
N VAL A 202 -43.29 -47.84 -6.65
CA VAL A 202 -42.11 -47.02 -6.44
C VAL A 202 -42.54 -45.64 -5.96
N ARG A 203 -41.86 -45.15 -4.92
CA ARG A 203 -42.09 -43.81 -4.41
C ARG A 203 -41.05 -42.87 -5.00
N ILE A 204 -41.50 -41.74 -5.52
CA ILE A 204 -40.64 -40.76 -6.15
C ILE A 204 -40.36 -39.67 -5.12
N VAL A 205 -39.22 -39.77 -4.44
CA VAL A 205 -38.87 -38.77 -3.45
C VAL A 205 -38.24 -37.56 -4.13
N GLY A 206 -38.25 -36.44 -3.43
CA GLY A 206 -37.66 -35.22 -3.96
C GLY A 206 -36.85 -34.45 -2.93
N ALA A 207 -35.61 -34.12 -3.26
CA ALA A 207 -34.72 -33.43 -2.35
C ALA A 207 -34.61 -31.96 -2.77
N ASP A 208 -34.73 -31.06 -1.80
CA ASP A 208 -34.68 -29.65 -2.04
C ASP A 208 -34.21 -28.96 -0.77
N PRO A 209 -33.28 -28.00 -0.88
CA PRO A 209 -32.82 -27.29 0.31
C PRO A 209 -33.97 -26.61 1.03
N GLU A 210 -33.94 -26.70 2.35
CA GLU A 210 -35.01 -26.12 3.20
C GLU A 210 -35.27 -24.67 2.78
N GLY A 211 -36.41 -24.15 3.20
CA GLY A 211 -36.76 -22.78 2.86
C GLY A 211 -36.86 -22.55 1.36
N SER A 212 -37.50 -23.47 0.64
CA SER A 212 -37.65 -23.36 -0.79
C SER A 212 -39.11 -23.55 -1.18
N VAL A 213 -39.45 -23.04 -2.36
CA VAL A 213 -40.84 -23.09 -2.80
C VAL A 213 -41.29 -24.54 -2.96
N TYR A 214 -40.42 -25.39 -3.52
CA TYR A 214 -40.80 -26.79 -3.68
C TYR A 214 -41.13 -27.44 -2.35
N SER A 215 -40.60 -26.93 -1.25
CA SER A 215 -40.86 -27.47 0.07
C SER A 215 -41.93 -26.69 0.83
N GLY A 216 -42.68 -25.84 0.13
CA GLY A 216 -43.72 -25.05 0.78
C GLY A 216 -43.18 -24.07 1.79
N GLY A 217 -42.13 -23.34 1.42
CA GLY A 217 -41.56 -22.34 2.30
C GLY A 217 -41.47 -20.97 1.67
N ALA A 218 -40.52 -20.16 2.15
CA ALA A 218 -40.32 -18.80 1.67
C ALA A 218 -39.02 -18.70 0.89
N GLY A 219 -38.87 -17.59 0.18
CA GLY A 219 -37.68 -17.39 -0.63
C GLY A 219 -36.42 -17.32 0.22
N ARG A 220 -35.29 -17.48 -0.46
CA ARG A 220 -34.01 -17.51 0.23
C ARG A 220 -32.88 -17.52 -0.78
N PRO A 221 -31.69 -17.03 -0.43
CA PRO A 221 -30.54 -17.19 -1.32
C PRO A 221 -30.14 -18.65 -1.43
N TYR A 222 -29.34 -18.92 -2.45
CA TYR A 222 -28.93 -20.28 -2.78
C TYR A 222 -27.42 -20.43 -2.70
N LEU A 223 -26.99 -21.60 -2.25
CA LEU A 223 -25.58 -21.94 -2.23
C LEU A 223 -25.26 -23.23 -2.94
N VAL A 224 -26.26 -23.96 -3.43
CA VAL A 224 -26.04 -25.18 -4.20
C VAL A 224 -26.57 -24.89 -5.60
N GLU A 225 -25.67 -24.62 -6.54
CA GLU A 225 -26.09 -24.18 -7.85
C GLU A 225 -26.98 -25.22 -8.51
N GLY A 226 -28.05 -24.75 -9.14
CA GLY A 226 -28.94 -25.62 -9.88
C GLY A 226 -30.20 -26.00 -9.14
N VAL A 227 -30.09 -26.27 -7.86
CA VAL A 227 -31.23 -26.68 -7.08
C VAL A 227 -31.97 -25.44 -6.59
N GLY A 228 -33.21 -25.63 -6.17
CA GLY A 228 -34.00 -24.55 -5.62
C GLY A 228 -34.52 -23.61 -6.68
N GLU A 229 -35.56 -22.87 -6.31
CA GLU A 229 -36.19 -21.90 -7.19
C GLU A 229 -37.31 -21.22 -6.41
N ASP A 230 -37.74 -20.07 -6.91
CA ASP A 230 -38.81 -19.33 -6.28
C ASP A 230 -40.12 -19.36 -7.04
N PHE A 231 -40.09 -19.26 -8.36
CA PHE A 231 -41.30 -19.33 -9.17
C PHE A 231 -41.40 -20.73 -9.75
N TRP A 232 -42.58 -21.35 -9.59
CA TRP A 232 -42.79 -22.70 -10.09
C TRP A 232 -42.63 -22.74 -11.61
N PRO A 233 -41.58 -23.39 -12.11
CA PRO A 233 -41.43 -23.52 -13.57
C PRO A 233 -42.58 -24.28 -14.18
N ALA A 234 -42.97 -23.87 -15.38
CA ALA A 234 -44.09 -24.50 -16.06
C ALA A 234 -43.77 -25.93 -16.48
N ALA A 235 -42.51 -26.33 -16.47
CA ALA A 235 -42.12 -27.67 -16.87
C ALA A 235 -42.06 -28.64 -15.71
N TYR A 236 -42.76 -28.36 -14.63
CA TYR A 236 -42.78 -29.23 -13.46
C TYR A 236 -44.20 -29.49 -13.02
N ASP A 237 -44.43 -30.69 -12.51
CA ASP A 237 -45.75 -31.06 -12.02
C ASP A 237 -45.59 -31.85 -10.72
N PRO A 238 -45.96 -31.28 -9.58
CA PRO A 238 -45.81 -32.01 -8.32
C PRO A 238 -46.65 -33.27 -8.23
N SER A 239 -47.63 -33.43 -9.12
CA SER A 239 -48.46 -34.63 -9.07
C SER A 239 -47.64 -35.90 -9.27
N VAL A 240 -46.46 -35.79 -9.85
CA VAL A 240 -45.63 -36.95 -10.10
C VAL A 240 -44.99 -37.41 -8.80
N PRO A 241 -44.23 -36.55 -8.11
CA PRO A 241 -43.55 -36.98 -6.90
C PRO A 241 -44.52 -37.39 -5.82
N ASP A 242 -44.09 -38.35 -5.00
CA ASP A 242 -44.93 -38.83 -3.90
C ASP A 242 -44.91 -37.84 -2.75
N GLU A 243 -43.73 -37.44 -2.28
CA GLU A 243 -43.63 -36.49 -1.19
C GLU A 243 -42.23 -35.92 -1.19
N ILE A 244 -42.14 -34.60 -1.13
CA ILE A 244 -40.86 -33.90 -1.22
C ILE A 244 -40.26 -33.80 0.17
N ILE A 245 -38.98 -34.13 0.28
CA ILE A 245 -38.25 -34.07 1.54
C ILE A 245 -37.23 -32.95 1.45
N ALA A 246 -37.22 -32.08 2.45
CA ALA A 246 -36.30 -30.95 2.48
C ALA A 246 -35.00 -31.33 3.17
N VAL A 247 -33.98 -30.52 2.92
CA VAL A 247 -32.66 -30.76 3.49
C VAL A 247 -31.98 -29.42 3.75
N SER A 248 -31.25 -29.35 4.85
CA SER A 248 -30.55 -28.13 5.22
C SER A 248 -29.23 -28.03 4.48
N ASP A 249 -28.84 -26.79 4.16
CA ASP A 249 -27.57 -26.59 3.48
C ASP A 249 -26.40 -27.06 4.33
N SER A 250 -26.44 -26.76 5.62
CA SER A 250 -25.32 -27.12 6.49
C SER A 250 -25.07 -28.62 6.50
N ASP A 251 -26.12 -29.41 6.32
CA ASP A 251 -25.97 -30.86 6.27
C ASP A 251 -25.75 -31.37 4.85
N SER A 252 -25.65 -30.49 3.87
CA SER A 252 -25.44 -30.91 2.50
C SER A 252 -23.97 -30.90 2.13
N PHE A 253 -23.29 -29.77 2.32
CA PHE A 253 -21.88 -29.72 1.98
C PHE A 253 -21.09 -30.71 2.82
N ASP A 254 -21.40 -30.81 4.11
CA ASP A 254 -20.74 -31.80 4.94
C ASP A 254 -20.96 -33.20 4.41
N MET A 255 -22.19 -33.49 3.97
CA MET A 255 -22.47 -34.78 3.37
C MET A 255 -21.65 -35.00 2.11
N THR A 256 -21.49 -33.96 1.30
CA THR A 256 -20.69 -34.10 0.09
C THR A 256 -19.25 -34.44 0.43
N ARG A 257 -18.67 -33.72 1.39
CA ARG A 257 -17.29 -34.00 1.78
C ARG A 257 -17.16 -35.40 2.36
N ARG A 258 -18.11 -35.80 3.19
CA ARG A 258 -18.11 -37.15 3.74
C ARG A 258 -18.12 -38.17 2.62
N LEU A 259 -19.11 -38.09 1.73
CA LEU A 259 -19.21 -39.01 0.62
C LEU A 259 -17.92 -39.05 -0.17
N ALA A 260 -17.30 -37.89 -0.39
CA ALA A 260 -16.06 -37.88 -1.15
C ALA A 260 -14.97 -38.68 -0.44
N ARG A 261 -14.85 -38.48 0.88
CA ARG A 261 -13.77 -39.16 1.59
C ARG A 261 -14.05 -40.63 1.84
N GLU A 262 -15.32 -41.05 1.80
CA GLU A 262 -15.67 -42.40 2.25
C GLU A 262 -16.18 -43.29 1.13
N GLU A 263 -16.53 -42.74 -0.03
CA GLU A 263 -16.98 -43.53 -1.16
C GLU A 263 -16.35 -43.13 -2.48
N ALA A 264 -15.41 -42.18 -2.47
CA ALA A 264 -14.70 -41.77 -3.68
C ALA A 264 -15.67 -41.28 -4.76
N MET A 265 -16.46 -40.28 -4.41
CA MET A 265 -17.43 -39.66 -5.30
C MET A 265 -17.18 -38.15 -5.25
N LEU A 266 -16.24 -37.68 -6.05
CA LEU A 266 -15.94 -36.22 -6.11
C LEU A 266 -17.11 -35.50 -6.80
N VAL A 267 -18.32 -35.63 -6.24
CA VAL A 267 -19.50 -35.00 -6.81
C VAL A 267 -19.71 -33.63 -6.20
N GLY A 268 -20.59 -32.84 -6.81
CA GLY A 268 -20.87 -31.49 -6.34
C GLY A 268 -21.71 -31.45 -5.09
N GLY A 269 -22.46 -30.36 -4.94
CA GLY A 269 -23.27 -30.15 -3.77
C GLY A 269 -24.67 -30.71 -3.91
N SER A 270 -25.28 -30.50 -5.07
CA SER A 270 -26.60 -31.07 -5.29
C SER A 270 -26.57 -32.58 -5.08
N CYS A 271 -25.48 -33.22 -5.47
CA CYS A 271 -25.36 -34.65 -5.22
C CYS A 271 -25.39 -34.93 -3.73
N GLY A 272 -24.68 -34.13 -2.94
CA GLY A 272 -24.71 -34.33 -1.50
C GLY A 272 -26.10 -34.16 -0.93
N MET A 273 -26.82 -33.14 -1.40
CA MET A 273 -28.18 -32.92 -0.91
C MET A 273 -29.04 -34.13 -1.23
N ALA A 274 -28.97 -34.61 -2.47
CA ALA A 274 -29.76 -35.79 -2.82
C ALA A 274 -29.36 -36.97 -1.95
N VAL A 275 -28.06 -37.14 -1.70
CA VAL A 275 -27.62 -38.30 -0.93
C VAL A 275 -28.18 -38.25 0.48
N VAL A 276 -28.06 -37.08 1.12
CA VAL A 276 -28.55 -36.96 2.49
C VAL A 276 -30.07 -37.16 2.54
N ALA A 277 -30.78 -36.55 1.59
CA ALA A 277 -32.21 -36.77 1.52
C ALA A 277 -32.52 -38.25 1.44
N ALA A 278 -31.99 -38.92 0.43
CA ALA A 278 -32.20 -40.34 0.25
C ALA A 278 -31.93 -41.10 1.54
N LEU A 279 -30.72 -40.88 2.09
CA LEU A 279 -30.36 -41.52 3.38
C LEU A 279 -31.53 -41.40 4.34
N LYS A 280 -32.00 -40.17 4.58
CA LYS A 280 -33.09 -39.98 5.53
C LYS A 280 -34.30 -40.81 5.13
N VAL A 281 -34.60 -40.86 3.83
CA VAL A 281 -35.76 -41.62 3.37
C VAL A 281 -35.58 -43.10 3.67
N ALA A 282 -34.33 -43.55 3.72
CA ALA A 282 -34.03 -44.96 3.86
C ALA A 282 -34.44 -45.52 5.20
N GLU A 283 -35.01 -44.71 6.08
CA GLU A 283 -35.42 -45.19 7.39
C GLU A 283 -36.86 -45.66 7.41
N GLU A 284 -37.77 -44.84 6.89
CA GLU A 284 -39.19 -45.24 6.88
C GLU A 284 -39.39 -46.53 6.11
N ALA A 285 -38.55 -46.79 5.10
CA ALA A 285 -38.58 -48.04 4.38
C ALA A 285 -37.59 -48.99 5.01
N GLY A 286 -38.06 -50.17 5.40
CA GLY A 286 -37.23 -51.12 6.09
C GLY A 286 -36.22 -51.76 5.17
N PRO A 287 -35.45 -52.69 5.72
CA PRO A 287 -34.45 -53.40 4.91
C PRO A 287 -35.11 -54.12 3.75
N ASP A 288 -34.26 -54.65 2.88
CA ASP A 288 -34.63 -55.35 1.66
C ASP A 288 -35.02 -54.36 0.56
N ALA A 289 -35.09 -53.07 0.86
CA ALA A 289 -35.45 -52.08 -0.15
C ALA A 289 -34.21 -51.58 -0.89
N LEU A 290 -34.43 -51.18 -2.14
CA LEU A 290 -33.37 -50.66 -3.00
C LEU A 290 -33.69 -49.22 -3.33
N ILE A 291 -32.81 -48.32 -2.87
CA ILE A 291 -32.96 -46.89 -3.07
C ILE A 291 -32.02 -46.47 -4.18
N VAL A 292 -32.54 -45.77 -5.18
CA VAL A 292 -31.74 -45.32 -6.30
C VAL A 292 -31.66 -43.80 -6.23
N VAL A 293 -30.49 -43.30 -5.85
CA VAL A 293 -30.24 -41.87 -5.79
C VAL A 293 -29.57 -41.43 -7.09
N LEU A 294 -29.60 -40.11 -7.32
CA LEU A 294 -28.98 -39.54 -8.55
C LEU A 294 -27.99 -38.44 -8.16
N LEU A 295 -26.81 -38.42 -8.78
CA LEU A 295 -25.78 -37.42 -8.49
C LEU A 295 -25.41 -36.72 -9.79
N PRO A 296 -26.30 -35.90 -10.29
CA PRO A 296 -26.07 -35.32 -11.62
C PRO A 296 -25.13 -34.13 -11.58
N ASP A 297 -24.01 -34.25 -10.87
CA ASP A 297 -23.03 -33.16 -10.87
C ASP A 297 -21.69 -33.73 -10.42
N GLY A 298 -20.74 -33.82 -11.34
CA GLY A 298 -19.42 -34.23 -10.97
C GLY A 298 -18.63 -33.03 -10.46
N GLY A 299 -18.31 -33.02 -9.18
CA GLY A 299 -17.70 -31.84 -8.62
C GLY A 299 -16.20 -31.82 -8.77
N ARG A 300 -15.70 -31.14 -9.78
CA ARG A 300 -14.29 -30.84 -9.91
C ARG A 300 -14.03 -29.35 -10.02
N GLY A 301 -14.91 -28.62 -10.72
CA GLY A 301 -14.87 -27.17 -10.66
C GLY A 301 -15.37 -26.62 -9.33
N TYR A 302 -16.15 -27.42 -8.60
CA TYR A 302 -16.57 -27.04 -7.25
C TYR A 302 -15.42 -27.13 -6.25
N MET A 303 -14.28 -27.70 -6.63
CA MET A 303 -13.19 -27.85 -5.69
C MET A 303 -12.64 -26.52 -5.22
N SER A 304 -13.01 -25.42 -5.89
CA SER A 304 -12.53 -24.11 -5.46
C SER A 304 -13.11 -23.72 -4.12
N LYS A 305 -14.39 -24.01 -3.88
CA LYS A 305 -15.05 -23.56 -2.66
C LYS A 305 -15.53 -24.71 -1.79
N ILE A 306 -16.28 -25.66 -2.35
CA ILE A 306 -16.92 -26.68 -1.54
C ILE A 306 -15.88 -27.48 -0.75
N PHE A 307 -14.83 -27.90 -1.43
CA PHE A 307 -13.75 -28.62 -0.77
C PHE A 307 -12.69 -27.68 -0.21
N ASN A 308 -12.85 -26.38 -0.46
CA ASN A 308 -11.90 -25.38 0.10
C ASN A 308 -12.21 -25.21 1.59
N ASP A 309 -11.18 -25.03 2.41
CA ASP A 309 -11.37 -24.91 3.84
C ASP A 309 -11.82 -23.52 4.27
N ALA A 310 -11.72 -22.53 3.39
CA ALA A 310 -12.06 -21.17 3.74
C ALA A 310 -13.49 -20.82 3.35
N TRP A 311 -13.83 -20.99 2.07
CA TRP A 311 -15.16 -20.63 1.62
C TRP A 311 -16.23 -21.33 2.44
N MET A 312 -16.01 -22.59 2.77
CA MET A 312 -16.96 -23.30 3.63
C MET A 312 -16.88 -22.83 5.07
N SER A 313 -15.88 -22.05 5.43
CA SER A 313 -15.79 -21.51 6.78
C SER A 313 -16.44 -20.14 6.89
N SER A 314 -16.46 -19.38 5.80
CA SER A 314 -17.07 -18.05 5.85
C SER A 314 -18.55 -18.15 6.16
N TYR A 315 -19.22 -19.18 5.65
CA TYR A 315 -20.64 -19.34 5.90
C TYR A 315 -20.94 -19.99 7.22
N GLY A 316 -19.94 -20.17 8.08
CA GLY A 316 -20.20 -20.58 9.44
C GLY A 316 -20.60 -22.03 9.64
N PHE A 317 -20.21 -22.92 8.73
CA PHE A 317 -20.44 -24.35 8.97
C PHE A 317 -19.28 -25.13 8.38
N LEU A 318 -18.44 -25.68 9.25
CA LEU A 318 -17.40 -26.61 8.84
C LEU A 318 -17.14 -27.53 10.02
N ARG A 319 -17.76 -28.71 9.99
CA ARG A 319 -17.74 -29.61 11.13
C ARG A 319 -16.48 -30.46 11.21
N SER A 320 -15.58 -30.34 10.25
CA SER A 320 -14.31 -31.06 10.29
C SER A 320 -13.43 -30.53 9.17
N ARG A 321 -12.16 -30.30 9.49
CA ARG A 321 -11.24 -29.82 8.48
C ARG A 321 -10.93 -30.92 7.48
N LEU A 322 -10.54 -30.52 6.27
CA LEU A 322 -10.36 -31.49 5.19
C LEU A 322 -9.40 -32.60 5.59
N ASP A 323 -8.28 -32.24 6.20
CA ASP A 323 -7.32 -33.27 6.60
C ASP A 323 -7.84 -34.14 7.73
N GLY A 324 -9.04 -33.89 8.23
CA GLY A 324 -9.59 -34.71 9.29
C GLY A 324 -9.20 -34.24 10.67
N SER A 325 -7.93 -34.39 11.02
CA SER A 325 -7.49 -34.04 12.36
C SER A 325 -7.69 -32.56 12.62
N THR A 326 -8.37 -32.25 13.73
CA THR A 326 -8.51 -30.85 14.14
C THR A 326 -7.15 -30.31 14.59
N GLU A 327 -6.88 -29.07 14.24
CA GLU A 327 -5.60 -28.45 14.50
C GLU A 327 -5.77 -27.22 15.38
N GLN A 328 -4.71 -26.91 16.10
CA GLN A 328 -4.68 -25.69 16.90
C GLN A 328 -4.64 -24.48 15.99
N SER A 329 -5.44 -23.46 16.33
CA SER A 329 -5.40 -22.17 15.58
C SER A 329 -5.32 -21.06 16.64
N THR A 330 -4.22 -21.04 17.41
CA THR A 330 -4.09 -20.07 18.54
C THR A 330 -4.33 -18.64 18.06
N VAL A 331 -4.85 -17.77 18.96
CA VAL A 331 -5.08 -16.35 18.61
C VAL A 331 -3.74 -15.71 18.22
N GLY A 332 -2.63 -16.28 18.68
CA GLY A 332 -1.31 -15.76 18.37
C GLY A 332 -1.16 -15.40 16.91
N ASP A 333 -1.17 -16.39 16.03
CA ASP A 333 -1.10 -16.09 14.61
C ASP A 333 -2.30 -15.26 14.18
N VAL A 334 -3.47 -15.54 14.76
CA VAL A 334 -4.66 -14.75 14.46
C VAL A 334 -4.42 -13.30 14.81
N LEU A 335 -3.59 -13.04 15.82
CA LEU A 335 -3.31 -11.69 16.24
C LEU A 335 -2.31 -10.98 15.34
N ARG A 336 -1.61 -11.71 14.46
CA ARG A 336 -0.65 -11.11 13.56
C ARG A 336 -1.11 -11.16 12.10
N ARG A 337 -1.32 -12.39 11.59
CA ARG A 337 -1.78 -12.55 10.20
C ARG A 337 -0.79 -11.88 9.24
N LYS A 338 0.38 -11.49 9.74
CA LYS A 338 1.43 -10.87 8.89
C LYS A 338 2.73 -10.75 9.69
N SER A 339 2.66 -10.20 10.91
CA SER A 339 3.85 -10.05 11.78
C SER A 339 4.37 -11.44 12.17
N GLY A 340 5.68 -11.56 12.40
CA GLY A 340 6.24 -12.85 12.87
C GLY A 340 6.00 -13.03 14.36
N ALA A 341 6.56 -12.14 15.18
CA ALA A 341 6.38 -12.21 16.65
C ALA A 341 5.02 -11.63 17.03
N LEU A 342 4.84 -10.32 16.82
CA LEU A 342 3.53 -9.66 17.11
C LEU A 342 3.55 -8.26 16.49
N PRO A 343 2.38 -7.68 16.11
CA PRO A 343 2.35 -6.37 15.45
C PRO A 343 2.84 -5.24 16.37
N ALA A 344 2.19 -5.06 17.52
CA ALA A 344 2.55 -4.00 18.50
C ALA A 344 1.36 -3.73 19.42
N LEU A 345 1.58 -3.69 20.74
CA LEU A 345 0.47 -3.35 21.67
C LEU A 345 0.26 -1.83 21.65
N VAL A 346 -0.43 -1.34 20.61
CA VAL A 346 -0.67 0.14 20.48
C VAL A 346 -1.32 0.63 21.78
N HIS A 347 -0.73 1.66 22.41
CA HIS A 347 -1.26 2.16 23.70
C HIS A 347 -1.29 3.70 23.68
N THR A 348 -2.20 4.30 24.47
CA THR A 348 -2.29 5.78 24.53
C THR A 348 -2.23 6.22 26.00
N HIS A 349 -1.04 6.62 26.47
CA HIS A 349 -0.89 6.99 27.86
C HIS A 349 -2.04 7.91 28.28
N PRO A 350 -2.58 7.75 29.49
CA PRO A 350 -3.80 8.47 29.86
C PRO A 350 -3.60 9.96 30.07
N SER A 351 -2.40 10.47 29.80
CA SER A 351 -2.17 11.90 29.86
C SER A 351 -2.20 12.58 28.50
N GLU A 352 -2.10 11.82 27.43
CA GLU A 352 -2.12 12.41 26.10
C GLU A 352 -3.51 12.94 25.77
N THR A 353 -3.55 13.91 24.86
CA THR A 353 -4.81 14.56 24.53
C THR A 353 -5.71 13.62 23.74
N VAL A 354 -7.02 13.89 23.82
CA VAL A 354 -7.99 13.03 23.14
C VAL A 354 -7.76 13.07 21.64
N ARG A 355 -7.47 14.24 21.09
CA ARG A 355 -7.18 14.33 19.67
C ARG A 355 -6.01 13.43 19.31
N ASP A 356 -4.98 13.40 20.15
CA ASP A 356 -3.84 12.54 19.87
C ASP A 356 -4.25 11.08 19.83
N ALA A 357 -5.09 10.65 20.78
CA ALA A 357 -5.52 9.27 20.78
C ALA A 357 -6.34 8.94 19.55
N ILE A 358 -7.26 9.82 19.18
CA ILE A 358 -8.08 9.54 18.01
C ILE A 358 -7.21 9.47 16.77
N GLY A 359 -6.22 10.36 16.67
CA GLY A 359 -5.33 10.31 15.53
C GLY A 359 -4.49 9.05 15.49
N ILE A 360 -4.00 8.61 16.64
CA ILE A 360 -3.18 7.41 16.67
C ILE A 360 -4.02 6.19 16.30
N LEU A 361 -5.27 6.15 16.77
CA LEU A 361 -6.15 5.07 16.34
C LEU A 361 -6.42 5.12 14.84
N ARG A 362 -6.63 6.32 14.30
CA ARG A 362 -6.87 6.44 12.88
C ARG A 362 -5.65 6.08 12.05
N GLU A 363 -4.45 6.18 12.62
CA GLU A 363 -3.24 5.88 11.86
C GLU A 363 -2.87 4.41 11.90
N TYR A 364 -3.11 3.73 13.02
CA TYR A 364 -2.79 2.31 13.15
C TYR A 364 -3.95 1.41 12.78
N GLY A 365 -5.08 1.97 12.37
CA GLY A 365 -6.20 1.16 11.93
C GLY A 365 -6.74 0.20 12.97
N VAL A 366 -7.15 0.74 14.11
CA VAL A 366 -7.75 -0.06 15.17
C VAL A 366 -8.98 0.65 15.70
N SER A 367 -9.86 -0.13 16.34
CA SER A 367 -11.08 0.42 16.93
C SER A 367 -11.17 0.10 18.42
N GLN A 368 -10.05 -0.20 19.06
CA GLN A 368 -10.07 -0.52 20.48
C GLN A 368 -8.64 -0.54 20.99
N MET A 369 -8.35 0.12 22.11
CA MET A 369 -6.98 0.13 22.58
C MET A 369 -6.93 0.38 24.07
N PRO A 370 -6.09 -0.35 24.80
CA PRO A 370 -5.91 -0.07 26.23
C PRO A 370 -4.96 1.09 26.44
N VAL A 371 -5.11 1.74 27.58
CA VAL A 371 -4.28 2.86 27.96
C VAL A 371 -3.66 2.54 29.32
N VAL A 372 -2.33 2.66 29.40
CA VAL A 372 -1.57 2.30 30.57
C VAL A 372 -0.63 3.45 30.93
N GLY A 373 -0.02 3.33 32.10
CA GLY A 373 0.89 4.35 32.57
C GLY A 373 2.31 4.17 32.12
N ALA A 374 2.89 2.99 32.37
CA ALA A 374 4.28 2.74 32.04
C ALA A 374 4.41 2.35 30.56
N GLU A 375 5.58 1.85 30.18
CA GLU A 375 5.81 1.44 28.82
C GLU A 375 5.05 0.15 28.49
N PRO A 376 4.80 -0.11 27.23
CA PRO A 376 4.00 -1.26 26.84
C PRO A 376 4.61 -2.56 27.37
N PRO A 377 5.87 -2.85 27.03
CA PRO A 377 6.42 -4.17 27.37
C PRO A 377 6.38 -4.46 28.86
N VAL A 378 6.89 -3.56 29.70
CA VAL A 378 7.01 -3.83 31.12
C VAL A 378 5.66 -3.98 31.80
N MET A 379 4.56 -3.64 31.12
CA MET A 379 3.26 -3.69 31.74
C MET A 379 2.93 -5.11 32.20
N ALA A 380 2.27 -5.20 33.35
CA ALA A 380 1.96 -6.49 33.96
C ALA A 380 0.45 -6.70 34.12
N GLY A 381 -0.33 -6.08 33.24
CA GLY A 381 -1.77 -6.26 33.27
C GLY A 381 -2.51 -5.33 34.20
N GLU A 382 -1.89 -4.23 34.62
CA GLU A 382 -2.56 -3.24 35.46
C GLU A 382 -3.14 -2.09 34.64
N VAL A 383 -3.38 -2.31 33.35
CA VAL A 383 -3.89 -1.25 32.50
C VAL A 383 -5.19 -0.71 33.06
N ALA A 384 -5.33 0.61 33.05
CA ALA A 384 -6.51 1.28 33.59
C ALA A 384 -7.50 1.70 32.52
N GLY A 385 -7.04 2.42 31.50
CA GLY A 385 -7.95 2.92 30.49
C GLY A 385 -8.21 1.91 29.40
N SER A 386 -9.36 2.06 28.74
CA SER A 386 -9.72 1.21 27.61
C SER A 386 -10.60 2.05 26.69
N VAL A 387 -10.00 2.64 25.66
CA VAL A 387 -10.69 3.59 24.79
C VAL A 387 -10.95 2.92 23.47
N SER A 388 -12.20 2.96 23.03
CA SER A 388 -12.55 2.48 21.71
C SER A 388 -12.43 3.64 20.72
N GLU A 389 -12.93 3.45 19.51
CA GLU A 389 -12.93 4.51 18.52
C GLU A 389 -14.30 5.10 18.29
N ARG A 390 -15.35 4.32 18.51
CA ARG A 390 -16.70 4.84 18.33
C ARG A 390 -17.12 5.73 19.49
N GLU A 391 -16.68 5.42 20.70
CA GLU A 391 -17.08 6.22 21.85
C GLU A 391 -16.60 7.66 21.72
N LEU A 392 -15.31 7.84 21.44
CA LEU A 392 -14.78 9.20 21.32
C LEU A 392 -15.46 9.94 20.18
N LEU A 393 -15.67 9.28 19.05
CA LEU A 393 -16.36 9.94 17.95
C LEU A 393 -17.77 10.33 18.33
N SER A 394 -18.42 9.54 19.17
CA SER A 394 -19.74 9.89 19.65
C SER A 394 -19.71 10.91 20.77
N ALA A 395 -18.55 11.14 21.37
CA ALA A 395 -18.41 12.11 22.44
C ALA A 395 -17.84 13.44 21.97
N VAL A 396 -17.09 13.43 20.87
CA VAL A 396 -16.54 14.67 20.35
C VAL A 396 -17.64 15.58 19.86
N PHE A 397 -18.69 15.00 19.27
CA PHE A 397 -19.77 15.81 18.73
C PHE A 397 -20.93 15.99 19.70
N GLU A 398 -21.09 15.10 20.67
CA GLU A 398 -22.20 15.18 21.61
C GLU A 398 -22.00 16.27 22.66
N GLY A 399 -21.00 17.13 22.51
CA GLY A 399 -20.72 18.16 23.48
C GLY A 399 -20.21 17.67 24.81
N ARG A 400 -20.19 16.37 25.05
CA ARG A 400 -19.72 15.82 26.32
C ARG A 400 -18.21 15.70 26.38
N ALA A 401 -17.51 16.21 25.38
CA ALA A 401 -16.04 16.21 25.41
C ALA A 401 -15.53 17.25 24.44
N LYS A 402 -14.26 17.58 24.58
CA LYS A 402 -13.60 18.52 23.69
C LYS A 402 -12.18 18.06 23.43
N LEU A 403 -11.70 18.34 22.22
CA LEU A 403 -10.39 17.84 21.81
C LEU A 403 -9.32 18.19 22.82
N ALA A 404 -9.37 19.40 23.39
CA ALA A 404 -8.37 19.77 24.37
C ALA A 404 -8.45 18.93 25.62
N ASP A 405 -9.57 18.24 25.85
CA ASP A 405 -9.76 17.48 27.08
C ASP A 405 -8.81 16.29 27.12
N ALA A 406 -8.48 15.86 28.34
CA ALA A 406 -7.60 14.72 28.52
C ALA A 406 -8.40 13.42 28.45
N VAL A 407 -7.82 12.40 27.80
CA VAL A 407 -8.52 11.15 27.63
C VAL A 407 -8.77 10.46 28.95
N SER A 408 -8.03 10.82 30.00
CA SER A 408 -8.16 10.12 31.26
C SER A 408 -9.52 10.31 31.91
N ALA A 409 -10.33 11.25 31.43
CA ALA A 409 -11.66 11.49 31.98
C ALA A 409 -12.76 10.93 31.10
N HIS A 410 -12.42 10.19 30.06
CA HIS A 410 -13.44 9.60 29.20
C HIS A 410 -13.18 8.13 28.88
N MET A 411 -12.15 7.51 29.43
CA MET A 411 -11.85 6.13 29.11
C MET A 411 -12.96 5.21 29.59
N SER A 412 -13.30 4.24 28.75
CA SER A 412 -14.29 3.23 29.11
C SER A 412 -13.68 2.22 30.07
N PRO A 413 -14.52 1.48 30.80
CA PRO A 413 -14.01 0.48 31.73
C PRO A 413 -13.08 -0.48 31.02
N PRO A 414 -11.98 -0.86 31.65
CA PRO A 414 -10.97 -1.66 30.96
C PRO A 414 -11.54 -2.97 30.45
N LEU A 415 -11.39 -3.19 29.14
CA LEU A 415 -11.95 -4.39 28.52
C LEU A 415 -11.24 -5.63 29.06
N ARG A 416 -12.02 -6.68 29.29
CA ARG A 416 -11.48 -7.88 29.89
C ARG A 416 -10.50 -8.58 28.97
N MET A 417 -9.57 -9.31 29.58
CA MET A 417 -8.55 -10.05 28.85
C MET A 417 -8.89 -11.52 28.78
N ILE A 418 -8.29 -12.19 27.79
CA ILE A 418 -8.52 -13.64 27.62
C ILE A 418 -7.15 -14.31 27.44
N GLY A 419 -7.14 -15.59 27.13
CA GLY A 419 -5.92 -16.33 26.93
C GLY A 419 -5.24 -16.00 25.62
N ALA A 420 -4.00 -16.47 25.48
CA ALA A 420 -3.18 -16.21 24.30
C ALA A 420 -3.02 -17.45 23.42
N GLY A 421 -2.73 -18.59 24.02
CA GLY A 421 -2.60 -19.83 23.29
C GLY A 421 -3.89 -20.60 23.11
N GLU A 422 -5.02 -20.03 23.52
CA GLU A 422 -6.28 -20.75 23.44
C GLU A 422 -6.74 -20.87 21.99
N LEU A 423 -7.58 -21.86 21.74
CA LEU A 423 -8.09 -22.10 20.40
C LEU A 423 -9.06 -20.99 19.98
N VAL A 424 -9.15 -20.79 18.68
CA VAL A 424 -10.03 -19.75 18.17
C VAL A 424 -11.48 -20.02 18.56
N SER A 425 -11.87 -21.30 18.59
CA SER A 425 -13.25 -21.64 18.91
C SER A 425 -13.68 -20.99 20.22
N ALA A 426 -12.90 -21.19 21.28
CA ALA A 426 -13.21 -20.57 22.56
C ALA A 426 -13.18 -19.06 22.44
N ALA A 427 -12.25 -18.53 21.63
CA ALA A 427 -12.17 -17.09 21.47
C ALA A 427 -13.49 -16.52 20.98
N GLY A 428 -14.05 -17.09 19.92
CA GLY A 428 -15.32 -16.61 19.41
C GLY A 428 -16.45 -16.86 20.40
N LYS A 429 -16.46 -18.04 21.01
CA LYS A 429 -17.50 -18.33 21.99
C LYS A 429 -17.54 -17.25 23.07
N ALA A 430 -16.36 -16.84 23.55
CA ALA A 430 -16.31 -15.77 24.54
C ALA A 430 -16.65 -14.43 23.91
N LEU A 431 -16.24 -14.21 22.66
CA LEU A 431 -16.54 -12.95 21.99
C LEU A 431 -18.04 -12.73 21.84
N ARG A 432 -18.82 -13.79 21.95
CA ARG A 432 -20.27 -13.62 21.83
C ARG A 432 -20.82 -12.62 22.85
N ASP A 433 -20.14 -12.43 23.97
CA ASP A 433 -20.63 -11.55 25.03
C ASP A 433 -19.92 -10.22 25.12
N TRP A 434 -18.92 -9.97 24.27
CA TRP A 434 -18.21 -8.70 24.29
C TRP A 434 -17.76 -8.37 22.89
N ASP A 435 -17.52 -7.09 22.64
CA ASP A 435 -17.16 -6.63 21.31
C ASP A 435 -15.65 -6.57 21.11
N ALA A 436 -14.86 -6.98 22.09
CA ALA A 436 -13.41 -6.99 21.95
C ALA A 436 -12.83 -7.60 23.22
N LEU A 437 -11.54 -7.87 23.19
CA LEU A 437 -10.84 -8.38 24.36
C LEU A 437 -9.37 -8.10 24.22
N MET A 438 -8.65 -8.17 25.33
CA MET A 438 -7.22 -7.91 25.37
C MET A 438 -6.50 -9.23 25.53
N VAL A 439 -5.78 -9.64 24.48
CA VAL A 439 -5.02 -10.88 24.52
C VAL A 439 -3.67 -10.60 25.19
N VAL A 440 -3.41 -11.30 26.28
CA VAL A 440 -2.18 -11.16 27.05
C VAL A 440 -1.26 -12.32 26.72
N GLU A 441 -0.01 -12.01 26.40
CA GLU A 441 0.96 -13.01 25.92
C GLU A 441 1.76 -13.50 27.12
N GLU A 442 1.32 -14.62 27.70
CA GLU A 442 1.97 -15.29 28.82
C GLU A 442 1.82 -14.53 30.13
N GLY A 443 1.15 -13.38 30.14
CA GLY A 443 1.01 -12.61 31.36
C GLY A 443 1.19 -11.12 31.13
N LYS A 444 1.40 -10.73 29.88
CA LYS A 444 1.52 -9.33 29.51
C LYS A 444 0.52 -8.98 28.41
N PRO A 445 -0.15 -7.84 28.51
CA PRO A 445 -1.05 -7.43 27.43
C PRO A 445 -0.29 -7.27 26.12
N VAL A 446 -0.58 -8.12 25.15
CA VAL A 446 0.16 -8.18 23.90
C VAL A 446 -0.64 -7.60 22.74
N GLY A 447 -1.95 -7.82 22.71
CA GLY A 447 -2.72 -7.30 21.60
C GLY A 447 -4.18 -7.17 21.96
N VAL A 448 -4.97 -6.74 20.98
CA VAL A 448 -6.41 -6.60 21.13
C VAL A 448 -7.08 -7.35 20.01
N ILE A 449 -8.14 -8.10 20.35
CA ILE A 449 -8.88 -8.92 19.39
C ILE A 449 -10.32 -8.44 19.32
N THR A 450 -10.81 -8.23 18.10
CA THR A 450 -12.17 -7.79 17.87
C THR A 450 -12.86 -8.75 16.91
N ARG A 451 -14.19 -8.81 17.00
CA ARG A 451 -14.93 -9.74 16.16
C ARG A 451 -14.58 -9.57 14.70
N TYR A 452 -14.42 -8.32 14.25
CA TYR A 452 -14.11 -8.08 12.85
C TYR A 452 -12.83 -8.78 12.44
N ASP A 453 -11.79 -8.66 13.25
CA ASP A 453 -10.52 -9.30 12.90
C ASP A 453 -10.65 -10.82 12.89
N LEU A 454 -11.36 -11.38 13.86
CA LEU A 454 -11.53 -12.84 13.89
C LEU A 454 -12.24 -13.32 12.64
N LEU A 455 -13.32 -12.64 12.26
CA LEU A 455 -14.03 -13.04 11.06
C LEU A 455 -13.15 -12.90 9.83
N GLY A 456 -12.39 -11.81 9.74
CA GLY A 456 -11.51 -11.63 8.60
C GLY A 456 -10.47 -12.73 8.50
N PHE A 457 -9.90 -13.11 9.64
CA PHE A 457 -8.89 -14.20 9.67
C PHE A 457 -9.55 -15.50 9.23
N LEU A 458 -10.73 -15.82 9.78
CA LEU A 458 -11.35 -17.09 9.45
C LEU A 458 -11.78 -17.15 7.99
N SER A 459 -12.15 -16.01 7.40
CA SER A 459 -12.55 -16.02 6.00
C SER A 459 -11.40 -15.91 5.03
N GLU A 460 -10.25 -15.38 5.48
CA GLU A 460 -9.13 -15.23 4.57
C GLU A 460 -8.54 -16.58 4.19
N GLY A 461 -8.42 -17.49 5.16
CA GLY A 461 -7.84 -18.79 4.91
C GLY A 461 -6.50 -19.00 5.59
N ILE B 4 32.55 45.12 18.61
CA ILE B 4 32.90 45.56 19.96
C ILE B 4 32.64 44.46 20.97
N ALA B 5 31.48 43.82 20.86
CA ALA B 5 31.08 42.82 21.84
C ALA B 5 32.09 41.68 21.89
N GLN B 6 32.45 41.29 23.11
CA GLN B 6 33.41 40.19 23.27
C GLN B 6 32.83 38.88 22.75
N HIS B 7 31.54 38.65 22.99
CA HIS B 7 30.90 37.42 22.56
C HIS B 7 29.42 37.68 22.33
N ILE B 8 28.79 36.79 21.58
CA ILE B 8 27.38 36.97 21.27
C ILE B 8 26.53 37.01 22.53
N SER B 9 26.92 36.26 23.55
CA SER B 9 26.13 36.21 24.78
C SER B 9 25.99 37.56 25.44
N GLU B 10 26.91 38.48 25.20
CA GLU B 10 26.85 39.79 25.84
C GLU B 10 25.90 40.75 25.15
N LEU B 11 25.06 40.26 24.24
CA LEU B 11 24.00 41.07 23.68
C LEU B 11 22.63 40.76 24.26
N ILE B 12 22.56 39.85 25.23
CA ILE B 12 21.28 39.53 25.84
C ILE B 12 20.87 40.65 26.78
N GLY B 13 19.63 41.10 26.64
CA GLY B 13 19.12 42.21 27.41
C GLY B 13 18.85 43.42 26.53
N GLY B 14 18.37 44.48 27.18
CA GLY B 14 18.04 45.68 26.45
C GLY B 14 16.97 45.48 25.41
N THR B 15 16.02 44.60 25.67
CA THR B 15 14.97 44.37 24.70
C THR B 15 14.12 45.63 24.54
N PRO B 16 13.73 45.97 23.32
CA PRO B 16 12.95 47.19 23.09
C PRO B 16 11.50 47.01 23.51
N LEU B 17 10.77 48.11 23.45
CA LEU B 17 9.35 48.15 23.76
C LEU B 17 8.57 48.66 22.55
N VAL B 18 7.39 48.08 22.33
CA VAL B 18 6.55 48.46 21.20
C VAL B 18 5.17 48.81 21.74
N ARG B 19 4.42 49.56 20.93
CA ARG B 19 3.07 49.98 21.31
C ARG B 19 2.07 49.28 20.41
N LEU B 20 1.27 48.39 20.98
CA LEU B 20 0.21 47.76 20.22
C LEU B 20 -0.87 48.78 19.88
N ASN B 21 -1.35 48.74 18.63
CA ASN B 21 -2.36 49.68 18.18
C ASN B 21 -3.63 49.03 17.69
N SER B 22 -3.63 47.73 17.41
CA SER B 22 -4.82 47.04 16.93
C SER B 22 -5.38 46.03 17.91
N VAL B 23 -4.61 45.62 18.93
CA VAL B 23 -5.08 44.67 19.91
C VAL B 23 -5.61 45.35 21.17
N VAL B 24 -5.67 46.67 21.18
CA VAL B 24 -6.15 47.40 22.35
C VAL B 24 -7.50 48.03 22.01
N PRO B 25 -8.47 48.01 22.92
CA PRO B 25 -9.79 48.58 22.63
C PRO B 25 -9.71 50.09 22.75
N ASP B 26 -10.23 50.78 21.75
CA ASP B 26 -10.25 52.23 21.78
C ASP B 26 -10.87 52.70 23.08
N GLY B 27 -10.27 53.76 23.64
CA GLY B 27 -10.69 54.28 24.92
C GLY B 27 -9.88 53.77 26.09
N ALA B 28 -9.03 52.77 25.89
CA ALA B 28 -8.18 52.26 26.95
C ALA B 28 -6.80 52.89 26.89
N GLY B 29 -6.09 52.81 28.01
CA GLY B 29 -4.75 53.37 28.09
C GLY B 29 -3.75 52.59 27.26
N THR B 30 -2.58 53.22 27.07
CA THR B 30 -1.54 52.59 26.28
C THR B 30 -1.11 51.27 26.89
N VAL B 31 -1.02 50.25 26.05
CA VAL B 31 -0.61 48.92 26.47
C VAL B 31 0.58 48.53 25.61
N ALA B 32 1.77 48.81 26.11
CA ALA B 32 2.99 48.47 25.39
C ALA B 32 3.44 47.05 25.75
N ALA B 33 4.22 46.47 24.84
CA ALA B 33 4.70 45.12 24.97
C ALA B 33 6.22 45.10 24.89
N LYS B 34 6.83 44.21 25.66
CA LYS B 34 8.27 43.99 25.65
C LYS B 34 8.53 42.68 24.92
N VAL B 35 9.11 42.78 23.74
CA VAL B 35 9.41 41.60 22.94
C VAL B 35 10.74 41.01 23.38
N GLU B 36 10.82 39.69 23.40
CA GLU B 36 12.01 39.01 23.87
C GLU B 36 12.69 38.18 22.80
N TYR B 37 12.17 38.14 21.58
CA TYR B 37 12.79 37.32 20.56
C TYR B 37 13.90 38.05 19.81
N LEU B 38 14.19 39.28 20.19
CA LEU B 38 15.30 40.01 19.60
C LEU B 38 16.64 39.69 20.27
N ASN B 39 16.64 38.87 21.31
CA ASN B 39 17.88 38.48 21.93
C ASN B 39 18.60 37.44 21.08
N PRO B 40 19.90 37.27 21.30
CA PRO B 40 20.63 36.27 20.52
C PRO B 40 20.07 34.88 20.65
N GLY B 41 19.59 34.51 21.83
CA GLY B 41 19.04 33.18 21.98
C GLY B 41 17.67 32.98 21.40
N GLY B 42 17.01 34.05 20.96
CA GLY B 42 15.68 33.97 20.41
C GLY B 42 14.58 33.81 21.45
N SER B 43 14.93 33.65 22.72
CA SER B 43 13.95 33.51 23.77
C SER B 43 14.37 34.33 24.98
N SER B 44 13.39 34.75 25.76
CA SER B 44 13.68 35.53 26.95
C SER B 44 14.39 34.71 28.02
N LYS B 45 14.42 33.40 27.87
CA LYS B 45 15.02 32.56 28.90
C LYS B 45 16.54 32.69 28.94
N ASP B 46 17.18 33.09 27.84
CA ASP B 46 18.63 33.12 27.84
C ASP B 46 19.17 33.99 28.95
N ARG B 47 18.40 35.01 29.37
CA ARG B 47 18.87 35.83 30.47
C ARG B 47 19.03 35.00 31.73
N ILE B 48 18.05 34.16 32.02
CA ILE B 48 18.16 33.24 33.14
C ILE B 48 19.38 32.36 32.94
N ALA B 49 19.63 31.94 31.71
CA ALA B 49 20.80 31.12 31.44
C ALA B 49 22.07 31.83 31.86
N VAL B 50 22.27 33.07 31.39
CA VAL B 50 23.51 33.77 31.69
C VAL B 50 23.66 33.98 33.19
N LYS B 51 22.58 34.40 33.84
CA LYS B 51 22.67 34.68 35.29
C LYS B 51 23.04 33.39 36.01
N MET B 52 22.35 32.29 35.69
CA MET B 52 22.60 31.04 36.40
C MET B 52 24.03 30.57 36.17
N ILE B 53 24.53 30.69 34.95
CA ILE B 53 25.90 30.27 34.67
C ILE B 53 26.88 31.13 35.45
N GLU B 54 26.66 32.44 35.46
CA GLU B 54 27.54 33.32 36.24
C GLU B 54 27.55 32.91 37.71
N ALA B 55 26.36 32.68 38.28
CA ALA B 55 26.29 32.31 39.68
C ALA B 55 27.00 31.00 39.94
N ALA B 56 26.78 30.00 39.08
CA ALA B 56 27.43 28.71 39.28
C ALA B 56 28.94 28.83 39.19
N GLU B 57 29.43 29.59 38.21
CA GLU B 57 30.87 29.77 38.08
C GLU B 57 31.43 30.47 39.31
N ALA B 58 30.74 31.48 39.80
CA ALA B 58 31.22 32.19 40.98
C ALA B 58 31.10 31.36 42.25
N SER B 59 30.26 30.33 42.24
CA SER B 59 30.06 29.53 43.45
C SER B 59 31.22 28.59 43.70
N GLY B 60 31.47 27.67 42.77
CA GLY B 60 32.53 26.71 42.94
C GLY B 60 32.07 25.28 42.73
N GLN B 61 30.76 25.07 42.76
CA GLN B 61 30.23 23.73 42.55
C GLN B 61 30.33 23.28 41.09
N LEU B 62 30.73 24.17 40.18
CA LEU B 62 30.90 23.83 38.77
C LEU B 62 32.33 24.25 38.38
N LYS B 63 33.26 23.32 38.49
CA LYS B 63 34.65 23.59 38.17
C LYS B 63 34.86 23.67 36.66
N PRO B 64 35.88 24.40 36.21
CA PRO B 64 36.15 24.46 34.78
C PRO B 64 36.38 23.06 34.22
N GLY B 65 35.88 22.84 33.01
CA GLY B 65 35.93 21.53 32.41
C GLY B 65 34.81 20.61 32.82
N GLY B 66 33.78 21.13 33.50
CA GLY B 66 32.65 20.33 33.91
C GLY B 66 31.66 20.12 32.80
N THR B 67 30.48 19.64 33.18
CA THR B 67 29.43 19.33 32.22
C THR B 67 28.08 19.69 32.82
N ILE B 68 27.34 20.55 32.14
CA ILE B 68 25.99 20.89 32.55
C ILE B 68 25.05 19.76 32.16
N VAL B 69 24.00 19.58 32.97
CA VAL B 69 23.01 18.56 32.67
C VAL B 69 21.68 18.92 33.33
N GLU B 70 20.60 18.86 32.57
CA GLU B 70 19.29 19.17 33.08
C GLU B 70 18.25 18.94 31.99
N PRO B 71 16.98 18.84 32.33
CA PRO B 71 15.94 18.59 31.33
C PRO B 71 15.58 19.90 30.59
N THR B 72 15.97 19.93 29.32
CA THR B 72 15.81 21.14 28.50
C THR B 72 14.47 21.06 27.79
N SER B 73 13.52 21.89 28.22
CA SER B 73 12.19 21.94 27.56
C SER B 73 12.35 22.19 26.06
N GLY B 74 12.65 23.43 25.66
CA GLY B 74 12.77 23.75 24.23
C GLY B 74 13.66 24.96 23.97
N ASN B 75 13.60 25.97 24.84
CA ASN B 75 14.41 27.20 24.65
C ASN B 75 15.53 27.23 25.71
N THR B 76 15.44 26.37 26.72
CA THR B 76 16.49 26.33 27.78
C THR B 76 17.82 25.97 27.12
N GLY B 77 17.88 24.79 26.49
CA GLY B 77 19.10 24.39 25.77
C GLY B 77 19.64 25.56 24.97
N VAL B 78 18.75 26.36 24.40
CA VAL B 78 19.18 27.55 23.62
C VAL B 78 20.11 28.40 24.50
N GLY B 79 19.57 29.08 25.51
CA GLY B 79 20.42 29.95 26.30
C GLY B 79 21.50 29.20 27.05
N LEU B 80 21.15 28.06 27.63
CA LEU B 80 22.14 27.32 28.41
C LEU B 80 23.32 26.91 27.54
N ALA B 81 23.04 26.30 26.39
CA ALA B 81 24.11 25.93 25.49
C ALA B 81 24.84 27.15 24.96
N LEU B 82 24.13 28.25 24.72
CA LEU B 82 24.80 29.47 24.30
C LEU B 82 25.86 29.87 25.30
N VAL B 83 25.49 29.96 26.57
CA VAL B 83 26.45 30.38 27.58
C VAL B 83 27.57 29.38 27.69
N ALA B 84 27.24 28.09 27.70
CA ALA B 84 28.28 27.08 27.87
C ALA B 84 29.28 27.14 26.73
N GLN B 85 28.81 27.29 25.50
CA GLN B 85 29.71 27.39 24.36
C GLN B 85 30.52 28.67 24.43
N ARG B 86 29.92 29.75 24.95
CA ARG B 86 30.69 30.98 25.15
C ARG B 86 31.89 30.72 26.07
N ARG B 87 31.63 30.11 27.22
CA ARG B 87 32.72 29.79 28.12
C ARG B 87 33.43 28.49 27.77
N GLY B 88 32.83 27.67 26.91
CA GLY B 88 33.47 26.43 26.52
C GLY B 88 33.13 25.25 27.39
N TYR B 89 31.86 25.08 27.71
CA TYR B 89 31.40 23.96 28.52
C TYR B 89 30.78 22.89 27.62
N LYS B 90 30.22 21.86 28.24
CA LYS B 90 29.45 20.84 27.54
C LYS B 90 27.98 20.96 27.92
N CYS B 91 27.13 20.30 27.14
CA CYS B 91 25.68 20.33 27.36
C CYS B 91 25.12 18.95 27.08
N VAL B 92 24.46 18.37 28.08
CA VAL B 92 23.77 17.10 27.94
C VAL B 92 22.35 17.29 28.42
N PHE B 93 21.38 16.99 27.56
CA PHE B 93 19.97 17.24 27.84
C PHE B 93 19.18 15.94 27.81
N VAL B 94 18.48 15.68 28.91
CA VAL B 94 17.58 14.50 29.03
C VAL B 94 16.24 15.10 29.45
N CYS B 95 15.33 15.31 28.51
CA CYS B 95 14.09 16.06 28.85
C CYS B 95 12.85 15.31 28.35
N PRO B 96 11.61 15.80 28.60
CA PRO B 96 10.42 15.16 28.04
C PRO B 96 10.62 14.94 26.54
N ASP B 97 10.23 13.76 26.02
CA ASP B 97 10.29 13.54 24.56
C ASP B 97 9.21 14.40 23.90
N LYS B 98 8.75 14.02 22.70
CA LYS B 98 7.74 14.83 21.97
C LYS B 98 8.38 16.14 21.53
N VAL B 99 9.31 16.67 22.32
CA VAL B 99 10.04 17.92 21.96
C VAL B 99 10.11 18.01 20.44
N SER B 100 9.38 18.97 19.85
CA SER B 100 9.36 19.11 18.37
C SER B 100 10.72 18.70 17.79
N GLU B 101 10.72 17.80 16.80
CA GLU B 101 12.00 17.43 16.16
C GLU B 101 12.86 18.69 16.00
N ASP B 102 12.28 19.75 15.43
CA ASP B 102 13.04 20.98 15.26
C ASP B 102 13.75 21.38 16.55
N LYS B 103 13.08 21.23 17.69
CA LYS B 103 13.67 21.67 18.94
C LYS B 103 14.98 20.94 19.21
N ARG B 104 14.96 19.61 19.16
CA ARG B 104 16.19 18.88 19.46
C ARG B 104 17.19 19.02 18.34
N ASN B 105 16.75 19.20 17.10
CA ASN B 105 17.69 19.48 16.03
C ASN B 105 18.46 20.75 16.32
N VAL B 106 17.76 21.80 16.73
CA VAL B 106 18.42 23.05 17.05
C VAL B 106 19.35 22.88 18.25
N LEU B 107 18.87 22.18 19.28
CA LEU B 107 19.72 21.96 20.45
C LEU B 107 21.01 21.25 20.06
N ILE B 108 20.91 20.23 19.21
CA ILE B 108 22.11 19.55 18.75
C ILE B 108 22.99 20.50 17.97
N ALA B 109 22.38 21.36 17.17
CA ALA B 109 23.17 22.29 16.35
C ALA B 109 24.09 23.13 17.21
N TYR B 110 23.67 23.47 18.42
CA TYR B 110 24.52 24.25 19.31
C TYR B 110 25.53 23.39 20.04
N GLY B 111 25.77 22.18 19.57
CA GLY B 111 26.77 21.32 20.17
C GLY B 111 26.39 20.83 21.55
N ALA B 112 25.27 20.13 21.66
CA ALA B 112 24.82 19.59 22.94
C ALA B 112 24.36 18.17 22.72
N GLU B 113 25.08 17.21 23.30
CA GLU B 113 24.69 15.82 23.18
C GLU B 113 23.38 15.58 23.91
N VAL B 114 22.44 14.91 23.24
CA VAL B 114 21.12 14.66 23.80
C VAL B 114 20.89 13.16 23.90
N VAL B 115 20.49 12.70 25.09
CA VAL B 115 20.11 11.27 25.31
C VAL B 115 18.66 11.33 25.77
N VAL B 116 17.87 12.20 25.16
CA VAL B 116 16.49 12.45 25.55
C VAL B 116 15.69 11.15 25.65
N CYS B 117 14.71 11.15 26.53
CA CYS B 117 13.89 9.99 26.84
C CYS B 117 12.42 10.35 26.73
N PRO B 118 11.56 9.38 26.46
CA PRO B 118 10.12 9.66 26.38
C PRO B 118 9.59 10.21 27.70
N THR B 119 8.57 11.06 27.58
CA THR B 119 7.92 11.70 28.71
C THR B 119 6.54 11.10 28.94
N ALA B 120 5.82 11.67 29.91
CA ALA B 120 4.48 11.28 30.33
C ALA B 120 4.47 9.95 31.08
N VAL B 121 5.61 9.32 31.28
CA VAL B 121 5.71 8.04 31.97
C VAL B 121 6.36 8.29 33.34
N PRO B 122 5.61 8.13 34.44
CA PRO B 122 6.22 8.31 35.76
C PRO B 122 7.21 7.19 36.04
N PRO B 123 8.50 7.50 36.01
CA PRO B 123 9.49 6.41 36.06
C PRO B 123 9.48 5.63 37.36
N HIS B 124 9.69 6.31 38.49
CA HIS B 124 9.95 5.66 39.77
C HIS B 124 11.09 4.64 39.65
N ASP B 125 11.87 4.74 38.57
CA ASP B 125 12.99 3.86 38.27
C ASP B 125 13.65 4.36 36.99
N PRO B 126 14.86 3.92 36.70
CA PRO B 126 15.49 4.37 35.47
C PRO B 126 14.75 3.83 34.27
N ALA B 127 13.57 4.40 34.04
CA ALA B 127 12.77 4.11 32.85
C ALA B 127 12.08 5.32 32.22
N SER B 128 12.51 6.54 32.55
CA SER B 128 11.80 7.74 32.05
C SER B 128 12.81 8.87 31.81
N TYR B 129 12.29 10.01 31.33
CA TYR B 129 13.17 11.13 31.04
C TYR B 129 13.85 11.63 32.30
N TYR B 130 13.08 11.87 33.36
CA TYR B 130 13.69 12.27 34.62
C TYR B 130 14.50 11.12 35.20
N SER B 131 14.09 9.88 34.95
CA SER B 131 14.87 8.74 35.40
C SER B 131 16.27 8.80 34.82
N VAL B 132 16.35 8.95 33.49
CA VAL B 132 17.69 8.97 32.82
C VAL B 132 18.44 10.23 33.26
N SER B 133 17.73 11.35 33.48
CA SER B 133 18.40 12.56 33.94
C SER B 133 19.05 12.34 35.31
N ASP B 134 18.32 11.76 36.25
CA ASP B 134 18.87 11.50 37.57
C ASP B 134 20.00 10.49 37.51
N ARG B 135 19.85 9.46 36.66
CA ARG B 135 20.91 8.47 36.53
C ARG B 135 22.20 9.11 36.02
N LEU B 136 22.08 9.99 35.02
CA LEU B 136 23.25 10.69 34.51
C LEU B 136 23.85 11.61 35.57
N VAL B 137 23.00 12.30 36.32
CA VAL B 137 23.48 13.18 37.37
C VAL B 137 24.28 12.40 38.40
N ARG B 138 23.76 11.23 38.79
CA ARG B 138 24.48 10.38 39.74
C ARG B 138 25.77 9.87 39.13
N ASP B 139 25.77 9.57 37.83
CA ASP B 139 26.92 8.93 37.21
C ASP B 139 28.05 9.92 36.92
N ILE B 140 27.78 10.91 36.08
CA ILE B 140 28.85 11.78 35.59
C ILE B 140 29.41 12.63 36.72
N ASP B 141 30.69 12.96 36.60
CA ASP B 141 31.37 13.79 37.57
C ASP B 141 31.52 15.21 37.03
N GLY B 142 31.69 16.16 37.95
CA GLY B 142 31.79 17.55 37.57
C GLY B 142 30.55 18.07 36.88
N ALA B 143 29.40 17.48 37.14
CA ALA B 143 28.16 17.88 36.49
C ALA B 143 27.44 18.93 37.35
N TRP B 144 26.22 19.27 36.94
CA TRP B 144 25.41 20.24 37.66
C TRP B 144 23.96 20.16 37.17
N LYS B 145 23.01 20.16 38.09
CA LYS B 145 21.60 20.16 37.74
C LYS B 145 21.04 21.55 38.02
N PRO B 146 21.06 22.44 37.05
CA PRO B 146 20.54 23.79 37.28
C PRO B 146 19.10 23.77 37.75
N ASP B 147 18.22 23.15 36.96
CA ASP B 147 16.83 22.96 37.34
C ASP B 147 16.18 24.30 37.73
N GLN B 148 16.05 25.16 36.72
CA GLN B 148 15.50 26.49 36.94
C GLN B 148 14.22 26.44 37.77
N TYR B 149 13.52 25.31 37.79
CA TYR B 149 12.35 25.18 38.65
C TYR B 149 12.67 25.56 40.10
N ALA B 150 13.80 25.09 40.63
CA ALA B 150 14.19 25.43 42.01
C ALA B 150 15.60 26.03 41.98
N ASN B 151 15.65 27.33 41.72
CA ASN B 151 16.91 28.06 41.76
C ASN B 151 16.64 29.53 42.00
N PRO B 152 16.92 30.03 43.19
CA PRO B 152 16.66 31.45 43.47
C PRO B 152 17.38 32.37 42.51
N GLU B 153 18.56 32.00 42.05
CA GLU B 153 19.27 32.85 41.11
C GLU B 153 18.44 33.10 39.86
N GLY B 154 17.56 32.16 39.51
CA GLY B 154 16.68 32.35 38.38
C GLY B 154 15.90 33.64 38.51
N PRO B 155 15.02 33.71 39.50
CA PRO B 155 14.28 34.95 39.74
C PRO B 155 15.19 36.12 40.05
N ALA B 156 16.36 35.82 40.63
CA ALA B 156 17.34 36.90 40.89
C ALA B 156 17.64 37.62 39.58
N SER B 157 17.92 36.87 38.51
CA SER B 157 18.25 37.49 37.20
C SER B 157 17.16 38.51 36.83
N HIS B 158 15.89 38.08 36.82
CA HIS B 158 14.78 39.00 36.50
C HIS B 158 14.85 40.21 37.42
N TYR B 159 15.08 39.97 38.72
CA TYR B 159 15.09 41.06 39.68
C TYR B 159 16.22 42.04 39.39
N VAL B 160 17.29 41.55 38.79
CA VAL B 160 18.44 42.40 38.50
C VAL B 160 18.25 43.17 37.20
N THR B 161 18.06 42.45 36.10
CA THR B 161 18.05 43.06 34.78
C THR B 161 16.89 42.54 33.94
N THR B 162 15.72 42.46 34.53
CA THR B 162 14.52 42.17 33.76
C THR B 162 13.41 43.17 34.02
N GLY B 163 13.29 43.65 35.24
CA GLY B 163 12.30 44.64 35.58
C GLY B 163 12.86 46.05 35.59
N PRO B 164 14.07 46.20 36.16
CA PRO B 164 14.67 47.54 36.16
C PRO B 164 14.74 48.14 34.78
N GLU B 165 14.98 47.31 33.76
CA GLU B 165 14.98 47.83 32.40
C GLU B 165 13.62 48.39 32.04
N ILE B 166 12.55 47.71 32.46
CA ILE B 166 11.19 48.21 32.20
C ILE B 166 10.99 49.55 32.88
N TRP B 167 11.41 49.68 34.13
CA TRP B 167 11.27 50.94 34.84
C TRP B 167 12.05 52.04 34.14
N ALA B 168 13.28 51.75 33.72
CA ALA B 168 14.08 52.78 33.05
C ALA B 168 13.42 53.21 31.75
N ASP B 169 12.94 52.25 30.95
CA ASP B 169 12.30 52.62 29.69
C ASP B 169 11.04 53.42 29.93
N THR B 170 10.22 53.01 30.90
CA THR B 170 8.98 53.71 31.18
C THR B 170 9.12 54.77 32.26
N GLU B 171 10.30 54.89 32.87
CA GLU B 171 10.53 55.88 33.92
C GLU B 171 9.57 55.67 35.10
N GLY B 172 9.31 54.41 35.43
CA GLY B 172 8.41 54.13 36.53
C GLY B 172 6.96 54.46 36.26
N LYS B 173 6.61 54.84 35.04
CA LYS B 173 5.24 55.20 34.70
C LYS B 173 4.51 54.00 34.08
N VAL B 174 4.39 52.95 34.88
CA VAL B 174 3.71 51.72 34.46
C VAL B 174 2.65 51.39 35.49
N THR B 175 1.40 51.34 35.06
CA THR B 175 0.32 51.06 36.00
C THR B 175 0.31 49.59 36.39
N HIS B 176 0.16 48.70 35.41
CA HIS B 176 0.07 47.27 35.63
C HIS B 176 1.05 46.55 34.73
N PHE B 177 1.74 45.54 35.27
CA PHE B 177 2.63 44.69 34.52
C PHE B 177 2.09 43.27 34.51
N VAL B 178 1.57 42.83 33.38
CA VAL B 178 1.15 41.45 33.24
C VAL B 178 2.30 40.65 32.66
N ALA B 179 2.30 39.35 32.91
CA ALA B 179 3.40 38.51 32.50
C ALA B 179 2.88 37.10 32.27
N GLY B 180 3.57 36.38 31.38
CA GLY B 180 3.23 35.00 31.12
C GLY B 180 3.78 34.07 32.18
N ILE B 181 3.10 34.03 33.33
CA ILE B 181 3.59 33.21 34.49
C ILE B 181 3.91 31.79 34.01
N GLY B 182 5.07 31.26 34.42
CA GLY B 182 5.46 29.88 34.07
C GLY B 182 6.08 29.23 35.28
N THR B 183 7.41 29.11 35.31
CA THR B 183 8.08 28.59 36.54
C THR B 183 8.07 29.72 37.57
N GLY B 184 7.62 30.92 37.17
CA GLY B 184 7.53 32.05 38.11
C GLY B 184 8.64 33.05 37.88
N GLY B 185 9.87 32.57 37.67
CA GLY B 185 11.04 33.46 37.50
C GLY B 185 10.68 34.82 36.93
N THR B 186 10.18 34.87 35.70
CA THR B 186 9.91 36.17 35.08
C THR B 186 9.04 37.04 35.96
N ILE B 187 7.83 36.58 36.23
CA ILE B 187 6.86 37.41 36.95
C ILE B 187 7.35 37.68 38.36
N THR B 188 7.87 36.66 39.04
CA THR B 188 8.28 36.88 40.42
C THR B 188 9.34 37.97 40.51
N GLY B 189 10.39 37.87 39.70
CA GLY B 189 11.42 38.89 39.74
C GLY B 189 10.92 40.25 39.34
N ALA B 190 10.15 40.32 38.25
CA ALA B 190 9.69 41.61 37.76
C ALA B 190 8.83 42.30 38.82
N GLY B 191 7.90 41.56 39.42
CA GLY B 191 7.06 42.15 40.44
C GLY B 191 7.85 42.54 41.67
N ARG B 192 8.74 41.66 42.13
CA ARG B 192 9.49 41.96 43.34
C ARG B 192 10.36 43.19 43.14
N TYR B 193 10.77 43.49 41.91
CA TYR B 193 11.54 44.71 41.70
C TYR B 193 10.62 45.91 41.53
N LEU B 194 9.66 45.82 40.62
CA LEU B 194 8.82 46.98 40.34
C LEU B 194 8.06 47.43 41.57
N LYS B 195 7.73 46.52 42.47
CA LYS B 195 6.96 46.91 43.65
C LYS B 195 7.79 47.75 44.60
N GLU B 196 9.06 47.39 44.80
CA GLU B 196 9.88 48.11 45.78
C GLU B 196 10.10 49.55 45.36
N VAL B 197 10.37 49.78 44.07
CA VAL B 197 10.65 51.14 43.60
C VAL B 197 9.41 51.97 43.42
N SER B 198 8.21 51.37 43.48
CA SER B 198 6.98 52.12 43.34
C SER B 198 6.01 51.84 44.48
N GLY B 199 6.47 51.26 45.58
CA GLY B 199 5.59 50.91 46.68
C GLY B 199 4.46 49.99 46.25
N GLY B 200 3.24 50.53 46.25
CA GLY B 200 2.10 49.76 45.78
C GLY B 200 1.47 50.39 44.57
N ARG B 201 2.24 51.19 43.84
CA ARG B 201 1.66 51.92 42.71
C ARG B 201 1.43 51.02 41.50
N VAL B 202 2.00 49.81 41.48
CA VAL B 202 1.95 48.94 40.32
C VAL B 202 1.33 47.62 40.73
N ARG B 203 0.39 47.14 39.91
CA ARG B 203 -0.23 45.84 40.10
C ARG B 203 0.48 44.81 39.22
N ILE B 204 0.85 43.69 39.81
CA ILE B 204 1.56 42.62 39.12
C ILE B 204 0.53 41.58 38.72
N VAL B 205 0.05 41.65 37.48
CA VAL B 205 -0.92 40.68 37.02
C VAL B 205 -0.21 39.41 36.57
N GLY B 206 -0.97 38.31 36.51
CA GLY B 206 -0.42 37.04 36.07
C GLY B 206 -1.35 36.27 35.15
N ALA B 207 -0.83 35.86 34.00
CA ALA B 207 -1.61 35.16 32.99
C ALA B 207 -1.26 33.68 33.02
N ASP B 208 -2.30 32.84 33.02
CA ASP B 208 -2.13 31.41 33.08
C ASP B 208 -3.33 30.75 32.43
N PRO B 209 -3.13 29.74 31.60
CA PRO B 209 -4.27 29.07 30.97
C PRO B 209 -5.20 28.49 32.02
N GLU B 210 -6.50 28.65 31.74
CA GLU B 210 -7.54 28.16 32.68
C GLU B 210 -7.26 26.72 33.08
N GLY B 211 -7.88 26.27 34.16
CA GLY B 211 -7.70 24.91 34.64
C GLY B 211 -6.25 24.62 35.00
N SER B 212 -5.60 25.53 35.71
CA SER B 212 -4.21 25.37 36.09
C SER B 212 -4.06 25.62 37.58
N VAL B 213 -2.99 25.08 38.15
CA VAL B 213 -2.77 25.19 39.58
C VAL B 213 -2.61 26.65 39.99
N TYR B 214 -1.88 27.42 39.19
CA TYR B 214 -1.70 28.82 39.52
C TYR B 214 -3.04 29.56 39.60
N SER B 215 -4.05 29.07 38.90
CA SER B 215 -5.36 29.69 38.92
C SER B 215 -6.33 29.00 39.87
N GLY B 216 -5.83 28.18 40.77
CA GLY B 216 -6.68 27.48 41.72
C GLY B 216 -7.64 26.51 41.07
N GLY B 217 -7.14 25.71 40.13
CA GLY B 217 -7.97 24.72 39.46
C GLY B 217 -7.40 23.32 39.54
N ALA B 218 -7.77 22.47 38.58
CA ALA B 218 -7.35 21.08 38.53
C ALA B 218 -6.36 20.88 37.38
N GLY B 219 -5.70 19.73 37.40
CA GLY B 219 -4.73 19.42 36.37
C GLY B 219 -5.34 19.32 35.00
N ARG B 220 -4.48 19.39 33.99
CA ARG B 220 -4.95 19.37 32.62
C ARG B 220 -3.76 19.28 31.68
N PRO B 221 -3.94 18.74 30.48
CA PRO B 221 -2.86 18.79 29.48
C PRO B 221 -2.59 20.22 29.04
N TYR B 222 -1.44 20.40 28.40
CA TYR B 222 -0.97 21.71 28.00
C TYR B 222 -0.80 21.77 26.50
N LEU B 223 -1.10 22.93 25.93
CA LEU B 223 -0.86 23.20 24.52
C LEU B 223 -0.04 24.44 24.27
N VAL B 224 0.32 25.20 25.29
CA VAL B 224 1.19 26.36 25.16
C VAL B 224 2.46 26.04 25.93
N GLU B 225 3.51 25.67 25.22
CA GLU B 225 4.72 25.20 25.87
C GLU B 225 5.27 26.25 26.81
N GLY B 226 5.69 25.81 28.00
CA GLY B 226 6.32 26.69 28.96
C GLY B 226 5.40 27.18 30.06
N VAL B 227 4.17 27.50 29.72
CA VAL B 227 3.23 28.01 30.68
C VAL B 227 2.56 26.84 31.39
N GLY B 228 1.96 27.12 32.53
CA GLY B 228 1.22 26.12 33.26
C GLY B 228 2.13 25.15 34.01
N GLU B 229 1.54 24.50 35.00
CA GLU B 229 2.24 23.53 35.82
C GLU B 229 1.25 22.95 36.82
N ASP B 230 1.60 21.80 37.38
CA ASP B 230 0.76 21.14 38.36
C ASP B 230 1.29 21.22 39.77
N PHE B 231 2.59 21.04 39.97
CA PHE B 231 3.19 21.16 41.29
C PHE B 231 3.83 22.53 41.45
N TRP B 232 3.51 23.21 42.54
CA TRP B 232 4.05 24.55 42.77
C TRP B 232 5.57 24.51 42.86
N PRO B 233 6.27 25.07 41.89
CA PRO B 233 7.74 25.12 41.97
C PRO B 233 8.20 25.92 43.18
N ALA B 234 9.29 25.47 43.78
CA ALA B 234 9.81 26.14 44.97
C ALA B 234 10.36 27.52 44.67
N ALA B 235 10.58 27.85 43.40
CA ALA B 235 11.12 29.14 43.03
C ALA B 235 10.03 30.16 42.71
N TYR B 236 8.83 29.97 43.24
CA TYR B 236 7.73 30.90 43.01
C TYR B 236 7.09 31.26 44.33
N ASP B 237 6.60 32.49 44.41
CA ASP B 237 5.91 32.97 45.60
C ASP B 237 4.72 33.81 45.20
N PRO B 238 3.50 33.31 45.39
CA PRO B 238 2.32 34.09 44.99
C PRO B 238 2.17 35.39 45.75
N SER B 239 2.89 35.57 46.86
CA SER B 239 2.77 36.81 47.60
C SER B 239 3.18 38.02 46.78
N VAL B 240 3.95 37.82 45.71
CA VAL B 240 4.39 38.92 44.88
C VAL B 240 3.24 39.40 44.01
N PRO B 241 2.64 38.54 43.20
CA PRO B 241 1.59 38.98 42.29
C PRO B 241 0.38 39.50 43.05
N ASP B 242 -0.29 40.48 42.45
CA ASP B 242 -1.48 41.05 43.05
C ASP B 242 -2.68 40.13 42.89
N GLU B 243 -2.95 39.69 41.67
CA GLU B 243 -4.07 38.78 41.42
C GLU B 243 -3.86 38.12 40.07
N ILE B 244 -3.98 36.81 40.03
CA ILE B 244 -3.73 36.03 38.83
C ILE B 244 -5.01 35.97 38.00
N ILE B 245 -4.88 36.23 36.71
CA ILE B 245 -5.99 36.20 35.78
C ILE B 245 -5.81 35.01 34.84
N ALA B 246 -6.83 34.19 34.72
CA ALA B 246 -6.76 33.02 33.85
C ALA B 246 -7.21 33.36 32.44
N VAL B 247 -6.84 32.49 31.51
CA VAL B 247 -7.18 32.67 30.10
C VAL B 247 -7.39 31.32 29.46
N SER B 248 -8.35 31.26 28.55
CA SER B 248 -8.66 30.01 27.87
C SER B 248 -7.73 29.80 26.69
N ASP B 249 -7.41 28.54 26.42
CA ASP B 249 -6.54 28.23 25.29
C ASP B 249 -7.16 28.67 23.97
N SER B 250 -8.46 28.43 23.80
CA SER B 250 -9.10 28.77 22.54
C SER B 250 -8.98 30.25 22.22
N ASP B 251 -8.94 31.09 23.25
CA ASP B 251 -8.78 32.52 23.05
C ASP B 251 -7.33 32.96 23.05
N SER B 252 -6.39 32.02 23.16
CA SER B 252 -4.98 32.37 23.15
C SER B 252 -4.37 32.26 21.77
N PHE B 253 -4.51 31.09 21.13
CA PHE B 253 -3.95 30.95 19.79
C PHE B 253 -4.58 31.94 18.83
N ASP B 254 -5.89 32.12 18.92
CA ASP B 254 -6.55 33.10 18.07
C ASP B 254 -5.98 34.49 18.33
N MET B 255 -5.74 34.82 19.59
CA MET B 255 -5.12 36.11 19.91
C MET B 255 -3.73 36.21 19.30
N THR B 256 -2.97 35.12 19.33
CA THR B 256 -1.63 35.16 18.74
C THR B 256 -1.71 35.44 17.25
N ARG B 257 -2.59 34.73 16.54
CA ARG B 257 -2.73 34.96 15.11
C ARG B 257 -3.20 36.37 14.82
N ARG B 258 -4.16 36.86 15.60
CA ARG B 258 -4.62 38.23 15.44
C ARG B 258 -3.47 39.21 15.59
N LEU B 259 -2.77 39.13 16.72
CA LEU B 259 -1.63 40.01 16.96
C LEU B 259 -0.63 39.93 15.83
N ALA B 260 -0.37 38.73 15.31
CA ALA B 260 0.58 38.60 14.21
C ALA B 260 0.10 39.37 12.99
N ARG B 261 -1.18 39.24 12.65
CA ARG B 261 -1.66 39.89 11.43
C ARG B 261 -1.87 41.39 11.60
N GLU B 262 -2.02 41.88 12.83
CA GLU B 262 -2.44 43.25 13.04
C GLU B 262 -1.37 44.13 13.68
N GLU B 263 -0.33 43.54 14.24
CA GLU B 263 0.77 44.30 14.84
C GLU B 263 2.14 43.78 14.46
N ALA B 264 2.22 42.79 13.56
CA ALA B 264 3.51 42.27 13.10
C ALA B 264 4.37 41.79 14.26
N MET B 265 3.84 40.85 15.04
CA MET B 265 4.53 40.26 16.18
C MET B 265 4.44 38.75 16.00
N LEU B 266 5.37 38.19 15.23
CA LEU B 266 5.39 36.71 15.02
C LEU B 266 5.82 36.02 16.32
N VAL B 267 5.07 36.25 17.41
CA VAL B 267 5.40 35.67 18.70
C VAL B 267 4.70 34.33 18.87
N GLY B 268 5.10 33.57 19.88
CA GLY B 268 4.52 32.26 20.13
C GLY B 268 3.15 32.33 20.74
N GLY B 269 2.81 31.28 21.51
CA GLY B 269 1.51 31.18 22.13
C GLY B 269 1.44 31.81 23.49
N SER B 270 2.47 31.59 24.30
CA SER B 270 2.50 32.22 25.62
C SER B 270 2.38 33.72 25.49
N CYS B 271 2.98 34.29 24.44
CA CYS B 271 2.84 35.72 24.21
C CYS B 271 1.38 36.07 23.97
N GLY B 272 0.68 35.28 23.18
CA GLY B 272 -0.73 35.54 22.96
C GLY B 272 -1.53 35.48 24.24
N MET B 273 -1.24 34.49 25.09
CA MET B 273 -1.96 34.38 26.35
C MET B 273 -1.71 35.60 27.20
N ALA B 274 -0.46 36.04 27.30
CA ALA B 274 -0.18 37.23 28.08
C ALA B 274 -0.90 38.45 27.50
N VAL B 275 -0.90 38.57 26.18
CA VAL B 275 -1.55 39.71 25.54
C VAL B 275 -3.03 39.74 25.87
N VAL B 276 -3.69 38.59 25.75
CA VAL B 276 -5.12 38.54 26.06
C VAL B 276 -5.34 38.86 27.54
N ALA B 277 -4.46 38.35 28.40
CA ALA B 277 -4.59 38.66 29.81
C ALA B 277 -4.57 40.16 29.99
N ALA B 278 -3.49 40.81 29.56
CA ALA B 278 -3.39 42.25 29.76
C ALA B 278 -4.63 42.92 29.18
N LEU B 279 -4.91 42.66 27.90
CA LEU B 279 -6.10 43.18 27.24
C LEU B 279 -7.31 43.18 28.19
N LYS B 280 -7.59 42.03 28.80
CA LYS B 280 -8.71 41.97 29.74
C LYS B 280 -8.48 42.87 30.95
N VAL B 281 -7.25 42.91 31.45
CA VAL B 281 -6.95 43.69 32.65
C VAL B 281 -7.13 45.17 32.40
N ALA B 282 -6.93 45.58 31.15
CA ALA B 282 -6.96 46.98 30.73
C ALA B 282 -8.32 47.61 30.87
N GLU B 283 -9.33 46.86 31.31
CA GLU B 283 -10.66 47.41 31.47
C GLU B 283 -10.89 47.96 32.87
N GLU B 284 -10.57 47.17 33.89
CA GLU B 284 -10.77 47.64 35.26
C GLU B 284 -9.97 48.91 35.53
N ALA B 285 -8.83 49.07 34.87
CA ALA B 285 -8.04 50.29 34.97
C ALA B 285 -8.45 51.21 33.83
N GLY B 286 -8.85 52.43 34.17
CA GLY B 286 -9.33 53.35 33.19
C GLY B 286 -8.22 53.91 32.32
N PRO B 287 -8.58 54.82 31.42
CA PRO B 287 -7.58 55.43 30.55
C PRO B 287 -6.50 56.11 31.36
N ASP B 288 -5.48 56.57 30.65
CA ASP B 288 -4.30 57.22 31.19
C ASP B 288 -3.34 56.21 31.79
N ALA B 289 -3.71 54.93 31.89
CA ALA B 289 -2.85 53.92 32.46
C ALA B 289 -1.90 53.35 31.41
N LEU B 290 -0.71 52.98 31.85
CA LEU B 290 0.32 52.40 30.99
C LEU B 290 0.54 50.96 31.43
N ILE B 291 0.23 50.03 30.55
CA ILE B 291 0.36 48.60 30.83
C ILE B 291 1.57 48.07 30.08
N VAL B 292 2.35 47.22 30.75
CA VAL B 292 3.55 46.66 30.15
C VAL B 292 3.38 45.15 30.13
N VAL B 293 3.10 44.61 28.96
CA VAL B 293 3.00 43.17 28.76
C VAL B 293 4.35 42.63 28.35
N LEU B 294 4.51 41.31 28.48
CA LEU B 294 5.79 40.64 28.11
C LEU B 294 5.51 39.51 27.12
N LEU B 295 6.32 39.39 26.06
CA LEU B 295 6.15 38.34 25.05
C LEU B 295 7.45 37.56 24.94
N PRO B 296 7.76 36.77 25.94
CA PRO B 296 9.06 36.11 25.96
C PRO B 296 9.12 34.88 25.08
N ASP B 297 8.61 34.96 23.86
CA ASP B 297 8.72 33.83 22.95
C ASP B 297 8.53 34.35 21.53
N GLY B 298 9.60 34.33 20.75
CA GLY B 298 9.47 34.68 19.35
C GLY B 298 9.04 33.48 18.56
N GLY B 299 7.82 33.50 18.03
CA GLY B 299 7.31 32.32 17.38
C GLY B 299 7.70 32.21 15.94
N ARG B 300 8.75 31.45 15.65
CA ARG B 300 9.09 31.06 14.29
C ARG B 300 9.16 29.55 14.13
N GLY B 301 9.67 28.85 15.14
CA GLY B 301 9.51 27.40 15.17
C GLY B 301 8.10 26.95 15.46
N TYR B 302 7.29 27.82 16.07
CA TYR B 302 5.88 27.53 16.26
C TYR B 302 5.09 27.61 14.97
N MET B 303 5.68 28.10 13.88
CA MET B 303 4.95 28.23 12.62
C MET B 303 4.51 26.89 12.08
N SER B 304 5.04 25.79 12.60
CA SER B 304 4.63 24.47 12.12
C SER B 304 3.18 24.17 12.48
N LYS B 305 2.76 24.54 13.68
CA LYS B 305 1.42 24.21 14.15
C LYS B 305 0.54 25.42 14.42
N ILE B 306 1.03 26.38 15.21
CA ILE B 306 0.17 27.47 15.66
C ILE B 306 -0.37 28.24 14.46
N PHE B 307 0.49 28.58 13.53
CA PHE B 307 0.05 29.26 12.32
C PHE B 307 -0.37 28.30 11.22
N ASN B 308 -0.23 26.99 11.48
CA ASN B 308 -0.68 25.96 10.51
C ASN B 308 -2.20 25.89 10.57
N ASP B 309 -2.85 25.70 9.41
CA ASP B 309 -4.30 25.66 9.37
C ASP B 309 -4.87 24.32 9.80
N ALA B 310 -4.03 23.28 9.90
CA ALA B 310 -4.53 21.96 10.24
C ALA B 310 -4.39 21.66 11.73
N TRP B 311 -3.19 21.80 12.27
CA TRP B 311 -2.98 21.50 13.69
C TRP B 311 -3.93 22.30 14.56
N MET B 312 -4.16 23.56 14.22
CA MET B 312 -5.11 24.35 14.98
C MET B 312 -6.55 23.95 14.68
N SER B 313 -6.77 23.13 13.67
CA SER B 313 -8.11 22.65 13.39
C SER B 313 -8.41 21.33 14.07
N SER B 314 -7.38 20.51 14.31
CA SER B 314 -7.61 19.24 14.96
C SER B 314 -8.17 19.43 16.36
N TYR B 315 -7.71 20.47 17.06
CA TYR B 315 -8.19 20.72 18.41
C TYR B 315 -9.50 21.45 18.44
N GLY B 316 -10.17 21.62 17.31
CA GLY B 316 -11.53 22.12 17.31
C GLY B 316 -11.71 23.58 17.61
N PHE B 317 -10.70 24.40 17.33
CA PHE B 317 -10.89 25.85 17.45
C PHE B 317 -10.07 26.54 16.37
N LEU B 318 -10.75 27.09 15.38
CA LEU B 318 -10.12 27.94 14.37
C LEU B 318 -11.19 28.89 13.88
N ARG B 319 -11.20 30.10 14.42
CA ARG B 319 -12.27 31.06 14.18
C ARG B 319 -12.09 31.84 12.88
N SER B 320 -10.99 31.62 12.16
CA SER B 320 -10.78 32.26 10.88
C SER B 320 -9.56 31.64 10.22
N ARG B 321 -9.68 31.34 8.94
CA ARG B 321 -8.56 30.76 8.22
C ARG B 321 -7.46 31.80 8.02
N LEU B 322 -6.23 31.32 7.88
CA LEU B 322 -5.08 32.22 7.83
C LEU B 322 -5.24 33.29 6.78
N ASP B 323 -5.68 32.91 5.58
CA ASP B 323 -5.86 33.88 4.52
C ASP B 323 -7.00 34.85 4.79
N GLY B 324 -7.71 34.69 5.90
CA GLY B 324 -8.79 35.58 6.22
C GLY B 324 -10.12 35.16 5.63
N SER B 325 -10.24 35.26 4.31
CA SER B 325 -11.51 34.96 3.66
C SER B 325 -11.89 33.50 3.89
N THR B 326 -13.10 33.28 4.38
CA THR B 326 -13.61 31.92 4.51
C THR B 326 -13.86 31.33 3.13
N GLU B 327 -13.56 30.03 3.00
CA GLU B 327 -13.80 29.33 1.71
C GLU B 327 -14.40 27.96 2.01
N GLN B 328 -15.71 27.80 1.80
CA GLN B 328 -16.39 26.51 2.12
C GLN B 328 -15.62 25.33 1.53
N SER B 329 -15.53 24.23 2.26
CA SER B 329 -14.86 23.01 1.72
C SER B 329 -15.93 21.94 1.47
N THR B 330 -16.59 21.99 0.32
CA THR B 330 -17.78 21.15 0.01
C THR B 330 -17.46 19.68 0.35
N VAL B 331 -18.48 18.90 0.71
CA VAL B 331 -18.25 17.47 1.07
C VAL B 331 -17.71 16.73 -0.15
N GLY B 332 -17.92 17.28 -1.35
CA GLY B 332 -17.45 16.65 -2.56
C GLY B 332 -16.00 16.22 -2.45
N ASP B 333 -15.07 17.18 -2.34
CA ASP B 333 -13.69 16.80 -2.15
C ASP B 333 -13.51 16.02 -0.85
N VAL B 334 -14.26 16.40 0.19
CA VAL B 334 -14.21 15.66 1.44
C VAL B 334 -14.60 14.22 1.22
N LEU B 335 -15.46 13.97 0.24
CA LEU B 335 -15.91 12.61 -0.05
C LEU B 335 -14.89 11.81 -0.84
N ARG B 336 -13.88 12.45 -1.41
CA ARG B 336 -12.85 11.75 -2.18
C ARG B 336 -11.49 11.76 -1.48
N ARG B 337 -10.97 12.97 -1.24
CA ARG B 337 -9.63 13.09 -0.61
C ARG B 337 -8.61 12.33 -1.45
N LYS B 338 -9.08 11.68 -2.54
CA LYS B 338 -8.17 10.93 -3.44
C LYS B 338 -8.27 11.50 -4.85
N SER B 339 -9.47 11.96 -5.26
CA SER B 339 -9.68 12.51 -6.62
C SER B 339 -10.83 13.50 -6.62
N GLY B 340 -11.35 13.85 -7.81
CA GLY B 340 -12.51 14.76 -7.90
C GLY B 340 -13.80 13.98 -8.11
N ALA B 341 -13.69 12.67 -8.36
CA ALA B 341 -14.89 11.84 -8.63
C ALA B 341 -15.04 10.79 -7.53
N LEU B 342 -16.25 10.65 -6.96
CA LEU B 342 -16.48 9.59 -5.94
C LEU B 342 -16.26 8.22 -6.57
N PRO B 343 -15.43 7.33 -5.98
CA PRO B 343 -15.14 6.01 -6.57
C PRO B 343 -16.09 4.88 -6.17
N ALA B 344 -17.27 4.80 -6.80
CA ALA B 344 -18.26 3.74 -6.50
C ALA B 344 -18.78 3.90 -5.07
N LEU B 345 -20.03 3.47 -4.83
CA LEU B 345 -20.62 3.54 -3.47
C LEU B 345 -20.94 2.12 -3.00
N VAL B 346 -21.91 1.47 -3.65
CA VAL B 346 -22.28 0.07 -3.27
C VAL B 346 -23.15 -0.54 -4.37
N HIS B 347 -23.04 -1.85 -4.57
CA HIS B 347 -23.93 -2.55 -5.55
C HIS B 347 -24.62 -3.70 -4.82
N THR B 348 -24.36 -3.82 -3.51
CA THR B 348 -24.95 -4.94 -2.71
C THR B 348 -26.47 -4.85 -2.74
N HIS B 349 -27.09 -5.50 -3.72
CA HIS B 349 -28.58 -5.51 -3.82
C HIS B 349 -29.13 -6.33 -2.65
N PRO B 350 -30.38 -6.09 -2.20
CA PRO B 350 -30.92 -6.78 -1.02
C PRO B 350 -31.11 -8.28 -1.25
N SER B 351 -30.36 -8.88 -2.19
CA SER B 351 -30.48 -10.33 -2.36
C SER B 351 -29.19 -11.07 -2.06
N GLU B 352 -28.05 -10.36 -2.02
CA GLU B 352 -26.79 -11.01 -1.74
C GLU B 352 -26.72 -11.47 -0.30
N THR B 353 -25.90 -12.49 -0.06
CA THR B 353 -25.81 -13.08 1.27
C THR B 353 -25.14 -12.13 2.25
N VAL B 354 -25.45 -12.31 3.53
CA VAL B 354 -24.90 -11.44 4.56
C VAL B 354 -23.38 -11.57 4.60
N ARG B 355 -22.86 -12.78 4.46
CA ARG B 355 -21.41 -12.95 4.41
C ARG B 355 -20.81 -12.13 3.28
N ASP B 356 -21.47 -12.13 2.13
CA ASP B 356 -20.95 -11.34 1.01
C ASP B 356 -20.90 -9.86 1.35
N ALA B 357 -21.95 -9.35 1.99
CA ALA B 357 -21.95 -7.94 2.36
C ALA B 357 -20.84 -7.63 3.36
N ILE B 358 -20.69 -8.47 4.37
CA ILE B 358 -19.65 -8.20 5.36
C ILE B 358 -18.28 -8.24 4.71
N GLY B 359 -18.07 -9.18 3.80
CA GLY B 359 -16.80 -9.26 3.10
C GLY B 359 -16.55 -8.04 2.24
N ILE B 360 -17.58 -7.57 1.53
CA ILE B 360 -17.40 -6.42 0.67
C ILE B 360 -17.11 -5.18 1.49
N LEU B 361 -17.77 -5.04 2.64
CA LEU B 361 -17.44 -3.93 3.53
C LEU B 361 -16.01 -4.04 4.05
N ARG B 362 -15.58 -5.25 4.40
CA ARG B 362 -14.22 -5.43 4.89
C ARG B 362 -13.18 -5.17 3.81
N GLU B 363 -13.55 -5.31 2.54
CA GLU B 363 -12.59 -5.12 1.46
C GLU B 363 -12.49 -3.67 1.01
N TYR B 364 -13.59 -2.93 1.03
CA TYR B 364 -13.58 -1.53 0.64
C TYR B 364 -13.35 -0.58 1.80
N GLY B 365 -13.17 -1.09 3.01
CA GLY B 365 -12.87 -0.25 4.14
C GLY B 365 -13.94 0.79 4.46
N VAL B 366 -15.17 0.34 4.70
CA VAL B 366 -16.26 1.22 5.06
C VAL B 366 -17.03 0.61 6.22
N SER B 367 -17.76 1.46 6.94
CA SER B 367 -18.58 1.01 8.05
C SER B 367 -20.03 1.40 7.89
N GLN B 368 -20.47 1.67 6.66
CA GLN B 368 -21.85 2.06 6.41
C GLN B 368 -22.10 2.02 4.92
N MET B 369 -23.20 1.40 4.49
CA MET B 369 -23.44 1.34 3.05
C MET B 369 -24.90 1.16 2.76
N PRO B 370 -25.45 1.89 1.78
CA PRO B 370 -26.83 1.66 1.38
C PRO B 370 -26.95 0.46 0.46
N VAL B 371 -28.14 -0.13 0.44
CA VAL B 371 -28.44 -1.28 -0.39
C VAL B 371 -29.65 -0.93 -1.25
N VAL B 372 -29.50 -1.11 -2.56
CA VAL B 372 -30.52 -0.74 -3.52
C VAL B 372 -30.78 -1.92 -4.45
N GLY B 373 -31.82 -1.78 -5.26
CA GLY B 373 -32.20 -2.83 -6.18
C GLY B 373 -31.49 -2.75 -7.52
N ALA B 374 -31.58 -1.60 -8.18
CA ALA B 374 -31.01 -1.45 -9.52
C ALA B 374 -29.52 -1.13 -9.41
N GLU B 375 -28.92 -0.72 -10.52
CA GLU B 375 -27.51 -0.38 -10.54
C GLU B 375 -27.26 0.92 -9.79
N PRO B 376 -26.02 1.14 -9.34
CA PRO B 376 -25.72 2.33 -8.54
C PRO B 376 -26.06 3.60 -9.30
N PRO B 377 -25.49 3.80 -10.49
CA PRO B 377 -25.67 5.10 -11.16
C PRO B 377 -27.13 5.47 -11.38
N VAL B 378 -27.91 4.58 -11.98
CA VAL B 378 -29.28 4.92 -12.35
C VAL B 378 -30.16 5.17 -11.15
N MET B 379 -29.70 4.86 -9.94
CA MET B 379 -30.52 5.01 -8.75
C MET B 379 -30.96 6.47 -8.59
N ALA B 380 -32.19 6.66 -8.14
CA ALA B 380 -32.77 7.98 -7.99
C ALA B 380 -33.16 8.29 -6.55
N GLY B 381 -32.47 7.68 -5.59
CA GLY B 381 -32.73 7.93 -4.19
C GLY B 381 -33.81 7.09 -3.57
N GLU B 382 -34.19 5.98 -4.20
CA GLU B 382 -35.18 5.08 -3.65
C GLU B 382 -34.54 3.92 -2.88
N VAL B 383 -33.29 4.09 -2.44
CA VAL B 383 -32.60 3.02 -1.75
C VAL B 383 -33.40 2.59 -0.53
N ALA B 384 -33.49 1.26 -0.33
CA ALA B 384 -34.27 0.70 0.77
C ALA B 384 -33.40 0.29 1.95
N GLY B 385 -32.36 -0.52 1.70
CA GLY B 385 -31.54 -1.02 2.79
C GLY B 385 -30.45 -0.04 3.19
N SER B 386 -30.01 -0.15 4.44
CA SER B 386 -28.90 0.66 4.94
C SER B 386 -28.20 -0.16 6.01
N VAL B 387 -27.12 -0.84 5.62
CA VAL B 387 -26.44 -1.78 6.48
C VAL B 387 -25.13 -1.18 6.94
N SER B 388 -24.91 -1.17 8.25
CA SER B 388 -23.64 -0.73 8.79
C SER B 388 -22.72 -1.94 8.90
N GLU B 389 -21.60 -1.78 9.58
CA GLU B 389 -20.68 -2.88 9.80
C GLU B 389 -20.72 -3.41 11.22
N ARG B 390 -21.07 -2.56 12.19
CA ARG B 390 -21.15 -3.01 13.57
C ARG B 390 -22.40 -3.82 13.82
N GLU B 391 -23.51 -3.48 13.17
CA GLU B 391 -24.76 -4.20 13.41
C GLU B 391 -24.63 -5.67 13.02
N LEU B 392 -24.14 -5.94 11.81
CA LEU B 392 -24.01 -7.32 11.38
C LEU B 392 -23.05 -8.08 12.28
N LEU B 393 -21.94 -7.47 12.64
CA LEU B 393 -21.00 -8.14 13.54
C LEU B 393 -21.64 -8.43 14.88
N SER B 394 -22.53 -7.56 15.34
CA SER B 394 -23.24 -7.81 16.59
C SER B 394 -24.40 -8.77 16.40
N ALA B 395 -24.80 -9.04 15.16
CA ALA B 395 -25.89 -9.97 14.90
C ALA B 395 -25.40 -11.34 14.48
N VAL B 396 -24.19 -11.43 13.93
CA VAL B 396 -23.68 -12.73 13.53
C VAL B 396 -23.42 -13.60 14.75
N PHE B 397 -22.99 -12.99 15.85
CA PHE B 397 -22.68 -13.75 17.05
C PHE B 397 -23.83 -13.82 18.03
N GLU B 398 -24.77 -12.88 17.97
CA GLU B 398 -25.89 -12.86 18.91
C GLU B 398 -26.95 -13.90 18.59
N GLY B 399 -26.68 -14.83 17.67
CA GLY B 399 -27.65 -15.82 17.28
C GLY B 399 -28.84 -15.29 16.53
N ARG B 400 -29.01 -13.98 16.41
CA ARG B 400 -30.14 -13.40 15.71
C ARG B 400 -29.95 -13.37 14.20
N ALA B 401 -28.87 -13.97 13.70
CA ALA B 401 -28.66 -14.04 12.26
C ALA B 401 -27.68 -15.17 11.97
N LYS B 402 -27.62 -15.56 10.70
CA LYS B 402 -26.69 -16.58 10.25
C LYS B 402 -26.17 -16.20 8.88
N LEU B 403 -24.91 -16.57 8.62
CA LEU B 403 -24.26 -16.16 7.39
C LEU B 403 -25.11 -16.53 6.17
N ALA B 404 -25.73 -17.70 6.18
CA ALA B 404 -26.55 -18.08 5.04
C ALA B 404 -27.76 -17.17 4.88
N ASP B 405 -28.12 -16.42 5.91
CA ASP B 405 -29.31 -15.58 5.85
C ASP B 405 -29.13 -14.45 4.85
N ALA B 406 -30.24 -13.98 4.30
CA ALA B 406 -30.22 -12.88 3.35
C ALA B 406 -30.21 -11.55 4.08
N VAL B 407 -29.41 -10.60 3.58
CA VAL B 407 -29.29 -9.32 4.24
C VAL B 407 -30.60 -8.55 4.23
N SER B 408 -31.52 -8.91 3.34
CA SER B 408 -32.75 -8.13 3.21
C SER B 408 -33.63 -8.22 4.45
N ALA B 409 -33.34 -9.13 5.37
CA ALA B 409 -34.11 -9.27 6.60
C ALA B 409 -33.41 -8.70 7.81
N HIS B 410 -32.27 -8.03 7.62
CA HIS B 410 -31.57 -7.41 8.73
C HIS B 410 -31.12 -5.98 8.46
N MET B 411 -31.46 -5.40 7.33
CA MET B 411 -31.01 -4.05 7.03
C MET B 411 -31.62 -3.04 7.99
N SER B 412 -30.80 -2.10 8.42
CA SER B 412 -31.26 -1.03 9.29
C SER B 412 -32.05 0.00 8.48
N PRO B 413 -32.86 0.82 9.15
CA PRO B 413 -33.63 1.83 8.44
C PRO B 413 -32.73 2.71 7.60
N PRO B 414 -33.14 3.05 6.38
CA PRO B 414 -32.25 3.76 5.46
C PRO B 414 -31.76 5.07 6.06
N LEU B 415 -30.45 5.21 6.13
CA LEU B 415 -29.86 6.41 6.71
C LEU B 415 -30.19 7.64 5.87
N ARG B 416 -30.48 8.74 6.55
CA ARG B 416 -30.93 9.94 5.86
C ARG B 416 -29.82 10.53 5.02
N MET B 417 -30.21 11.24 3.96
CA MET B 417 -29.29 11.88 3.04
C MET B 417 -29.19 13.37 3.33
N ILE B 418 -28.08 13.95 2.86
CA ILE B 418 -27.87 15.41 3.05
C ILE B 418 -27.42 15.98 1.71
N GLY B 419 -27.03 17.25 1.70
CA GLY B 419 -26.60 17.90 0.48
C GLY B 419 -25.21 17.47 0.06
N ALA B 420 -24.84 17.86 -1.16
CA ALA B 420 -23.57 17.52 -1.75
C ALA B 420 -22.61 18.70 -1.81
N GLY B 421 -23.08 19.84 -2.27
CA GLY B 421 -22.26 21.03 -2.33
C GLY B 421 -22.26 21.87 -1.07
N GLU B 422 -22.88 21.38 0.01
CA GLU B 422 -22.97 22.16 1.22
C GLU B 422 -21.62 22.23 1.92
N LEU B 423 -21.45 23.26 2.74
CA LEU B 423 -20.21 23.46 3.46
C LEU B 423 -20.02 22.40 4.53
N VAL B 424 -18.76 22.14 4.86
CA VAL B 424 -18.47 21.12 5.87
C VAL B 424 -19.09 21.50 7.20
N SER B 425 -19.10 22.79 7.53
CA SER B 425 -19.63 23.23 8.82
C SER B 425 -21.03 22.67 9.05
N ALA B 426 -21.92 22.87 8.08
CA ALA B 426 -23.27 22.34 8.21
C ALA B 426 -23.24 20.81 8.26
N ALA B 427 -22.31 20.20 7.52
CA ALA B 427 -22.22 18.75 7.53
C ALA B 427 -21.99 18.23 8.95
N GLY B 428 -21.00 18.79 9.64
CA GLY B 428 -20.76 18.36 11.01
C GLY B 428 -21.90 18.72 11.95
N LYS B 429 -22.44 19.92 11.80
CA LYS B 429 -23.56 20.31 12.64
C LYS B 429 -24.69 19.30 12.54
N ALA B 430 -24.99 18.85 11.32
CA ALA B 430 -26.01 17.82 11.15
C ALA B 430 -25.52 16.47 11.65
N LEU B 431 -24.23 16.16 11.47
CA LEU B 431 -23.70 14.89 11.94
C LEU B 431 -23.82 14.76 13.45
N ARG B 432 -24.00 15.87 14.15
CA ARG B 432 -24.13 15.77 15.61
C ARG B 432 -25.29 14.86 16.02
N ASP B 433 -26.29 14.68 15.17
CA ASP B 433 -27.46 13.88 15.52
C ASP B 433 -27.50 12.51 14.86
N TRP B 434 -26.52 12.17 14.03
CA TRP B 434 -26.49 10.86 13.39
C TRP B 434 -25.05 10.45 13.21
N ASP B 435 -24.84 9.14 13.07
CA ASP B 435 -23.51 8.59 12.96
C ASP B 435 -23.05 8.43 11.52
N ALA B 436 -23.86 8.85 10.56
CA ALA B 436 -23.48 8.77 9.15
C ALA B 436 -24.59 9.41 8.34
N LEU B 437 -24.33 9.61 7.06
CA LEU B 437 -25.34 10.13 6.15
C LEU B 437 -24.98 9.75 4.73
N MET B 438 -25.95 9.85 3.84
CA MET B 438 -25.76 9.50 2.44
C MET B 438 -25.72 10.80 1.63
N VAL B 439 -24.55 11.10 1.08
CA VAL B 439 -24.38 12.30 0.26
C VAL B 439 -24.83 11.98 -1.15
N VAL B 440 -25.83 12.72 -1.63
CA VAL B 440 -26.38 12.53 -2.97
C VAL B 440 -25.84 13.63 -3.88
N GLU B 441 -25.33 13.24 -5.04
CA GLU B 441 -24.65 14.15 -5.95
C GLU B 441 -25.66 14.66 -6.97
N GLU B 442 -26.24 15.82 -6.69
CA GLU B 442 -27.20 16.51 -7.55
C GLU B 442 -28.56 15.83 -7.59
N GLY B 443 -28.74 14.72 -6.88
CA GLY B 443 -30.01 14.02 -6.91
C GLY B 443 -29.85 12.52 -6.97
N LYS B 444 -28.59 12.04 -6.95
CA LYS B 444 -28.30 10.63 -6.94
C LYS B 444 -27.41 10.28 -5.75
N PRO B 445 -27.68 9.19 -5.05
CA PRO B 445 -26.79 8.79 -3.97
C PRO B 445 -25.38 8.52 -4.50
N VAL B 446 -24.42 9.33 -4.07
CA VAL B 446 -23.07 9.28 -4.60
C VAL B 446 -22.09 8.70 -3.58
N GLY B 447 -22.27 9.00 -2.30
CA GLY B 447 -21.33 8.45 -1.33
C GLY B 447 -21.94 8.43 0.06
N VAL B 448 -21.13 8.00 1.01
CA VAL B 448 -21.54 7.95 2.41
C VAL B 448 -20.49 8.69 3.25
N ILE B 449 -20.96 9.50 4.18
CA ILE B 449 -20.10 10.31 5.03
C ILE B 449 -20.30 9.91 6.48
N THR B 450 -19.19 9.68 7.19
CA THR B 450 -19.21 9.30 8.59
C THR B 450 -18.33 10.25 9.38
N ARG B 451 -18.64 10.39 10.67
CA ARG B 451 -17.89 11.32 11.51
C ARG B 451 -16.40 11.06 11.41
N TYR B 452 -16.00 9.79 11.38
CA TYR B 452 -14.59 9.46 11.34
C TYR B 452 -13.92 10.06 10.11
N ASP B 453 -14.55 9.93 8.95
CA ASP B 453 -13.97 10.48 7.73
C ASP B 453 -13.89 12.00 7.80
N LEU B 454 -14.94 12.65 8.30
CA LEU B 454 -14.90 14.10 8.39
C LEU B 454 -13.76 14.57 9.27
N LEU B 455 -13.60 13.93 10.43
CA LEU B 455 -12.51 14.32 11.33
C LEU B 455 -11.16 14.07 10.68
N GLY B 456 -11.02 12.93 9.99
CA GLY B 456 -9.76 12.65 9.32
C GLY B 456 -9.42 13.68 8.27
N PHE B 457 -10.44 14.09 7.49
CA PHE B 457 -10.22 15.11 6.44
C PHE B 457 -9.82 16.44 7.11
N LEU B 458 -10.55 16.84 8.15
CA LEU B 458 -10.26 18.13 8.78
C LEU B 458 -8.89 18.13 9.44
N SER B 459 -8.43 16.99 9.95
CA SER B 459 -7.13 16.95 10.60
C SER B 459 -5.99 16.74 9.62
N GLU B 460 -6.26 16.17 8.44
CA GLU B 460 -5.19 15.91 7.49
C GLU B 460 -4.64 17.21 6.92
N GLY B 461 -5.52 18.15 6.60
CA GLY B 461 -5.11 19.40 6.00
C GLY B 461 -5.54 19.57 4.55
N ILE C 4 8.47 52.76 24.37
CA ILE C 4 8.84 54.04 23.79
C ILE C 4 8.64 54.03 22.28
N ALA C 5 9.07 52.95 21.65
CA ALA C 5 9.02 52.87 20.19
C ALA C 5 7.60 53.00 19.69
N GLN C 6 7.42 53.83 18.65
CA GLN C 6 6.08 54.01 18.10
C GLN C 6 5.56 52.73 17.47
N HIS C 7 6.44 51.99 16.80
CA HIS C 7 6.04 50.76 16.13
C HIS C 7 7.24 49.82 16.08
N ILE C 8 6.95 48.53 15.86
CA ILE C 8 8.04 47.55 15.84
C ILE C 8 9.03 47.86 14.73
N SER C 9 8.56 48.42 13.62
CA SER C 9 9.45 48.68 12.50
C SER C 9 10.57 49.66 12.85
N GLU C 10 10.39 50.49 13.87
CA GLU C 10 11.40 51.46 14.23
C GLU C 10 12.51 50.88 15.10
N LEU C 11 12.60 49.56 15.21
CA LEU C 11 13.73 48.91 15.85
C LEU C 11 14.71 48.30 14.85
N ILE C 12 14.46 48.45 13.56
CA ILE C 12 15.38 47.91 12.57
C ILE C 12 16.62 48.78 12.50
N GLY C 13 17.77 48.14 12.57
CA GLY C 13 19.05 48.83 12.59
C GLY C 13 19.75 48.66 13.92
N GLY C 14 20.93 49.26 14.01
CA GLY C 14 21.73 49.14 15.21
C GLY C 14 22.12 47.73 15.55
N THR C 15 22.34 46.91 14.54
CA THR C 15 22.72 45.52 14.80
C THR C 15 24.07 45.49 15.51
N PRO C 16 24.23 44.61 16.50
CA PRO C 16 25.50 44.55 17.24
C PRO C 16 26.58 43.86 16.42
N LEU C 17 27.78 43.88 16.99
CA LEU C 17 28.95 43.22 16.41
C LEU C 17 29.50 42.20 17.38
N VAL C 18 29.97 41.08 16.86
CA VAL C 18 30.51 39.99 17.67
C VAL C 18 31.89 39.65 17.16
N ARG C 19 32.70 39.03 18.01
CA ARG C 19 34.05 38.62 17.65
C ARG C 19 34.12 37.11 17.58
N LEU C 20 34.32 36.57 16.37
CA LEU C 20 34.50 35.14 16.23
C LEU C 20 35.84 34.73 16.84
N ASN C 21 35.83 33.62 17.58
CA ASN C 21 37.04 33.14 18.23
C ASN C 21 37.46 31.74 17.81
N SER C 22 36.59 30.97 17.17
CA SER C 22 36.93 29.62 16.76
C SER C 22 36.98 29.43 15.25
N VAL C 23 36.48 30.39 14.47
CA VAL C 23 36.49 30.29 13.02
C VAL C 23 37.64 31.06 12.40
N VAL C 24 38.53 31.62 13.23
CA VAL C 24 39.65 32.41 12.77
C VAL C 24 40.94 31.75 13.18
N PRO C 25 41.66 31.11 12.29
CA PRO C 25 42.94 30.48 12.63
C PRO C 25 43.82 31.47 13.37
N ASP C 26 44.55 30.97 14.36
CA ASP C 26 45.40 31.81 15.17
C ASP C 26 46.42 32.52 14.30
N GLY C 27 46.89 33.66 14.81
CA GLY C 27 47.87 34.46 14.11
C GLY C 27 47.29 35.49 13.17
N ALA C 28 45.98 35.43 12.92
CA ALA C 28 45.33 36.40 12.05
C ALA C 28 44.68 37.50 12.88
N GLY C 29 44.40 38.61 12.21
CA GLY C 29 43.79 39.73 12.87
C GLY C 29 42.34 39.46 13.24
N THR C 30 41.80 40.34 14.07
CA THR C 30 40.43 40.18 14.53
C THR C 30 39.48 40.22 13.34
N VAL C 31 38.55 39.28 13.32
CA VAL C 31 37.55 39.20 12.27
C VAL C 31 36.19 39.19 12.95
N ALA C 32 35.61 40.36 13.11
CA ALA C 32 34.30 40.50 13.73
C ALA C 32 33.20 40.36 12.69
N ALA C 33 32.02 39.99 13.18
CA ALA C 33 30.87 39.75 12.34
C ALA C 33 29.70 40.62 12.79
N LYS C 34 28.92 41.08 11.83
CA LYS C 34 27.72 41.86 12.08
C LYS C 34 26.52 40.96 11.82
N VAL C 35 25.83 40.59 12.88
CA VAL C 35 24.67 39.72 12.77
C VAL C 35 23.46 40.55 12.43
N GLU C 36 22.58 40.01 11.59
CA GLU C 36 21.41 40.73 11.14
C GLU C 36 20.09 40.10 11.56
N TYR C 37 20.12 38.97 12.26
CA TYR C 37 18.89 38.31 12.65
C TYR C 37 18.32 38.83 13.95
N LEU C 38 18.96 39.82 14.56
CA LEU C 38 18.41 40.45 15.75
C LEU C 38 17.41 41.54 15.41
N ASN C 39 17.18 41.83 14.14
CA ASN C 39 16.19 42.82 13.77
C ASN C 39 14.79 42.25 13.91
N PRO C 40 13.77 43.12 14.00
CA PRO C 40 12.40 42.61 14.12
C PRO C 40 12.00 41.72 12.97
N GLY C 41 12.46 42.00 11.76
CA GLY C 41 12.11 41.15 10.64
C GLY C 41 12.84 39.84 10.57
N GLY C 42 13.86 39.65 11.41
CA GLY C 42 14.64 38.45 11.37
C GLY C 42 15.64 38.37 10.24
N SER C 43 15.63 39.33 9.32
CA SER C 43 16.56 39.34 8.20
C SER C 43 17.09 40.75 7.99
N SER C 44 18.29 40.84 7.43
CA SER C 44 18.86 42.15 7.16
C SER C 44 18.14 42.89 6.05
N LYS C 45 17.25 42.21 5.32
CA LYS C 45 16.57 42.85 4.21
C LYS C 45 15.54 43.86 4.67
N ASP C 46 15.02 43.74 5.89
CA ASP C 46 13.95 44.64 6.32
C ASP C 46 14.38 46.10 6.23
N ARG C 47 15.68 46.37 6.37
CA ARG C 47 16.15 47.74 6.25
C ARG C 47 15.88 48.26 4.84
N ILE C 48 16.17 47.45 3.83
CA ILE C 48 15.82 47.81 2.47
C ILE C 48 14.32 48.02 2.36
N ALA C 49 13.54 47.20 3.05
CA ALA C 49 12.09 47.37 3.03
C ALA C 49 11.71 48.75 3.50
N VAL C 50 12.19 49.14 4.69
CA VAL C 50 11.77 50.42 5.27
C VAL C 50 12.21 51.57 4.38
N LYS C 51 13.45 51.51 3.88
CA LYS C 51 13.94 52.64 3.06
C LYS C 51 13.06 52.73 1.81
N MET C 52 12.82 51.60 1.15
CA MET C 52 12.06 51.63 -0.09
C MET C 52 10.65 52.15 0.13
N ILE C 53 10.02 51.71 1.22
CA ILE C 53 8.67 52.19 1.52
C ILE C 53 8.68 53.68 1.79
N GLU C 54 9.66 54.17 2.55
CA GLU C 54 9.76 55.60 2.80
C GLU C 54 9.90 56.36 1.50
N ALA C 55 10.78 55.90 0.62
CA ALA C 55 11.00 56.60 -0.65
C ALA C 55 9.73 56.58 -1.48
N ALA C 56 9.05 55.44 -1.57
CA ALA C 56 7.84 55.37 -2.37
C ALA C 56 6.77 56.30 -1.83
N GLU C 57 6.60 56.31 -0.50
CA GLU C 57 5.61 57.21 0.09
C GLU C 57 5.95 58.66 -0.18
N ALA C 58 7.22 59.02 -0.08
CA ALA C 58 7.61 60.39 -0.33
C ALA C 58 7.54 60.76 -1.79
N SER C 59 7.53 59.77 -2.69
CA SER C 59 7.53 60.05 -4.11
C SER C 59 6.15 60.48 -4.59
N GLY C 60 5.16 59.61 -4.45
CA GLY C 60 3.82 59.92 -4.89
C GLY C 60 3.22 58.86 -5.79
N GLN C 61 4.07 57.97 -6.30
CA GLN C 61 3.59 56.90 -7.16
C GLN C 61 2.85 55.81 -6.39
N LEU C 62 2.83 55.88 -5.07
CA LEU C 62 2.11 54.94 -4.21
C LEU C 62 1.21 55.75 -3.29
N LYS C 63 -0.03 55.97 -3.71
CA LYS C 63 -0.96 56.76 -2.93
C LYS C 63 -1.49 55.95 -1.75
N PRO C 64 -1.92 56.61 -0.69
CA PRO C 64 -2.48 55.89 0.46
C PRO C 64 -3.65 55.02 0.02
N GLY C 65 -3.74 53.85 0.62
CA GLY C 65 -4.75 52.89 0.21
C GLY C 65 -4.37 52.04 -0.98
N GLY C 66 -3.11 52.09 -1.42
CA GLY C 66 -2.66 51.29 -2.54
C GLY C 66 -2.35 49.87 -2.13
N THR C 67 -1.64 49.17 -3.02
CA THR C 67 -1.32 47.76 -2.81
C THR C 67 0.07 47.49 -3.37
N ILE C 68 0.94 46.99 -2.52
CA ILE C 68 2.27 46.57 -2.95
C ILE C 68 2.18 45.24 -3.66
N VAL C 69 3.06 45.03 -4.64
CA VAL C 69 3.09 43.76 -5.36
C VAL C 69 4.48 43.55 -5.95
N GLU C 70 5.03 42.37 -5.72
CA GLU C 70 6.35 42.04 -6.26
C GLU C 70 6.68 40.61 -5.92
N PRO C 71 7.65 40.00 -6.58
CA PRO C 71 8.00 38.61 -6.26
C PRO C 71 8.83 38.52 -4.99
N THR C 72 8.22 38.03 -3.92
CA THR C 72 8.87 37.96 -2.61
C THR C 72 9.62 36.64 -2.53
N SER C 73 10.96 36.72 -2.63
CA SER C 73 11.77 35.51 -2.55
C SER C 73 11.44 34.73 -1.30
N GLY C 74 11.11 35.46 -0.23
CA GLY C 74 10.82 34.82 1.07
C GLY C 74 10.96 35.81 2.21
N ASN C 75 12.19 36.21 2.55
CA ASN C 75 12.42 37.18 3.65
C ASN C 75 11.98 38.58 3.20
N THR C 76 11.82 38.80 1.89
CA THR C 76 11.30 40.10 1.41
C THR C 76 9.89 40.21 1.98
N GLY C 77 9.15 39.12 1.82
CA GLY C 77 7.81 39.10 2.42
C GLY C 77 7.91 39.45 3.89
N VAL C 78 9.12 39.40 4.47
CA VAL C 78 9.09 39.71 5.90
C VAL C 78 9.10 41.22 6.08
N GLY C 79 10.16 41.88 5.64
CA GLY C 79 10.28 43.31 5.86
C GLY C 79 9.22 44.11 5.13
N LEU C 80 8.94 43.74 3.87
CA LEU C 80 7.96 44.51 3.11
C LEU C 80 6.60 44.47 3.78
N ALA C 81 6.11 43.29 4.12
CA ALA C 81 4.84 43.19 4.81
C ALA C 81 4.91 43.86 6.18
N LEU C 82 6.05 43.78 6.86
CA LEU C 82 6.19 44.47 8.13
C LEU C 82 5.92 45.96 7.97
N VAL C 83 6.60 46.59 7.02
CA VAL C 83 6.42 48.02 6.83
C VAL C 83 4.98 48.32 6.41
N ALA C 84 4.45 47.53 5.48
CA ALA C 84 3.10 47.80 4.99
C ALA C 84 2.08 47.72 6.11
N GLN C 85 2.19 46.70 6.96
CA GLN C 85 1.29 46.58 8.09
C GLN C 85 1.49 47.72 9.07
N ARG C 86 2.73 48.18 9.23
CA ARG C 86 2.96 49.34 10.09
C ARG C 86 2.15 50.54 9.59
N ARG C 87 2.28 50.84 8.31
CA ARG C 87 1.53 51.96 7.75
C ARG C 87 0.11 51.58 7.36
N GLY C 88 -0.19 50.28 7.28
CA GLY C 88 -1.53 49.85 6.94
C GLY C 88 -1.76 49.66 5.45
N TYR C 89 -0.83 49.00 4.78
CA TYR C 89 -0.96 48.71 3.36
C TYR C 89 -1.38 47.26 3.15
N LYS C 90 -1.44 46.84 1.89
CA LYS C 90 -1.67 45.46 1.52
C LYS C 90 -0.40 44.84 0.94
N CYS C 91 -0.41 43.52 0.85
CA CYS C 91 0.75 42.80 0.31
C CYS C 91 0.25 41.64 -0.52
N VAL C 92 0.64 41.62 -1.79
CA VAL C 92 0.34 40.52 -2.70
C VAL C 92 1.65 40.04 -3.30
N PHE C 93 1.95 38.76 -3.12
CA PHE C 93 3.22 38.20 -3.54
C PHE C 93 3.02 37.12 -4.58
N VAL C 94 3.71 37.27 -5.72
CA VAL C 94 3.75 36.25 -6.75
C VAL C 94 5.22 35.97 -7.00
N CYS C 95 5.68 34.79 -6.57
CA CYS C 95 7.14 34.52 -6.67
C CYS C 95 7.35 33.04 -7.02
N PRO C 96 8.57 32.46 -6.94
CA PRO C 96 8.75 31.03 -7.15
C PRO C 96 7.83 30.26 -6.18
N ASP C 97 6.84 29.53 -6.71
CA ASP C 97 5.94 28.73 -5.85
C ASP C 97 6.81 27.93 -4.87
N LYS C 98 7.99 27.50 -5.33
CA LYS C 98 8.88 26.60 -4.55
C LYS C 98 9.39 27.36 -3.31
N VAL C 99 9.05 28.65 -3.19
CA VAL C 99 9.14 29.33 -1.87
C VAL C 99 8.81 28.30 -0.79
N SER C 100 9.73 28.06 0.14
CA SER C 100 9.52 27.01 1.17
C SER C 100 8.10 27.11 1.75
N GLU C 101 7.50 25.97 2.06
CA GLU C 101 6.15 26.00 2.70
C GLU C 101 6.23 26.93 3.91
N ASP C 102 7.11 26.64 4.87
CA ASP C 102 7.25 27.57 5.99
C ASP C 102 7.33 29.01 5.51
N LYS C 103 8.05 29.26 4.42
CA LYS C 103 8.21 30.63 3.96
C LYS C 103 6.86 31.27 3.64
N ARG C 104 6.06 30.62 2.82
CA ARG C 104 4.78 31.23 2.46
C ARG C 104 3.81 31.18 3.62
N ASN C 105 3.92 30.20 4.52
CA ASN C 105 3.08 30.22 5.71
C ASN C 105 3.37 31.47 6.54
N VAL C 106 4.65 31.78 6.73
CA VAL C 106 5.00 32.97 7.49
C VAL C 106 4.55 34.22 6.76
N LEU C 107 4.74 34.27 5.45
CA LEU C 107 4.30 35.44 4.70
C LEU C 107 2.80 35.66 4.85
N ILE C 108 2.02 34.59 4.79
CA ILE C 108 0.58 34.72 5.00
C ILE C 108 0.31 35.19 6.42
N ALA C 109 1.08 34.68 7.39
CA ALA C 109 0.84 35.07 8.77
C ALA C 109 0.90 36.57 8.95
N TYR C 110 1.74 37.25 8.19
CA TYR C 110 1.84 38.70 8.27
C TYR C 110 0.76 39.41 7.47
N GLY C 111 -0.30 38.70 7.09
CA GLY C 111 -1.40 39.30 6.38
C GLY C 111 -1.05 39.74 4.97
N ALA C 112 -0.61 38.80 4.15
CA ALA C 112 -0.26 39.09 2.76
C ALA C 112 -0.85 38.01 1.88
N GLU C 113 -1.81 38.39 1.05
CA GLU C 113 -2.41 37.43 0.12
C GLU C 113 -1.38 36.98 -0.90
N VAL C 114 -1.28 35.67 -1.09
CA VAL C 114 -0.30 35.09 -2.01
C VAL C 114 -1.04 34.34 -3.11
N VAL C 115 -0.72 34.67 -4.36
CA VAL C 115 -1.20 33.96 -5.54
C VAL C 115 0.00 33.38 -6.27
N VAL C 116 1.00 32.94 -5.50
CA VAL C 116 2.27 32.49 -6.05
C VAL C 116 2.04 31.47 -7.16
N CYS C 117 3.07 31.30 -8.00
CA CYS C 117 3.05 30.48 -9.20
C CYS C 117 4.32 29.68 -9.26
N PRO C 118 4.30 28.52 -9.92
CA PRO C 118 5.52 27.72 -10.06
C PRO C 118 6.61 28.48 -10.79
N THR C 119 7.85 28.17 -10.42
CA THR C 119 9.03 28.81 -11.00
C THR C 119 9.75 27.84 -11.93
N ALA C 120 10.90 28.29 -12.43
CA ALA C 120 11.76 27.56 -13.36
C ALA C 120 11.17 27.43 -14.75
N VAL C 121 9.97 27.96 -15.00
CA VAL C 121 9.31 27.87 -16.28
C VAL C 121 9.36 29.26 -16.94
N PRO C 122 10.11 29.44 -18.01
CA PRO C 122 10.13 30.75 -18.69
C PRO C 122 8.79 31.02 -19.34
N PRO C 123 8.00 31.93 -18.78
CA PRO C 123 6.61 32.08 -19.24
C PRO C 123 6.49 32.55 -20.68
N HIS C 124 7.04 33.72 -20.99
CA HIS C 124 6.81 34.39 -22.26
C HIS C 124 5.32 34.54 -22.54
N ASP C 125 4.49 34.37 -21.50
CA ASP C 125 3.05 34.44 -21.57
C ASP C 125 2.48 34.27 -20.17
N PRO C 126 1.21 34.55 -19.97
CA PRO C 126 0.64 34.36 -18.63
C PRO C 126 0.62 32.88 -18.28
N ALA C 127 1.80 32.32 -18.09
CA ALA C 127 1.94 30.95 -17.61
C ALA C 127 3.09 30.71 -16.61
N SER C 128 3.47 31.73 -15.83
CA SER C 128 4.61 31.54 -14.90
C SER C 128 4.52 32.53 -13.74
N TYR C 129 5.45 32.41 -12.78
CA TYR C 129 5.40 33.27 -11.61
C TYR C 129 5.55 34.73 -12.03
N TYR C 130 6.57 35.04 -12.83
CA TYR C 130 6.70 36.41 -13.31
C TYR C 130 5.56 36.76 -14.25
N SER C 131 5.03 35.77 -14.97
CA SER C 131 3.88 36.02 -15.83
C SER C 131 2.70 36.52 -15.00
N VAL C 132 2.38 35.80 -13.93
CA VAL C 132 1.21 36.20 -13.08
C VAL C 132 1.54 37.52 -12.38
N SER C 133 2.81 37.73 -12.01
CA SER C 133 3.19 39.00 -11.38
C SER C 133 2.94 40.17 -12.32
N ASP C 134 3.39 40.06 -13.55
CA ASP C 134 3.20 41.12 -14.53
C ASP C 134 1.71 41.31 -14.84
N ARG C 135 0.96 40.22 -14.95
CA ARG C 135 -0.48 40.34 -15.19
C ARG C 135 -1.17 41.08 -14.07
N LEU C 136 -0.83 40.77 -12.82
CA LEU C 136 -1.41 41.49 -11.68
C LEU C 136 -1.00 42.94 -11.69
N VAL C 137 0.27 43.22 -12.01
CA VAL C 137 0.74 44.60 -12.07
C VAL C 137 -0.06 45.39 -13.10
N ARG C 138 -0.28 44.79 -14.27
CA ARG C 138 -1.07 45.44 -15.29
C ARG C 138 -2.52 45.63 -14.84
N ASP C 139 -3.05 44.66 -14.10
CA ASP C 139 -4.47 44.67 -13.75
C ASP C 139 -4.78 45.63 -12.61
N ILE C 140 -4.20 45.38 -11.44
CA ILE C 140 -4.60 46.11 -10.24
C ILE C 140 -4.20 47.57 -10.36
N ASP C 141 -4.98 48.43 -9.73
CA ASP C 141 -4.70 49.86 -9.68
C ASP C 141 -4.08 50.25 -8.35
N GLY C 142 -3.39 51.38 -8.35
CA GLY C 142 -2.70 51.83 -7.14
C GLY C 142 -1.65 50.86 -6.65
N ALA C 143 -1.09 50.05 -7.53
CA ALA C 143 -0.11 49.05 -7.15
C ALA C 143 1.30 49.64 -7.27
N TRP C 144 2.31 48.79 -7.09
CA TRP C 144 3.69 49.20 -7.19
C TRP C 144 4.59 47.97 -7.30
N LYS C 145 5.55 48.00 -8.21
CA LYS C 145 6.50 46.88 -8.35
C LYS C 145 7.84 47.35 -7.80
N PRO C 146 8.11 47.15 -6.52
CA PRO C 146 9.39 47.60 -5.96
C PRO C 146 10.57 46.99 -6.70
N ASP C 147 10.62 45.67 -6.77
CA ASP C 147 11.66 44.97 -7.53
C ASP C 147 13.05 45.43 -7.12
N GLN C 148 13.40 45.11 -5.88
CA GLN C 148 14.69 45.53 -5.34
C GLN C 148 15.82 45.27 -6.31
N TYR C 149 15.66 44.34 -7.24
CA TYR C 149 16.68 44.11 -8.25
C TYR C 149 17.07 45.41 -8.95
N ALA C 150 16.10 46.23 -9.32
CA ALA C 150 16.38 47.50 -9.99
C ALA C 150 15.71 48.62 -9.21
N ASN C 151 16.38 49.08 -8.16
CA ASN C 151 15.91 50.20 -7.39
C ASN C 151 17.09 50.87 -6.68
N PRO C 152 17.51 52.05 -7.15
CA PRO C 152 18.65 52.70 -6.50
C PRO C 152 18.43 52.95 -5.04
N GLU C 153 17.19 53.22 -4.63
CA GLU C 153 16.92 53.44 -3.22
C GLU C 153 17.35 52.24 -2.38
N GLY C 154 17.34 51.05 -2.97
CA GLY C 154 17.80 49.87 -2.27
C GLY C 154 19.20 50.08 -1.74
N PRO C 155 20.17 50.18 -2.65
CA PRO C 155 21.54 50.45 -2.21
C PRO C 155 21.67 51.74 -1.44
N ALA C 156 20.83 52.74 -1.73
CA ALA C 156 20.90 53.98 -0.97
C ALA C 156 20.63 53.73 0.50
N SER C 157 19.72 52.79 0.78
CA SER C 157 19.42 52.44 2.19
C SER C 157 20.72 52.04 2.88
N HIS C 158 21.41 51.02 2.35
CA HIS C 158 22.71 50.61 2.94
C HIS C 158 23.62 51.82 3.05
N TYR C 159 23.75 52.60 1.97
CA TYR C 159 24.67 53.73 1.98
C TYR C 159 24.35 54.69 3.12
N VAL C 160 23.08 54.73 3.53
CA VAL C 160 22.68 55.65 4.58
C VAL C 160 22.94 55.03 5.95
N THR C 161 22.34 53.88 6.23
CA THR C 161 22.35 53.31 7.57
C THR C 161 22.66 51.82 7.53
N THR C 162 23.65 51.44 6.74
CA THR C 162 24.15 50.06 6.78
C THR C 162 25.66 50.02 6.95
N GLY C 163 26.39 50.94 6.34
CA GLY C 163 27.82 51.00 6.47
C GLY C 163 28.26 52.01 7.51
N PRO C 164 27.62 53.18 7.53
CA PRO C 164 27.99 54.17 8.55
C PRO C 164 27.93 53.60 9.95
N GLU C 165 26.97 52.72 10.22
CA GLU C 165 26.91 52.08 11.52
C GLU C 165 28.17 51.26 11.78
N ILE C 166 28.66 50.56 10.74
CA ILE C 166 29.90 49.80 10.89
C ILE C 166 31.05 50.73 11.21
N TRP C 167 31.15 51.85 10.51
CA TRP C 167 32.22 52.79 10.77
C TRP C 167 32.13 53.33 12.20
N ALA C 168 30.93 53.68 12.65
CA ALA C 168 30.78 54.20 14.00
C ALA C 168 31.18 53.17 15.03
N ASP C 169 30.77 51.92 14.86
CA ASP C 169 31.11 50.89 15.82
C ASP C 169 32.61 50.62 15.83
N THR C 170 33.22 50.55 14.65
CA THR C 170 34.64 50.29 14.58
C THR C 170 35.48 51.57 14.52
N GLU C 171 34.85 52.73 14.46
CA GLU C 171 35.56 54.00 14.41
C GLU C 171 36.45 54.08 13.17
N GLY C 172 35.97 53.55 12.06
CA GLY C 172 36.76 53.57 10.83
C GLY C 172 37.97 52.67 10.85
N LYS C 173 38.15 51.86 11.89
CA LYS C 173 39.29 50.97 12.00
C LYS C 173 38.94 49.57 11.46
N VAL C 174 38.59 49.52 10.18
CA VAL C 174 38.22 48.27 9.52
C VAL C 174 39.08 48.13 8.28
N THR C 175 39.88 47.07 8.21
CA THR C 175 40.75 46.86 7.07
C THR C 175 39.96 46.43 5.85
N HIS C 176 39.30 45.28 5.94
CA HIS C 176 38.55 44.71 4.83
C HIS C 176 37.13 44.39 5.28
N PHE C 177 36.16 44.72 4.43
CA PHE C 177 34.75 44.40 4.68
C PHE C 177 34.28 43.43 3.62
N VAL C 178 34.05 42.18 4.02
CA VAL C 178 33.49 41.20 3.12
C VAL C 178 31.99 41.18 3.31
N ALA C 179 31.28 40.75 2.27
CA ALA C 179 29.83 40.76 2.33
C ALA C 179 29.28 39.65 1.44
N GLY C 180 28.09 39.19 1.80
CA GLY C 180 27.42 38.18 1.02
C GLY C 180 26.73 38.76 -0.20
N ILE C 181 27.53 39.07 -1.23
CA ILE C 181 26.99 39.70 -2.46
C ILE C 181 25.72 38.98 -2.92
N GLY C 182 24.68 39.76 -3.21
CA GLY C 182 23.43 39.19 -3.69
C GLY C 182 22.86 40.02 -4.82
N THR C 183 21.66 40.57 -4.61
CA THR C 183 21.10 41.50 -5.62
C THR C 183 21.93 42.78 -5.59
N GLY C 184 22.92 42.85 -4.70
CA GLY C 184 23.78 44.04 -4.58
C GLY C 184 23.69 44.66 -3.19
N GLY C 185 22.87 45.70 -3.03
CA GLY C 185 22.66 46.34 -1.71
C GLY C 185 23.93 46.42 -0.87
N THR C 186 23.98 45.72 0.26
CA THR C 186 25.15 45.80 1.17
C THR C 186 26.45 45.85 0.34
N ILE C 187 26.67 44.85 -0.52
CA ILE C 187 27.94 44.78 -1.29
C ILE C 187 28.21 46.12 -1.98
N THR C 188 27.17 46.86 -2.34
CA THR C 188 27.36 48.11 -3.07
C THR C 188 27.28 49.30 -2.13
N GLY C 189 26.21 49.38 -1.34
CA GLY C 189 26.06 50.51 -0.44
C GLY C 189 27.18 50.57 0.59
N ALA C 190 27.49 49.44 1.21
CA ALA C 190 28.49 49.44 2.26
C ALA C 190 29.84 49.89 1.71
N GLY C 191 30.23 49.37 0.56
CA GLY C 191 31.50 49.78 -0.03
C GLY C 191 31.49 51.23 -0.43
N ARG C 192 30.42 51.67 -1.09
CA ARG C 192 30.38 53.05 -1.56
C ARG C 192 30.42 54.02 -0.39
N TYR C 193 29.96 53.61 0.79
CA TYR C 193 30.09 54.51 1.92
C TYR C 193 31.45 54.40 2.57
N LEU C 194 31.88 53.18 2.92
CA LEU C 194 33.13 53.01 3.64
C LEU C 194 34.31 53.55 2.84
N LYS C 195 34.24 53.51 1.51
CA LYS C 195 35.37 53.96 0.72
C LYS C 195 35.53 55.47 0.80
N GLU C 196 34.42 56.21 0.76
CA GLU C 196 34.52 57.67 0.74
C GLU C 196 35.13 58.19 2.03
N VAL C 197 34.71 57.65 3.18
CA VAL C 197 35.20 58.14 4.46
C VAL C 197 36.59 57.64 4.79
N SER C 198 37.11 56.68 4.04
CA SER C 198 38.45 56.16 4.28
C SER C 198 39.31 56.17 3.02
N GLY C 199 38.91 56.90 1.99
CA GLY C 199 39.66 56.90 0.75
C GLY C 199 39.82 55.52 0.18
N GLY C 200 41.05 55.00 0.19
CA GLY C 200 41.29 53.66 -0.28
C GLY C 200 41.83 52.78 0.82
N ARG C 201 41.55 53.14 2.06
CA ARG C 201 42.11 52.40 3.18
C ARG C 201 41.40 51.07 3.41
N VAL C 202 40.24 50.87 2.80
CA VAL C 202 39.42 49.68 3.05
C VAL C 202 39.20 48.95 1.74
N ARG C 203 39.37 47.63 1.77
CA ARG C 203 39.09 46.78 0.63
C ARG C 203 37.70 46.17 0.79
N ILE C 204 36.89 46.26 -0.26
CA ILE C 204 35.52 45.77 -0.24
C ILE C 204 35.52 44.40 -0.92
N VAL C 205 35.60 43.35 -0.12
CA VAL C 205 35.59 41.99 -0.67
C VAL C 205 34.15 41.55 -0.96
N GLY C 206 34.03 40.56 -1.83
CA GLY C 206 32.72 40.04 -2.18
C GLY C 206 32.70 38.53 -2.28
N ALA C 207 31.76 37.91 -1.57
CA ALA C 207 31.63 36.45 -1.53
C ALA C 207 30.48 36.01 -2.41
N ASP C 208 30.72 35.00 -3.22
CA ASP C 208 29.73 34.48 -4.15
C ASP C 208 30.05 33.02 -4.42
N PRO C 209 29.05 32.15 -4.42
CA PRO C 209 29.32 30.74 -4.70
C PRO C 209 29.93 30.56 -6.09
N GLU C 210 30.93 29.68 -6.14
CA GLU C 210 31.65 29.41 -7.40
C GLU C 210 30.67 29.19 -8.55
N GLY C 211 31.17 29.30 -9.78
CA GLY C 211 30.32 29.10 -10.94
C GLY C 211 29.17 30.08 -10.99
N SER C 212 29.44 31.35 -10.73
CA SER C 212 28.42 32.38 -10.74
C SER C 212 28.86 33.54 -11.61
N VAL C 213 27.88 34.31 -12.09
CA VAL C 213 28.19 35.41 -12.98
C VAL C 213 29.06 36.45 -12.28
N TYR C 214 28.79 36.74 -11.02
CA TYR C 214 29.60 37.70 -10.29
C TYR C 214 31.06 37.27 -10.23
N SER C 215 31.32 35.97 -10.34
CA SER C 215 32.68 35.45 -10.30
C SER C 215 33.24 35.18 -11.69
N GLY C 216 32.59 35.69 -12.73
CA GLY C 216 33.05 35.44 -14.09
C GLY C 216 32.99 33.99 -14.50
N GLY C 217 31.88 33.33 -14.21
CA GLY C 217 31.72 31.94 -14.60
C GLY C 217 30.47 31.68 -15.39
N ALA C 218 29.97 30.44 -15.34
CA ALA C 218 28.78 30.04 -16.09
C ALA C 218 27.62 29.81 -15.14
N GLY C 219 26.42 29.72 -15.72
CA GLY C 219 25.23 29.53 -14.92
C GLY C 219 25.25 28.21 -14.16
N ARG C 220 24.39 28.13 -13.16
CA ARG C 220 24.34 26.95 -12.31
C ARG C 220 23.15 27.02 -11.38
N PRO C 221 22.61 25.89 -10.92
CA PRO C 221 21.58 25.94 -9.89
C PRO C 221 22.13 26.47 -8.58
N TYR C 222 21.21 26.85 -7.70
CA TYR C 222 21.55 27.48 -6.44
C TYR C 222 21.05 26.65 -5.27
N LEU C 223 21.83 26.65 -4.19
CA LEU C 223 21.44 25.99 -2.96
C LEU C 223 21.52 26.90 -1.75
N VAL C 224 22.00 28.13 -1.91
CA VAL C 224 22.03 29.11 -0.83
C VAL C 224 21.11 30.25 -1.25
N GLU C 225 19.90 30.27 -0.68
CA GLU C 225 18.90 31.22 -1.12
C GLU C 225 19.39 32.66 -0.97
N GLY C 226 19.14 33.46 -1.99
CA GLY C 226 19.47 34.87 -1.94
C GLY C 226 20.74 35.23 -2.66
N VAL C 227 21.76 34.39 -2.55
CA VAL C 227 23.03 34.68 -3.17
C VAL C 227 23.00 34.19 -4.61
N GLY C 228 23.93 34.69 -5.41
CA GLY C 228 24.06 34.25 -6.78
C GLY C 228 23.00 34.84 -7.69
N GLU C 229 23.32 34.82 -8.98
CA GLU C 229 22.42 35.33 -10.01
C GLU C 229 23.08 35.10 -11.36
N ASP C 230 22.26 35.14 -12.41
CA ASP C 230 22.75 34.94 -13.76
C ASP C 230 22.78 36.21 -14.58
N PHE C 231 21.76 37.07 -14.48
CA PHE C 231 21.74 38.33 -15.20
C PHE C 231 22.14 39.45 -14.25
N TRP C 232 23.09 40.27 -14.68
CA TRP C 232 23.58 41.36 -13.85
C TRP C 232 22.46 42.33 -13.52
N PRO C 233 22.02 42.40 -12.27
CA PRO C 233 20.99 43.37 -11.90
C PRO C 233 21.47 44.79 -12.14
N ALA C 234 20.54 45.65 -12.58
CA ALA C 234 20.89 47.04 -12.85
C ALA C 234 21.24 47.83 -11.60
N ALA C 235 20.95 47.29 -10.41
CA ALA C 235 21.24 47.97 -9.17
C ALA C 235 22.57 47.58 -8.57
N TYR C 236 23.49 47.09 -9.39
CA TYR C 236 24.81 46.70 -8.92
C TYR C 236 25.89 47.32 -9.81
N ASP C 237 27.02 47.65 -9.21
CA ASP C 237 28.13 48.20 -9.95
C ASP C 237 29.43 47.60 -9.44
N PRO C 238 30.08 46.74 -10.22
CA PRO C 238 31.31 46.11 -9.75
C PRO C 238 32.44 47.09 -9.50
N SER C 239 32.32 48.34 -9.98
CA SER C 239 33.37 49.31 -9.74
C SER C 239 33.59 49.59 -8.26
N VAL C 240 32.61 49.27 -7.43
CA VAL C 240 32.73 49.52 -5.99
C VAL C 240 33.63 48.47 -5.36
N PRO C 241 33.31 47.19 -5.49
CA PRO C 241 34.12 46.16 -4.84
C PRO C 241 35.55 46.15 -5.38
N ASP C 242 36.49 45.79 -4.51
CA ASP C 242 37.89 45.71 -4.90
C ASP C 242 38.17 44.45 -5.71
N GLU C 243 37.77 43.29 -5.18
CA GLU C 243 37.97 42.03 -5.88
C GLU C 243 37.05 40.99 -5.29
N ILE C 244 36.32 40.29 -6.14
CA ILE C 244 35.33 39.32 -5.71
C ILE C 244 36.01 37.98 -5.51
N ILE C 245 35.72 37.34 -4.38
CA ILE C 245 36.28 36.04 -4.03
C ILE C 245 35.16 35.01 -4.06
N ALA C 246 35.37 33.92 -4.79
CA ALA C 246 34.38 32.88 -4.92
C ALA C 246 34.51 31.87 -3.80
N VAL C 247 33.46 31.08 -3.61
CA VAL C 247 33.44 30.06 -2.57
C VAL C 247 32.60 28.90 -3.04
N SER C 248 33.03 27.69 -2.68
CA SER C 248 32.32 26.48 -3.07
C SER C 248 31.18 26.19 -2.10
N ASP C 249 30.10 25.63 -2.65
CA ASP C 249 28.96 25.31 -1.82
C ASP C 249 29.32 24.29 -0.75
N SER C 250 30.11 23.28 -1.12
CA SER C 250 30.45 22.22 -0.17
C SER C 250 31.18 22.76 1.04
N ASP C 251 31.94 23.84 0.87
CA ASP C 251 32.64 24.47 1.98
C ASP C 251 31.82 25.56 2.66
N SER C 252 30.59 25.76 2.22
CA SER C 252 29.75 26.79 2.81
C SER C 252 28.85 26.23 3.91
N PHE C 253 28.07 25.20 3.58
CA PHE C 253 27.20 24.61 4.58
C PHE C 253 28.01 24.06 5.74
N ASP C 254 29.11 23.39 5.45
CA ASP C 254 29.98 22.90 6.51
C ASP C 254 30.48 24.05 7.37
N MET C 255 30.84 25.16 6.74
CA MET C 255 31.26 26.33 7.51
C MET C 255 30.13 26.84 8.38
N THR C 256 28.90 26.83 7.87
CA THR C 256 27.78 27.29 8.67
C THR C 256 27.59 26.42 9.90
N ARG C 257 27.61 25.11 9.72
CA ARG C 257 27.46 24.21 10.84
C ARG C 257 28.60 24.38 11.83
N ARG C 258 29.83 24.52 11.34
CA ARG C 258 30.97 24.74 12.21
C ARG C 258 30.75 26.00 13.05
N LEU C 259 30.50 27.12 12.38
CA LEU C 259 30.25 28.37 13.08
C LEU C 259 29.15 28.22 14.10
N ALA C 260 28.09 27.49 13.76
CA ALA C 260 27.01 27.31 14.71
C ALA C 260 27.50 26.58 15.95
N ARG C 261 28.28 25.52 15.78
CA ARG C 261 28.71 24.75 16.94
C ARG C 261 29.84 25.40 17.72
N GLU C 262 30.58 26.32 17.12
CA GLU C 262 31.79 26.84 17.75
C GLU C 262 31.71 28.31 18.14
N GLU C 263 30.71 29.05 17.65
CA GLU C 263 30.54 30.45 18.00
C GLU C 263 29.09 30.80 18.31
N ALA C 264 28.20 29.82 18.37
CA ALA C 264 26.80 30.04 18.71
C ALA C 264 26.15 31.09 17.79
N MET C 265 26.22 30.83 16.49
CA MET C 265 25.64 31.71 15.46
C MET C 265 24.75 30.85 14.59
N LEU C 266 23.48 30.70 15.01
CA LEU C 266 22.50 29.90 14.21
C LEU C 266 22.10 30.68 12.97
N VAL C 267 23.09 31.06 12.14
CA VAL C 267 22.83 31.83 10.93
C VAL C 267 22.58 30.90 9.76
N GLY C 268 22.10 31.44 8.64
CA GLY C 268 21.80 30.65 7.46
C GLY C 268 23.02 30.23 6.69
N GLY C 269 22.84 30.05 5.38
CA GLY C 269 23.91 29.58 4.53
C GLY C 269 24.74 30.70 3.94
N SER C 270 24.05 31.75 3.49
CA SER C 270 24.78 32.90 2.96
C SER C 270 25.76 33.43 4.00
N CYS C 271 25.36 33.39 5.27
CA CYS C 271 26.28 33.82 6.31
C CYS C 271 27.51 32.94 6.33
N GLY C 272 27.33 31.63 6.18
CA GLY C 272 28.48 30.74 6.14
C GLY C 272 29.38 31.04 4.96
N MET C 273 28.79 31.30 3.79
CA MET C 273 29.60 31.63 2.64
C MET C 273 30.41 32.88 2.88
N ALA C 274 29.78 33.91 3.43
CA ALA C 274 30.51 35.15 3.72
C ALA C 274 31.62 34.90 4.72
N VAL C 275 31.34 34.10 5.74
CA VAL C 275 32.34 33.80 6.76
C VAL C 275 33.54 33.12 6.14
N VAL C 276 33.30 32.11 5.29
CA VAL C 276 34.42 31.42 4.67
C VAL C 276 35.18 32.37 3.76
N ALA C 277 34.46 33.22 3.05
CA ALA C 277 35.13 34.20 2.20
C ALA C 277 36.08 35.02 3.04
N ALA C 278 35.56 35.73 4.04
CA ALA C 278 36.44 36.57 4.84
C ALA C 278 37.60 35.74 5.38
N LEU C 279 37.27 34.63 6.05
CA LEU C 279 38.30 33.71 6.53
C LEU C 279 39.45 33.57 5.54
N LYS C 280 39.13 33.27 4.28
CA LYS C 280 40.18 33.15 3.27
C LYS C 280 40.89 34.48 3.03
N VAL C 281 40.14 35.58 3.03
CA VAL C 281 40.74 36.88 2.75
C VAL C 281 41.71 37.28 3.85
N ALA C 282 41.47 36.80 5.06
CA ALA C 282 42.22 37.16 6.25
C ALA C 282 43.66 36.69 6.20
N GLU C 283 44.06 36.01 5.13
CA GLU C 283 45.44 35.55 5.01
C GLU C 283 46.31 36.56 4.29
N GLU C 284 45.87 37.06 3.13
CA GLU C 284 46.68 38.02 2.41
C GLU C 284 46.94 39.26 3.24
N ALA C 285 46.02 39.61 4.14
CA ALA C 285 46.22 40.71 5.06
C ALA C 285 46.77 40.16 6.36
N GLY C 286 47.90 40.69 6.81
CA GLY C 286 48.57 40.19 7.97
C GLY C 286 47.83 40.56 9.24
N PRO C 287 48.41 40.20 10.37
CA PRO C 287 47.80 40.52 11.66
C PRO C 287 47.64 42.03 11.82
N ASP C 288 46.97 42.40 12.90
CA ASP C 288 46.64 43.77 13.25
C ASP C 288 45.48 44.29 12.41
N ALA C 289 45.00 43.54 11.43
CA ALA C 289 43.89 43.97 10.60
C ALA C 289 42.55 43.61 11.24
N LEU C 290 41.56 44.46 11.01
CA LEU C 290 40.21 44.28 11.53
C LEU C 290 39.28 44.04 10.36
N ILE C 291 38.69 42.85 10.32
CA ILE C 291 37.79 42.45 9.24
C ILE C 291 36.36 42.50 9.77
N VAL C 292 35.44 42.99 8.95
CA VAL C 292 34.04 43.10 9.33
C VAL C 292 33.24 42.29 8.33
N VAL C 293 32.81 41.09 8.73
CA VAL C 293 31.96 40.24 7.91
C VAL C 293 30.51 40.55 8.22
N LEU C 294 29.62 40.13 7.31
CA LEU C 294 28.17 40.37 7.49
C LEU C 294 27.42 39.03 7.40
N LEU C 295 26.46 38.80 8.30
CA LEU C 295 25.67 37.58 8.30
C LEU C 295 24.19 37.94 8.21
N PRO C 296 23.75 38.43 7.08
CA PRO C 296 22.38 38.94 7.01
C PRO C 296 21.34 37.86 6.85
N ASP C 297 21.43 36.79 7.64
CA ASP C 297 20.42 35.75 7.60
C ASP C 297 20.49 34.96 8.89
N GLY C 298 19.47 35.11 9.72
CA GLY C 298 19.38 34.30 10.92
C GLY C 298 18.74 32.97 10.58
N GLY C 299 19.52 31.90 10.66
CA GLY C 299 19.01 30.61 10.23
C GLY C 299 18.27 29.85 11.30
N ARG C 300 16.96 29.96 11.29
CA ARG C 300 16.10 29.12 12.11
C ARG C 300 15.08 28.38 11.28
N GLY C 301 14.54 29.01 10.23
CA GLY C 301 13.77 28.27 9.25
C GLY C 301 14.63 27.39 8.38
N TYR C 302 15.91 27.69 8.27
CA TYR C 302 16.83 26.81 7.56
C TYR C 302 17.11 25.53 8.32
N MET C 303 16.67 25.43 9.58
CA MET C 303 16.97 24.23 10.36
C MET C 303 16.32 22.99 9.77
N SER C 304 15.40 23.14 8.82
CA SER C 304 14.78 21.98 8.20
C SER C 304 15.78 21.19 7.39
N LYS C 305 16.65 21.87 6.64
CA LYS C 305 17.56 21.19 5.72
C LYS C 305 19.02 21.40 6.07
N ILE C 306 19.47 22.63 6.24
CA ILE C 306 20.89 22.89 6.41
C ILE C 306 21.44 22.15 7.61
N PHE C 307 20.74 22.23 8.73
CA PHE C 307 21.16 21.49 9.92
C PHE C 307 20.59 20.09 9.96
N ASN C 308 19.73 19.76 8.98
CA ASN C 308 19.19 18.38 8.90
C ASN C 308 20.31 17.45 8.41
N ASP C 309 20.34 16.22 8.93
CA ASP C 309 21.38 15.27 8.55
C ASP C 309 21.08 14.58 7.23
N ALA C 310 19.87 14.68 6.72
CA ALA C 310 19.52 14.00 5.48
C ALA C 310 19.65 14.91 4.26
N TRP C 311 18.99 16.06 4.29
CA TRP C 311 19.04 16.95 3.14
C TRP C 311 20.46 17.30 2.77
N MET C 312 21.32 17.53 3.78
CA MET C 312 22.72 17.78 3.48
C MET C 312 23.46 16.53 3.04
N SER C 313 22.84 15.36 3.17
CA SER C 313 23.47 14.13 2.70
C SER C 313 23.06 13.77 1.29
N SER C 314 21.87 14.20 0.86
CA SER C 314 21.43 13.89 -0.49
C SER C 314 22.34 14.54 -1.52
N TYR C 315 22.83 15.74 -1.23
CA TYR C 315 23.70 16.44 -2.16
C TYR C 315 25.15 15.99 -2.05
N GLY C 316 25.42 14.93 -1.32
CA GLY C 316 26.74 14.31 -1.38
C GLY C 316 27.85 15.07 -0.68
N PHE C 317 27.53 15.88 0.32
CA PHE C 317 28.58 16.50 1.11
C PHE C 317 28.10 16.64 2.55
N LEU C 318 28.67 15.83 3.44
CA LEU C 318 28.45 15.97 4.87
C LEU C 318 29.70 15.43 5.55
N ARG C 319 30.59 16.35 5.94
CA ARG C 319 31.91 15.96 6.44
C ARG C 319 31.89 15.60 7.91
N SER C 320 30.75 15.72 8.59
CA SER C 320 30.65 15.32 9.98
C SER C 320 29.18 15.35 10.38
N ARG C 321 28.75 14.31 11.07
CA ARG C 321 27.37 14.26 11.52
C ARG C 321 27.13 15.28 12.62
N LEU C 322 25.88 15.72 12.74
CA LEU C 322 25.57 16.82 13.66
C LEU C 322 26.05 16.53 15.07
N ASP C 323 25.84 15.31 15.55
CA ASP C 323 26.28 14.97 16.90
C ASP C 323 27.78 14.87 17.02
N GLY C 324 28.53 15.09 15.93
CA GLY C 324 29.97 15.06 15.98
C GLY C 324 30.54 13.67 15.78
N SER C 325 30.31 12.78 16.74
CA SER C 325 30.89 11.44 16.68
C SER C 325 30.34 10.69 15.47
N THR C 326 31.23 10.18 14.64
CA THR C 326 30.81 9.33 13.54
C THR C 326 30.25 8.02 14.08
N GLU C 327 29.20 7.52 13.45
CA GLU C 327 28.50 6.34 13.92
C GLU C 327 28.51 5.26 12.86
N GLN C 328 28.41 4.02 13.32
CA GLN C 328 28.30 2.90 12.40
C GLN C 328 26.96 2.94 11.69
N SER C 329 26.99 2.75 10.38
CA SER C 329 25.79 2.57 9.57
C SER C 329 25.50 1.10 9.36
N THR C 330 26.47 0.37 8.80
CA THR C 330 26.31 -1.10 8.56
C THR C 330 25.20 -1.33 7.54
N VAL C 331 25.48 -2.12 6.50
CA VAL C 331 24.47 -2.38 5.48
C VAL C 331 23.32 -3.20 6.01
N GLY C 332 23.47 -3.81 7.18
CA GLY C 332 22.40 -4.58 7.77
C GLY C 332 21.08 -3.82 7.79
N ASP C 333 21.00 -2.75 8.58
CA ASP C 333 19.78 -1.95 8.57
C ASP C 333 19.53 -1.37 7.19
N VAL C 334 20.62 -1.00 6.50
CA VAL C 334 20.47 -0.46 5.11
C VAL C 334 19.84 -1.53 4.23
N LEU C 335 19.93 -2.81 4.64
CA LEU C 335 19.42 -3.93 3.83
C LEU C 335 17.92 -4.13 4.13
N ARG C 336 17.45 -3.60 5.26
CA ARG C 336 16.03 -3.81 5.66
C ARG C 336 15.24 -2.51 5.50
N ARG C 337 15.65 -1.44 6.18
CA ARG C 337 14.93 -0.17 6.13
C ARG C 337 13.50 -0.33 6.64
N LYS C 338 13.12 -1.56 6.96
CA LYS C 338 11.76 -1.84 7.48
C LYS C 338 11.83 -3.08 8.37
N SER C 339 10.85 -3.26 9.26
CA SER C 339 10.89 -4.40 10.20
C SER C 339 12.22 -4.35 10.97
N GLY C 340 13.05 -5.40 10.83
CA GLY C 340 14.36 -5.42 11.50
C GLY C 340 15.24 -6.53 10.97
N ALA C 341 14.64 -7.67 10.62
CA ALA C 341 15.41 -8.83 10.11
C ALA C 341 15.29 -8.89 8.59
N LEU C 342 16.34 -9.35 7.91
CA LEU C 342 16.31 -9.35 6.43
C LEU C 342 15.24 -10.34 5.95
N PRO C 343 14.35 -9.94 5.02
CA PRO C 343 13.30 -10.82 4.51
C PRO C 343 13.87 -11.95 3.66
N ALA C 344 14.32 -13.05 4.27
CA ALA C 344 14.85 -14.19 3.52
C ALA C 344 15.85 -13.71 2.47
N LEU C 345 15.64 -14.07 1.20
CA LEU C 345 16.52 -13.56 0.10
C LEU C 345 15.91 -13.97 -1.24
N VAL C 346 15.42 -12.98 -2.00
CA VAL C 346 14.81 -13.29 -3.33
C VAL C 346 15.71 -14.31 -4.03
N HIS C 347 15.18 -15.49 -4.34
CA HIS C 347 16.00 -16.56 -4.98
C HIS C 347 15.24 -17.14 -6.17
N THR C 348 15.96 -17.66 -7.16
CA THR C 348 15.32 -18.27 -8.33
C THR C 348 16.13 -19.49 -8.73
N HIS C 349 15.61 -20.67 -8.43
CA HIS C 349 16.35 -21.89 -8.73
C HIS C 349 16.61 -21.97 -10.23
N PRO C 350 17.80 -22.45 -10.63
CA PRO C 350 18.18 -22.35 -12.04
C PRO C 350 17.42 -23.28 -12.95
N SER C 351 16.43 -24.00 -12.42
CA SER C 351 15.58 -24.83 -13.26
C SER C 351 14.26 -24.17 -13.62
N GLU C 352 13.86 -23.13 -12.89
CA GLU C 352 12.61 -22.48 -13.16
C GLU C 352 12.66 -21.72 -14.49
N THR C 353 11.49 -21.53 -15.08
CA THR C 353 11.44 -20.89 -16.39
C THR C 353 11.78 -19.40 -16.29
N VAL C 354 12.24 -18.86 -17.42
CA VAL C 354 12.64 -17.45 -17.44
C VAL C 354 11.44 -16.56 -17.13
N ARG C 355 10.27 -16.90 -17.67
CA ARG C 355 9.09 -16.13 -17.36
C ARG C 355 8.83 -16.11 -15.87
N ASP C 356 9.01 -17.25 -15.20
CA ASP C 356 8.81 -17.28 -13.77
C ASP C 356 9.77 -16.34 -13.05
N ALA C 357 11.04 -16.34 -13.47
CA ALA C 357 12.00 -15.47 -12.82
C ALA C 357 11.66 -14.01 -13.03
N ILE C 358 11.29 -13.65 -14.25
CA ILE C 358 10.96 -12.25 -14.52
C ILE C 358 9.74 -11.84 -13.71
N GLY C 359 8.74 -12.73 -13.61
CA GLY C 359 7.57 -12.41 -12.81
C GLY C 359 7.91 -12.27 -11.34
N ILE C 360 8.76 -13.14 -10.82
CA ILE C 360 9.09 -13.07 -9.40
C ILE C 360 9.87 -11.79 -9.12
N LEU C 361 10.76 -11.39 -10.02
CA LEU C 361 11.43 -10.11 -9.86
C LEU C 361 10.44 -8.96 -9.91
N ARG C 362 9.47 -9.00 -10.83
CA ARG C 362 8.49 -7.94 -10.94
C ARG C 362 7.58 -7.88 -9.72
N GLU C 363 7.43 -8.98 -9.01
CA GLU C 363 6.54 -9.01 -7.85
C GLU C 363 7.23 -8.57 -6.56
N TYR C 364 8.51 -8.90 -6.40
CA TYR C 364 9.26 -8.51 -5.22
C TYR C 364 9.99 -7.19 -5.37
N GLY C 365 9.87 -6.53 -6.51
CA GLY C 365 10.48 -5.22 -6.69
C GLY C 365 11.98 -5.20 -6.53
N VAL C 366 12.68 -6.02 -7.32
CA VAL C 366 14.13 -6.05 -7.31
C VAL C 366 14.64 -6.07 -8.74
N SER C 367 15.89 -5.65 -8.91
CA SER C 367 16.53 -5.63 -10.22
C SER C 367 17.81 -6.45 -10.25
N GLN C 368 17.97 -7.37 -9.31
CA GLN C 368 19.17 -8.21 -9.25
C GLN C 368 18.93 -9.35 -8.28
N MET C 369 19.24 -10.59 -8.67
CA MET C 369 18.99 -11.68 -7.75
C MET C 369 19.89 -12.86 -8.05
N PRO C 370 20.46 -13.48 -7.04
CA PRO C 370 21.24 -14.70 -7.25
C PRO C 370 20.34 -15.92 -7.38
N VAL C 371 20.86 -16.92 -8.08
CA VAL C 371 20.16 -18.17 -8.30
C VAL C 371 21.03 -19.31 -7.79
N VAL C 372 20.45 -20.14 -6.93
CA VAL C 372 21.17 -21.21 -6.27
C VAL C 372 20.39 -22.50 -6.43
N GLY C 373 21.03 -23.60 -6.05
CA GLY C 373 20.41 -24.90 -6.17
C GLY C 373 19.57 -25.30 -4.97
N ALA C 374 20.16 -25.24 -3.77
CA ALA C 374 19.47 -25.68 -2.57
C ALA C 374 18.59 -24.56 -2.04
N GLU C 375 18.10 -24.71 -0.82
CA GLU C 375 17.25 -23.70 -0.22
C GLU C 375 18.06 -22.47 0.15
N PRO C 376 17.41 -21.33 0.32
CA PRO C 376 18.12 -20.08 0.60
C PRO C 376 18.95 -20.20 1.86
N PRO C 377 18.33 -20.53 2.99
CA PRO C 377 19.08 -20.46 4.27
C PRO C 377 20.33 -21.33 4.28
N VAL C 378 20.20 -22.61 3.93
CA VAL C 378 21.32 -23.53 4.03
C VAL C 378 22.47 -23.18 3.08
N MET C 379 22.25 -22.26 2.15
CA MET C 379 23.28 -21.95 1.18
C MET C 379 24.53 -21.42 1.86
N ALA C 380 25.69 -21.81 1.33
CA ALA C 380 26.98 -21.47 1.93
C ALA C 380 27.84 -20.63 1.00
N GLY C 381 27.21 -19.87 0.10
CA GLY C 381 27.94 -19.01 -0.80
C GLY C 381 28.40 -19.65 -2.09
N GLU C 382 27.84 -20.81 -2.46
CA GLU C 382 28.16 -21.48 -3.72
C GLU C 382 27.18 -21.11 -4.82
N VAL C 383 26.48 -20.00 -4.69
CA VAL C 383 25.49 -19.61 -5.69
C VAL C 383 26.15 -19.53 -7.06
N ALA C 384 25.45 -20.06 -8.07
CA ALA C 384 25.99 -20.09 -9.42
C ALA C 384 25.41 -18.99 -10.30
N GLY C 385 24.09 -18.87 -10.36
CA GLY C 385 23.48 -17.90 -11.24
C GLY C 385 23.38 -16.53 -10.62
N SER C 386 23.32 -15.50 -11.47
CA SER C 386 23.14 -14.13 -11.02
C SER C 386 22.39 -13.40 -12.12
N VAL C 387 21.09 -13.29 -11.98
CA VAL C 387 20.23 -12.75 -13.03
C VAL C 387 19.75 -11.37 -12.61
N SER C 388 19.94 -10.40 -13.48
CA SER C 388 19.42 -9.06 -13.24
C SER C 388 18.02 -8.97 -13.83
N GLU C 389 17.48 -7.76 -13.90
CA GLU C 389 16.19 -7.56 -14.53
C GLU C 389 16.28 -6.93 -15.90
N ARG C 390 17.33 -6.13 -16.13
CA ARG C 390 17.48 -5.50 -17.44
C ARG C 390 17.98 -6.48 -18.49
N GLU C 391 18.84 -7.43 -18.09
CA GLU C 391 19.38 -8.37 -19.07
C GLU C 391 18.28 -9.21 -19.70
N LEU C 392 17.42 -9.80 -18.87
CA LEU C 392 16.36 -10.64 -19.42
C LEU C 392 15.43 -9.83 -20.30
N LEU C 393 15.06 -8.63 -19.86
CA LEU C 393 14.20 -7.78 -20.69
C LEU C 393 14.88 -7.44 -22.02
N SER C 394 16.19 -7.29 -22.02
CA SER C 394 16.90 -7.05 -23.26
C SER C 394 17.12 -8.33 -24.06
N ALA C 395 16.92 -9.49 -23.44
CA ALA C 395 17.08 -10.76 -24.14
C ALA C 395 15.77 -11.37 -24.58
N VAL C 396 14.67 -11.01 -23.94
CA VAL C 396 13.39 -11.56 -24.36
C VAL C 396 13.00 -11.02 -25.72
N PHE C 397 13.35 -9.77 -25.99
CA PHE C 397 12.98 -9.15 -27.25
C PHE C 397 14.06 -9.26 -28.31
N GLU C 398 15.32 -9.43 -27.92
CA GLU C 398 16.41 -9.51 -28.86
C GLU C 398 16.48 -10.85 -29.59
N GLY C 399 15.46 -11.69 -29.47
CA GLY C 399 15.46 -12.99 -30.10
C GLY C 399 16.47 -13.97 -29.55
N ARG C 400 17.36 -13.53 -28.66
CA ARG C 400 18.37 -14.43 -28.10
C ARG C 400 17.83 -15.27 -26.95
N ALA C 401 16.54 -15.22 -26.69
CA ALA C 401 15.94 -16.02 -25.64
C ALA C 401 14.44 -16.13 -25.90
N LYS C 402 13.81 -17.08 -25.22
CA LYS C 402 12.37 -17.25 -25.30
C LYS C 402 11.83 -17.64 -23.94
N LEU C 403 10.60 -17.22 -23.66
CA LEU C 403 10.04 -17.43 -22.32
C LEU C 403 10.12 -18.89 -21.92
N ALA C 404 9.86 -19.80 -22.85
CA ALA C 404 9.94 -21.21 -22.51
C ALA C 404 11.34 -21.64 -22.11
N ASP C 405 12.35 -20.85 -22.47
CA ASP C 405 13.73 -21.24 -22.21
C ASP C 405 14.01 -21.25 -20.72
N ALA C 406 14.99 -22.07 -20.32
CA ALA C 406 15.38 -22.17 -18.93
C ALA C 406 16.39 -21.08 -18.59
N VAL C 407 16.24 -20.49 -17.41
CA VAL C 407 17.12 -19.39 -17.02
C VAL C 407 18.56 -19.85 -16.87
N SER C 408 18.79 -21.15 -16.72
CA SER C 408 20.14 -21.64 -16.47
C SER C 408 21.07 -21.42 -17.63
N ALA C 409 20.56 -21.08 -18.81
CA ALA C 409 21.38 -20.83 -19.99
C ALA C 409 21.53 -19.35 -20.30
N HIS C 410 21.06 -18.46 -19.41
CA HIS C 410 21.21 -17.03 -19.63
C HIS C 410 21.68 -16.27 -18.40
N MET C 411 21.97 -16.94 -17.30
CA MET C 411 22.38 -16.25 -16.10
C MET C 411 23.72 -15.54 -16.29
N SER C 412 23.80 -14.32 -15.78
CA SER C 412 25.03 -13.55 -15.84
C SER C 412 26.03 -14.09 -14.82
N PRO C 413 27.31 -13.79 -14.99
CA PRO C 413 28.31 -14.25 -14.02
C PRO C 413 27.94 -13.84 -12.62
N PRO C 414 28.11 -14.72 -11.64
CA PRO C 414 27.64 -14.43 -10.28
C PRO C 414 28.25 -13.15 -9.74
N LEU C 415 27.37 -12.22 -9.34
CA LEU C 415 27.84 -10.94 -8.84
C LEU C 415 28.60 -11.12 -7.53
N ARG C 416 29.67 -10.35 -7.37
CA ARG C 416 30.55 -10.52 -6.23
C ARG C 416 29.86 -10.12 -4.94
N MET C 417 30.30 -10.71 -3.83
CA MET C 417 29.76 -10.44 -2.52
C MET C 417 30.67 -9.51 -1.74
N ILE C 418 30.08 -8.86 -0.74
CA ILE C 418 30.86 -7.94 0.12
C ILE C 418 30.51 -8.26 1.57
N GLY C 419 31.01 -7.47 2.50
CA GLY C 419 30.76 -7.67 3.91
C GLY C 419 29.35 -7.29 4.31
N ALA C 420 28.99 -7.67 5.53
CA ALA C 420 27.67 -7.42 6.08
C ALA C 420 27.66 -6.34 7.14
N GLY C 421 28.60 -6.39 8.08
CA GLY C 421 28.70 -5.38 9.11
C GLY C 421 29.55 -4.19 8.75
N GLU C 422 30.01 -4.11 7.50
CA GLU C 422 30.90 -3.03 7.11
C GLU C 422 30.12 -1.71 7.01
N LEU C 423 30.86 -0.61 7.13
CA LEU C 423 30.25 0.71 7.08
C LEU C 423 29.75 1.03 5.68
N VAL C 424 28.74 1.89 5.61
CA VAL C 424 28.18 2.25 4.32
C VAL C 424 29.22 2.91 3.43
N SER C 425 30.12 3.69 4.04
CA SER C 425 31.12 4.40 3.25
C SER C 425 31.89 3.45 2.35
N ALA C 426 32.42 2.36 2.93
CA ALA C 426 33.12 1.38 2.12
C ALA C 426 32.18 0.73 1.12
N ALA C 427 30.91 0.53 1.51
CA ALA C 427 29.96 -0.08 0.59
C ALA C 427 29.86 0.73 -0.69
N GLY C 428 29.66 2.04 -0.56
CA GLY C 428 29.58 2.89 -1.76
C GLY C 428 30.89 2.95 -2.50
N LYS C 429 31.99 3.07 -1.77
CA LYS C 429 33.29 3.11 -2.43
C LYS C 429 33.48 1.89 -3.31
N ALA C 430 33.10 0.71 -2.81
CA ALA C 430 33.18 -0.50 -3.63
C ALA C 430 32.13 -0.50 -4.73
N LEU C 431 30.94 0.03 -4.45
CA LEU C 431 29.89 0.09 -5.46
C LEU C 431 30.31 0.92 -6.66
N ARG C 432 31.30 1.79 -6.50
CA ARG C 432 31.72 2.58 -7.64
C ARG C 432 32.14 1.73 -8.83
N ASP C 433 32.55 0.48 -8.60
CA ASP C 433 33.03 -0.38 -9.67
C ASP C 433 32.04 -1.46 -10.09
N TRP C 434 30.89 -1.55 -9.45
CA TRP C 434 29.89 -2.54 -9.83
C TRP C 434 28.50 -1.97 -9.58
N ASP C 435 27.53 -2.53 -10.27
CA ASP C 435 26.16 -2.03 -10.19
C ASP C 435 25.34 -2.75 -9.14
N ALA C 436 25.94 -3.67 -8.39
CA ALA C 436 25.22 -4.39 -7.35
C ALA C 436 26.22 -5.30 -6.65
N LEU C 437 25.80 -5.86 -5.52
CA LEU C 437 26.61 -6.83 -4.81
C LEU C 437 25.71 -7.68 -3.93
N MET C 438 26.25 -8.81 -3.50
CA MET C 438 25.53 -9.76 -2.66
C MET C 438 26.07 -9.67 -1.24
N VAL C 439 25.25 -9.16 -0.33
CA VAL C 439 25.63 -9.04 1.06
C VAL C 439 25.39 -10.37 1.74
N VAL C 440 26.44 -10.96 2.30
CA VAL C 440 26.37 -12.23 2.99
C VAL C 440 26.39 -11.96 4.49
N GLU C 441 25.46 -12.59 5.21
CA GLU C 441 25.28 -12.34 6.63
C GLU C 441 26.07 -13.38 7.42
N GLU C 442 27.29 -13.02 7.81
CA GLU C 442 28.18 -13.84 8.62
C GLU C 442 28.77 -15.01 7.83
N GLY C 443 28.41 -15.18 6.57
CA GLY C 443 28.91 -16.30 5.79
C GLY C 443 27.84 -16.93 4.91
N LYS C 444 26.65 -16.36 4.93
CA LYS C 444 25.57 -16.82 4.08
C LYS C 444 25.03 -15.67 3.25
N PRO C 445 24.73 -15.89 1.98
CA PRO C 445 24.11 -14.84 1.18
C PRO C 445 22.76 -14.44 1.75
N VAL C 446 22.66 -13.21 2.25
CA VAL C 446 21.48 -12.74 2.96
C VAL C 446 20.67 -11.75 2.12
N GLY C 447 21.34 -10.90 1.34
CA GLY C 447 20.58 -9.96 0.54
C GLY C 447 21.40 -9.45 -0.63
N VAL C 448 20.79 -8.53 -1.39
CA VAL C 448 21.44 -7.89 -2.51
C VAL C 448 21.34 -6.38 -2.36
N ILE C 449 22.44 -5.70 -2.63
CA ILE C 449 22.53 -4.25 -2.47
C ILE C 449 22.83 -3.63 -3.83
N THR C 450 22.06 -2.60 -4.18
CA THR C 450 22.23 -1.88 -5.43
C THR C 450 22.36 -0.40 -5.16
N ARG C 451 23.04 0.30 -6.07
CA ARG C 451 23.27 1.72 -5.87
C ARG C 451 21.98 2.46 -5.57
N TYR C 452 20.90 2.08 -6.26
CA TYR C 452 19.63 2.77 -6.06
C TYR C 452 19.18 2.69 -4.62
N ASP C 453 19.25 1.49 -4.03
CA ASP C 453 18.81 1.32 -2.65
C ASP C 453 19.70 2.10 -1.70
N LEU C 454 21.01 2.10 -1.93
CA LEU C 454 21.91 2.83 -1.05
C LEU C 454 21.60 4.32 -1.08
N LEU C 455 21.41 4.88 -2.28
CA LEU C 455 21.07 6.30 -2.37
C LEU C 455 19.74 6.58 -1.69
N GLY C 456 18.76 5.72 -1.91
CA GLY C 456 17.46 5.93 -1.28
C GLY C 456 17.56 5.93 0.23
N PHE C 457 18.35 5.00 0.76
CA PHE C 457 18.55 4.92 2.24
C PHE C 457 19.23 6.20 2.73
N LEU C 458 20.29 6.62 2.05
CA LEU C 458 21.03 7.79 2.52
C LEU C 458 20.19 9.05 2.42
N SER C 459 19.30 9.14 1.45
CA SER C 459 18.47 10.33 1.31
C SER C 459 17.23 10.29 2.18
N GLU C 460 16.77 9.11 2.57
CA GLU C 460 15.56 9.05 3.39
C GLU C 460 15.80 9.61 4.78
N GLY C 461 16.93 9.29 5.39
CA GLY C 461 17.23 9.75 6.73
C GLY C 461 17.25 8.65 7.76
N ILE D 4 -25.56 -51.93 -10.00
CA ILE D 4 -25.01 -53.26 -10.21
C ILE D 4 -23.56 -53.29 -9.75
N ALA D 5 -22.80 -52.27 -10.11
CA ALA D 5 -21.37 -52.27 -9.82
C ALA D 5 -21.13 -52.33 -8.32
N GLN D 6 -20.19 -53.19 -7.91
CA GLN D 6 -19.88 -53.33 -6.50
C GLN D 6 -19.27 -52.04 -5.95
N HIS D 7 -18.42 -51.39 -6.73
CA HIS D 7 -17.76 -50.18 -6.28
C HIS D 7 -17.46 -49.30 -7.50
N ILE D 8 -17.22 -48.02 -7.24
CA ILE D 8 -16.96 -47.10 -8.34
C ILE D 8 -15.72 -47.51 -9.11
N SER D 9 -14.74 -48.09 -8.43
CA SER D 9 -13.50 -48.46 -9.10
C SER D 9 -13.71 -49.47 -10.21
N GLU D 10 -14.79 -50.25 -10.17
CA GLU D 10 -15.02 -51.27 -11.18
C GLU D 10 -15.65 -50.71 -12.45
N LEU D 11 -15.67 -49.39 -12.63
CA LEU D 11 -16.08 -48.78 -13.88
C LEU D 11 -14.89 -48.28 -14.69
N ILE D 12 -13.67 -48.48 -14.22
CA ILE D 12 -12.51 -48.03 -14.98
C ILE D 12 -12.28 -48.97 -16.14
N GLY D 13 -12.11 -48.41 -17.33
CA GLY D 13 -11.95 -49.17 -18.55
C GLY D 13 -13.14 -48.97 -19.47
N GLY D 14 -13.05 -49.64 -20.62
CA GLY D 14 -14.09 -49.52 -21.62
C GLY D 14 -14.27 -48.11 -22.14
N THR D 15 -13.20 -47.34 -22.22
CA THR D 15 -13.31 -45.98 -22.71
C THR D 15 -13.78 -45.99 -24.16
N PRO D 16 -14.67 -45.08 -24.54
CA PRO D 16 -15.18 -45.06 -25.90
C PRO D 16 -14.16 -44.47 -26.87
N LEU D 17 -14.51 -44.53 -28.15
CA LEU D 17 -13.70 -43.98 -29.22
C LEU D 17 -14.51 -42.94 -29.98
N VAL D 18 -13.85 -41.86 -30.41
CA VAL D 18 -14.49 -40.78 -31.14
C VAL D 18 -13.73 -40.55 -32.43
N ARG D 19 -14.40 -39.93 -33.40
CA ARG D 19 -13.79 -39.62 -34.68
C ARG D 19 -13.62 -38.11 -34.82
N LEU D 20 -12.38 -37.66 -34.82
CA LEU D 20 -12.12 -36.25 -35.05
C LEU D 20 -12.47 -35.88 -36.49
N ASN D 21 -13.13 -34.74 -36.66
CA ASN D 21 -13.54 -34.30 -38.00
C ASN D 21 -12.98 -32.95 -38.41
N SER D 22 -12.46 -32.16 -37.47
CA SER D 22 -11.91 -30.86 -37.79
C SER D 22 -10.41 -30.75 -37.60
N VAL D 23 -9.78 -31.71 -36.92
CA VAL D 23 -8.35 -31.67 -36.68
C VAL D 23 -7.59 -32.53 -37.66
N VAL D 24 -8.27 -33.10 -38.66
CA VAL D 24 -7.68 -33.97 -39.64
C VAL D 24 -7.83 -33.36 -41.02
N PRO D 25 -6.80 -32.80 -41.61
CA PRO D 25 -6.89 -32.24 -42.94
C PRO D 25 -7.51 -33.25 -43.90
N ASP D 26 -8.33 -32.75 -44.81
CA ASP D 26 -9.03 -33.61 -45.74
C ASP D 26 -8.04 -34.41 -46.55
N GLY D 27 -8.51 -35.55 -47.05
CA GLY D 27 -7.71 -36.43 -47.86
C GLY D 27 -6.94 -37.47 -47.08
N ALA D 28 -6.90 -37.35 -45.76
CA ALA D 28 -6.22 -38.32 -44.91
C ALA D 28 -7.21 -39.34 -44.36
N GLY D 29 -6.66 -40.47 -43.92
CA GLY D 29 -7.48 -41.52 -43.37
C GLY D 29 -8.07 -41.15 -42.02
N THR D 30 -9.04 -41.95 -41.60
CA THR D 30 -9.71 -41.69 -40.33
C THR D 30 -8.71 -41.73 -39.19
N VAL D 31 -8.79 -40.74 -38.32
CA VAL D 31 -7.93 -40.64 -37.16
C VAL D 31 -8.84 -40.52 -35.95
N ALA D 32 -9.16 -41.66 -35.34
CA ALA D 32 -10.00 -41.69 -34.16
C ALA D 32 -9.15 -41.53 -32.90
N ALA D 33 -9.81 -41.08 -31.84
CA ALA D 33 -9.17 -40.81 -30.57
C ALA D 33 -9.87 -41.59 -29.47
N LYS D 34 -9.09 -42.05 -28.51
CA LYS D 34 -9.58 -42.75 -27.33
C LYS D 34 -9.48 -41.79 -26.15
N VAL D 35 -10.62 -41.33 -25.68
CA VAL D 35 -10.65 -40.39 -24.56
C VAL D 35 -10.57 -41.17 -23.26
N GLU D 36 -9.88 -40.62 -22.28
CA GLU D 36 -9.66 -41.29 -21.01
C GLU D 36 -10.27 -40.57 -19.83
N TYR D 37 -10.89 -39.42 -20.03
CA TYR D 37 -11.45 -38.66 -18.91
C TYR D 37 -12.86 -39.09 -18.56
N LEU D 38 -13.40 -40.08 -19.24
CA LEU D 38 -14.70 -40.64 -18.88
C LEU D 38 -14.61 -41.68 -17.79
N ASN D 39 -13.41 -42.01 -17.33
CA ASN D 39 -13.27 -42.96 -16.23
C ASN D 39 -13.61 -42.30 -14.91
N PRO D 40 -13.92 -43.10 -13.89
CA PRO D 40 -14.25 -42.50 -12.59
C PRO D 40 -13.14 -41.64 -12.03
N GLY D 41 -11.88 -42.01 -12.27
CA GLY D 41 -10.80 -41.20 -11.75
C GLY D 41 -10.53 -39.94 -12.53
N GLY D 42 -11.16 -39.77 -13.69
CA GLY D 42 -10.93 -38.62 -14.52
C GLY D 42 -9.64 -38.65 -15.30
N SER D 43 -8.79 -39.64 -15.09
CA SER D 43 -7.53 -39.76 -15.81
C SER D 43 -7.31 -41.20 -16.21
N SER D 44 -6.56 -41.39 -17.29
CA SER D 44 -6.27 -42.74 -17.74
C SER D 44 -5.34 -43.49 -16.80
N LYS D 45 -4.74 -42.79 -15.85
CA LYS D 45 -3.80 -43.44 -14.95
C LYS D 45 -4.49 -44.38 -13.96
N ASP D 46 -5.77 -44.16 -13.67
CA ASP D 46 -6.42 -44.98 -12.65
C ASP D 46 -6.34 -46.46 -12.99
N ARG D 47 -6.27 -46.80 -14.27
CA ARG D 47 -6.14 -48.20 -14.64
C ARG D 47 -4.84 -48.78 -14.10
N ILE D 48 -3.75 -48.02 -14.25
CA ILE D 48 -2.49 -48.43 -13.66
C ILE D 48 -2.65 -48.57 -12.16
N ALA D 49 -3.42 -47.66 -11.55
CA ALA D 49 -3.65 -47.74 -10.12
C ALA D 49 -4.27 -49.08 -9.75
N VAL D 50 -5.37 -49.44 -10.42
CA VAL D 50 -6.08 -50.66 -10.04
C VAL D 50 -5.20 -51.87 -10.26
N LYS D 51 -4.49 -51.91 -11.39
CA LYS D 51 -3.66 -53.10 -11.67
C LYS D 51 -2.59 -53.21 -10.60
N MET D 52 -1.92 -52.09 -10.29
CA MET D 52 -0.82 -52.14 -9.33
C MET D 52 -1.32 -52.55 -7.96
N ILE D 53 -2.48 -52.04 -7.54
CA ILE D 53 -3.03 -52.42 -6.24
C ILE D 53 -3.37 -53.90 -6.23
N GLU D 54 -3.98 -54.40 -7.31
CA GLU D 54 -4.29 -55.82 -7.37
C GLU D 54 -3.02 -56.66 -7.24
N ALA D 55 -1.98 -56.28 -7.99
CA ALA D 55 -0.74 -57.05 -7.94
C ALA D 55 -0.14 -57.01 -6.55
N ALA D 56 -0.10 -55.83 -5.92
CA ALA D 56 0.48 -55.73 -4.59
C ALA D 56 -0.30 -56.56 -3.59
N GLU D 57 -1.62 -56.51 -3.65
CA GLU D 57 -2.43 -57.31 -2.74
C GLU D 57 -2.18 -58.79 -2.95
N ALA D 58 -2.10 -59.23 -4.21
CA ALA D 58 -1.86 -60.63 -4.48
C ALA D 58 -0.44 -61.05 -4.14
N SER D 59 0.49 -60.11 -4.02
CA SER D 59 1.88 -60.46 -3.76
C SER D 59 2.09 -60.83 -2.29
N GLY D 60 1.83 -59.90 -1.39
CA GLY D 60 2.02 -60.15 0.02
C GLY D 60 2.86 -59.10 0.71
N GLN D 61 3.55 -58.28 -0.08
CA GLN D 61 4.38 -57.22 0.50
C GLN D 61 3.56 -56.07 1.04
N LEU D 62 2.23 -56.07 0.82
CA LEU D 62 1.33 -55.05 1.34
C LEU D 62 0.22 -55.76 2.10
N LYS D 63 0.41 -55.94 3.41
CA LYS D 63 -0.56 -56.62 4.24
C LYS D 63 -1.77 -55.74 4.50
N PRO D 64 -2.92 -56.33 4.78
CA PRO D 64 -4.10 -55.52 5.09
C PRO D 64 -3.83 -54.60 6.28
N GLY D 65 -4.36 -53.39 6.20
CA GLY D 65 -4.08 -52.40 7.21
C GLY D 65 -2.79 -51.63 7.00
N GLY D 66 -2.15 -51.77 5.85
CA GLY D 66 -0.93 -51.06 5.56
C GLY D 66 -1.20 -49.63 5.11
N THR D 67 -0.17 -49.03 4.54
CA THR D 67 -0.23 -47.63 4.11
C THR D 67 0.57 -47.47 2.84
N ILE D 68 -0.09 -46.98 1.80
CA ILE D 68 0.58 -46.67 0.55
C ILE D 68 1.35 -45.35 0.70
N VAL D 69 2.47 -45.24 -0.01
CA VAL D 69 3.25 -44.02 0.02
C VAL D 69 4.09 -43.92 -1.24
N GLU D 70 4.03 -42.76 -1.89
CA GLU D 70 4.80 -42.53 -3.10
C GLU D 70 4.60 -41.10 -3.56
N PRO D 71 5.45 -40.58 -4.43
CA PRO D 71 5.26 -39.20 -4.90
C PRO D 71 4.16 -39.10 -5.94
N THR D 72 3.04 -38.52 -5.56
CA THR D 72 1.87 -38.44 -6.42
C THR D 72 1.99 -37.16 -7.25
N SER D 73 2.31 -37.33 -8.54
CA SER D 73 2.44 -36.17 -9.41
C SER D 73 1.19 -35.31 -9.34
N GLY D 74 0.04 -35.96 -9.18
CA GLY D 74 -1.25 -35.25 -9.15
C GLY D 74 -2.40 -36.17 -9.51
N ASN D 75 -2.47 -36.62 -10.76
CA ASN D 75 -3.55 -37.55 -11.20
C ASN D 75 -3.32 -38.94 -10.60
N THR D 76 -2.08 -39.26 -10.24
CA THR D 76 -1.80 -40.55 -9.56
C THR D 76 -2.61 -40.56 -8.27
N GLY D 77 -2.47 -39.47 -7.50
CA GLY D 77 -3.26 -39.35 -6.27
C GLY D 77 -4.71 -39.68 -6.57
N VAL D 78 -5.15 -39.55 -7.82
CA VAL D 78 -6.56 -39.81 -8.04
C VAL D 78 -6.83 -41.30 -8.00
N GLY D 79 -6.25 -42.04 -8.94
CA GLY D 79 -6.52 -43.46 -9.02
C GLY D 79 -6.03 -44.23 -7.81
N LEU D 80 -4.83 -43.91 -7.33
CA LEU D 80 -4.29 -44.65 -6.21
C LEU D 80 -5.18 -44.51 -4.98
N ALA D 81 -5.53 -43.28 -4.62
CA ALA D 81 -6.43 -43.08 -3.49
C ALA D 81 -7.79 -43.69 -3.77
N LEU D 82 -8.25 -43.64 -5.02
CA LEU D 82 -9.52 -44.28 -5.34
C LEU D 82 -9.49 -45.75 -4.97
N VAL D 83 -8.48 -46.47 -5.44
CA VAL D 83 -8.40 -47.89 -5.15
C VAL D 83 -8.25 -48.12 -3.66
N ALA D 84 -7.39 -47.34 -3.01
CA ALA D 84 -7.15 -47.57 -1.59
C ALA D 84 -8.43 -47.37 -0.78
N GLN D 85 -9.18 -46.33 -1.09
CA GLN D 85 -10.44 -46.09 -0.39
C GLN D 85 -11.44 -47.20 -0.72
N ARG D 86 -11.41 -47.72 -1.95
CA ARG D 86 -12.27 -48.85 -2.26
C ARG D 86 -12.00 -50.02 -1.33
N ARG D 87 -10.73 -50.41 -1.21
CA ARG D 87 -10.38 -51.49 -0.32
C ARG D 87 -10.20 -51.05 1.13
N GLY D 88 -10.10 -49.74 1.37
CA GLY D 88 -9.98 -49.25 2.73
C GLY D 88 -8.54 -49.11 3.20
N TYR D 89 -7.68 -48.54 2.37
CA TYR D 89 -6.29 -48.31 2.74
C TYR D 89 -6.08 -46.86 3.12
N LYS D 90 -4.83 -46.49 3.36
CA LYS D 90 -4.43 -45.11 3.60
C LYS D 90 -3.61 -44.60 2.42
N CYS D 91 -3.44 -43.29 2.37
CA CYS D 91 -2.68 -42.66 1.30
C CYS D 91 -1.87 -41.51 1.88
N VAL D 92 -0.55 -41.56 1.71
CA VAL D 92 0.34 -40.50 2.11
C VAL D 92 1.18 -40.12 0.90
N PHE D 93 1.13 -38.86 0.51
CA PHE D 93 1.79 -38.39 -0.70
C PHE D 93 2.85 -37.35 -0.37
N VAL D 94 4.06 -37.59 -0.84
CA VAL D 94 5.16 -36.63 -0.75
C VAL D 94 5.67 -36.44 -2.16
N CYS D 95 5.35 -35.31 -2.78
CA CYS D 95 5.70 -35.18 -4.22
C CYS D 95 6.25 -33.79 -4.53
N PRO D 96 6.60 -33.46 -5.80
CA PRO D 96 7.01 -32.12 -6.14
C PRO D 96 5.89 -31.17 -5.68
N ASP D 97 6.23 -30.17 -4.86
CA ASP D 97 5.22 -29.17 -4.40
C ASP D 97 4.39 -28.71 -5.61
N LYS D 98 4.98 -28.77 -6.81
CA LYS D 98 4.26 -28.39 -8.06
C LYS D 98 2.75 -28.45 -7.85
N VAL D 99 2.20 -29.66 -7.69
CA VAL D 99 0.72 -29.85 -7.51
C VAL D 99 0.07 -28.49 -7.23
N SER D 100 -0.50 -27.86 -8.25
CA SER D 100 -1.22 -26.56 -8.07
C SER D 100 -2.21 -26.70 -6.91
N GLU D 101 -2.59 -25.59 -6.28
CA GLU D 101 -3.45 -25.75 -5.11
C GLU D 101 -4.57 -26.75 -5.37
N ASP D 102 -5.17 -26.70 -6.56
CA ASP D 102 -6.30 -27.58 -6.85
C ASP D 102 -5.89 -29.04 -6.77
N LYS D 103 -4.71 -29.39 -7.26
CA LYS D 103 -4.31 -30.79 -7.27
C LYS D 103 -4.27 -31.36 -5.87
N ARG D 104 -3.55 -30.70 -4.95
CA ARG D 104 -3.46 -31.26 -3.61
C ARG D 104 -4.77 -31.10 -2.86
N ASN D 105 -5.56 -30.08 -3.18
CA ASN D 105 -6.88 -30.00 -2.56
C ASN D 105 -7.71 -31.22 -2.93
N VAL D 106 -7.71 -31.60 -4.21
CA VAL D 106 -8.46 -32.77 -4.64
C VAL D 106 -7.89 -34.03 -3.99
N LEU D 107 -6.57 -34.15 -3.94
CA LEU D 107 -5.98 -35.32 -3.33
C LEU D 107 -6.39 -35.45 -1.87
N ILE D 108 -6.41 -34.33 -1.15
CA ILE D 108 -6.87 -34.37 0.24
C ILE D 108 -8.33 -34.76 0.29
N ALA D 109 -9.13 -34.25 -0.65
CA ALA D 109 -10.55 -34.56 -0.66
C ALA D 109 -10.80 -36.06 -0.67
N TYR D 110 -9.94 -36.82 -1.33
CA TYR D 110 -10.08 -38.27 -1.37
C TYR D 110 -9.52 -38.94 -0.13
N GLY D 111 -9.29 -38.19 0.94
CA GLY D 111 -8.82 -38.76 2.18
C GLY D 111 -7.40 -39.28 2.10
N ALA D 112 -6.46 -38.41 1.77
CA ALA D 112 -5.05 -38.79 1.66
C ALA D 112 -4.22 -37.72 2.36
N GLU D 113 -3.59 -38.08 3.46
CA GLU D 113 -2.74 -37.13 4.17
C GLU D 113 -1.53 -36.79 3.32
N VAL D 114 -1.24 -35.50 3.19
CA VAL D 114 -0.14 -35.02 2.35
C VAL D 114 0.85 -34.28 3.23
N VAL D 115 2.12 -34.68 3.15
CA VAL D 115 3.23 -34.00 3.79
C VAL D 115 4.20 -33.53 2.71
N VAL D 116 3.63 -33.11 1.58
CA VAL D 116 4.42 -32.75 0.40
C VAL D 116 5.53 -31.78 0.77
N CYS D 117 6.53 -31.71 -0.10
CA CYS D 117 7.75 -30.95 0.09
C CYS D 117 8.07 -30.22 -1.19
N PRO D 118 8.79 -29.09 -1.11
CA PRO D 118 9.18 -28.37 -2.33
C PRO D 118 10.05 -29.23 -3.24
N THR D 119 9.92 -28.98 -4.54
CA THR D 119 10.64 -29.70 -5.56
C THR D 119 11.73 -28.82 -6.16
N ALA D 120 12.42 -29.36 -7.18
CA ALA D 120 13.50 -28.72 -7.90
C ALA D 120 14.78 -28.63 -7.08
N VAL D 121 14.78 -29.10 -5.84
CA VAL D 121 15.94 -29.04 -4.97
C VAL D 121 16.52 -30.45 -4.83
N PRO D 122 17.69 -30.73 -5.38
CA PRO D 122 18.28 -32.05 -5.21
C PRO D 122 18.68 -32.28 -3.76
N PRO D 123 17.94 -33.11 -3.03
CA PRO D 123 18.16 -33.21 -1.58
C PRO D 123 19.53 -33.73 -1.20
N HIS D 124 19.86 -34.95 -1.63
CA HIS D 124 21.03 -35.66 -1.13
C HIS D 124 21.03 -35.74 0.38
N ASP D 125 19.88 -35.47 1.00
CA ASP D 125 19.70 -35.46 2.44
C ASP D 125 18.24 -35.20 2.74
N PRO D 126 17.80 -35.40 3.97
CA PRO D 126 16.40 -35.11 4.28
C PRO D 126 16.13 -33.62 4.18
N ALA D 127 16.17 -33.12 2.95
CA ALA D 127 15.80 -31.73 2.67
C ALA D 127 15.01 -31.51 1.36
N SER D 128 14.29 -32.51 0.86
CA SER D 128 13.56 -32.34 -0.40
C SER D 128 12.34 -33.25 -0.45
N TYR D 129 11.59 -33.16 -1.56
CA TYR D 129 10.39 -33.98 -1.67
C TYR D 129 10.73 -35.46 -1.67
N TYR D 130 11.68 -35.86 -2.51
CA TYR D 130 12.10 -37.25 -2.49
C TYR D 130 12.80 -37.58 -1.19
N SER D 131 13.48 -36.60 -0.59
CA SER D 131 14.10 -36.82 0.70
C SER D 131 13.07 -37.21 1.74
N VAL D 132 11.99 -36.42 1.84
CA VAL D 132 10.94 -36.72 2.85
C VAL D 132 10.23 -38.02 2.46
N SER D 133 10.08 -38.30 1.16
CA SER D 133 9.44 -39.55 0.75
C SER D 133 10.26 -40.75 1.21
N ASP D 134 11.57 -40.72 0.98
CA ASP D 134 12.44 -41.81 1.40
C ASP D 134 12.47 -41.94 2.92
N ARG D 135 12.51 -40.80 3.63
CA ARG D 135 12.51 -40.84 5.08
C ARG D 135 11.23 -41.50 5.61
N LEU D 136 10.08 -41.15 5.04
CA LEU D 136 8.83 -41.78 5.45
C LEU D 136 8.82 -43.25 5.11
N VAL D 137 9.34 -43.61 3.94
CA VAL D 137 9.40 -45.02 3.55
C VAL D 137 10.23 -45.80 4.56
N ARG D 138 11.37 -45.25 4.95
CA ARG D 138 12.21 -45.91 5.94
C ARG D 138 11.51 -45.99 7.29
N ASP D 139 10.73 -44.95 7.64
CA ASP D 139 10.16 -44.86 8.97
C ASP D 139 8.93 -45.75 9.13
N ILE D 140 7.89 -45.49 8.34
CA ILE D 140 6.61 -46.13 8.56
C ILE D 140 6.71 -47.62 8.25
N ASP D 141 5.90 -48.41 8.95
CA ASP D 141 5.83 -49.85 8.74
C ASP D 141 4.60 -50.21 7.92
N GLY D 142 4.66 -51.38 7.29
CA GLY D 142 3.56 -51.80 6.44
C GLY D 142 3.30 -50.88 5.27
N ALA D 143 4.32 -50.14 4.82
CA ALA D 143 4.17 -49.19 3.75
C ALA D 143 4.49 -49.86 2.41
N TRP D 144 4.54 -49.07 1.35
CA TRP D 144 4.85 -49.56 0.02
C TRP D 144 5.18 -48.40 -0.90
N LYS D 145 6.25 -48.51 -1.69
CA LYS D 145 6.60 -47.47 -2.66
C LYS D 145 6.26 -47.98 -4.05
N PRO D 146 5.06 -47.74 -4.54
CA PRO D 146 4.71 -48.24 -5.88
C PRO D 146 5.67 -47.73 -6.94
N ASP D 147 5.81 -46.42 -7.05
CA ASP D 147 6.79 -45.82 -7.96
C ASP D 147 6.60 -46.34 -9.38
N GLN D 148 5.45 -45.99 -9.95
CA GLN D 148 5.12 -46.45 -11.29
C GLN D 148 6.28 -46.30 -12.25
N TYR D 149 7.23 -45.40 -11.97
CA TYR D 149 8.41 -45.28 -12.82
C TYR D 149 9.09 -46.63 -13.02
N ALA D 150 9.24 -47.42 -11.95
CA ALA D 150 9.88 -48.72 -12.06
C ALA D 150 8.93 -49.77 -11.48
N ASN D 151 7.99 -50.21 -12.30
CA ASN D 151 7.09 -51.28 -11.91
C ASN D 151 6.56 -51.98 -13.15
N PRO D 152 7.02 -53.19 -13.44
CA PRO D 152 6.55 -53.89 -14.64
C PRO D 152 5.04 -54.06 -14.66
N GLU D 153 4.42 -54.23 -13.50
CA GLU D 153 2.98 -54.37 -13.47
C GLU D 153 2.29 -53.16 -14.10
N GLY D 154 2.94 -52.00 -14.04
CA GLY D 154 2.40 -50.82 -14.68
C GLY D 154 2.11 -51.09 -16.14
N PRO D 155 3.16 -51.28 -16.92
CA PRO D 155 2.95 -51.61 -18.34
C PRO D 155 2.14 -52.87 -18.54
N ALA D 156 2.21 -53.78 -17.56
CA ALA D 156 1.40 -55.02 -17.64
C ALA D 156 -0.07 -54.63 -17.80
N SER D 157 -0.55 -53.71 -16.96
CA SER D 157 -1.98 -53.29 -17.02
C SER D 157 -2.33 -52.89 -18.45
N HIS D 158 -1.57 -51.95 -19.04
CA HIS D 158 -1.82 -51.53 -20.44
C HIS D 158 -1.85 -52.76 -21.33
N TYR D 159 -0.90 -53.69 -21.13
CA TYR D 159 -0.82 -54.86 -21.98
C TYR D 159 -2.04 -55.75 -21.81
N VAL D 160 -2.67 -55.70 -20.65
CA VAL D 160 -3.83 -56.54 -20.39
C VAL D 160 -5.10 -55.88 -20.91
N THR D 161 -5.41 -54.68 -20.42
CA THR D 161 -6.70 -54.05 -20.71
C THR D 161 -6.52 -52.58 -21.08
N THR D 162 -5.56 -52.31 -21.92
CA THR D 162 -5.43 -50.96 -22.50
C THR D 162 -5.33 -50.99 -24.01
N GLY D 163 -4.66 -51.99 -24.57
CA GLY D 163 -4.55 -52.12 -26.00
C GLY D 163 -5.55 -53.10 -26.57
N PRO D 164 -5.74 -54.24 -25.88
CA PRO D 164 -6.74 -55.20 -26.37
C PRO D 164 -8.09 -54.57 -26.58
N GLU D 165 -8.47 -53.62 -25.73
CA GLU D 165 -9.73 -52.92 -25.94
C GLU D 165 -9.71 -52.16 -27.26
N ILE D 166 -8.58 -51.54 -27.59
CA ILE D 166 -8.47 -50.84 -28.86
C ILE D 166 -8.65 -51.82 -30.02
N TRP D 167 -7.99 -52.98 -29.92
CA TRP D 167 -8.12 -53.97 -30.98
C TRP D 167 -9.57 -54.42 -31.12
N ALA D 168 -10.24 -54.69 -30.00
CA ALA D 168 -11.62 -55.14 -30.07
C ALA D 168 -12.52 -54.08 -30.70
N ASP D 169 -12.34 -52.82 -30.30
CA ASP D 169 -13.17 -51.77 -30.87
C ASP D 169 -12.91 -51.59 -32.36
N THR D 170 -11.64 -51.61 -32.76
CA THR D 170 -11.31 -51.44 -34.16
C THR D 170 -11.18 -52.75 -34.91
N GLU D 171 -11.30 -53.89 -34.22
CA GLU D 171 -11.19 -55.20 -34.85
C GLU D 171 -9.83 -55.38 -35.50
N GLY D 172 -8.78 -54.87 -34.86
CA GLY D 172 -7.45 -55.01 -35.42
C GLY D 172 -7.21 -54.18 -36.67
N LYS D 173 -8.15 -53.32 -37.05
CA LYS D 173 -8.01 -52.49 -38.24
C LYS D 173 -7.47 -51.11 -37.88
N VAL D 174 -6.26 -51.09 -37.32
CA VAL D 174 -5.61 -49.86 -36.90
C VAL D 174 -4.23 -49.83 -37.53
N THR D 175 -3.98 -48.81 -38.36
CA THR D 175 -2.69 -48.72 -39.02
C THR D 175 -1.60 -48.30 -38.05
N HIS D 176 -1.74 -47.12 -37.46
CA HIS D 176 -0.75 -46.56 -36.57
C HIS D 176 -1.42 -46.12 -35.28
N PHE D 177 -0.78 -46.43 -34.15
CA PHE D 177 -1.24 -46.03 -32.82
C PHE D 177 -0.23 -45.07 -32.22
N VAL D 178 -0.58 -43.81 -32.13
CA VAL D 178 0.27 -42.84 -31.48
C VAL D 178 -0.18 -42.72 -30.03
N ALA D 179 0.74 -42.30 -29.16
CA ALA D 179 0.45 -42.21 -27.75
C ALA D 179 1.27 -41.13 -27.11
N GLY D 180 0.76 -40.58 -26.03
CA GLY D 180 1.47 -39.56 -25.28
C GLY D 180 2.51 -40.17 -24.37
N ILE D 181 3.65 -40.56 -24.97
CA ILE D 181 4.73 -41.22 -24.19
C ILE D 181 5.00 -40.45 -22.89
N GLY D 182 5.06 -41.17 -21.77
CA GLY D 182 5.35 -40.56 -20.49
C GLY D 182 6.32 -41.40 -19.69
N THR D 183 5.91 -41.84 -18.50
CA THR D 183 6.78 -42.78 -17.74
C THR D 183 6.80 -44.12 -18.47
N GLY D 184 6.18 -44.20 -19.65
CA GLY D 184 6.11 -45.46 -20.42
C GLY D 184 4.69 -45.98 -20.54
N GLY D 185 4.28 -46.88 -19.64
CA GLY D 185 2.90 -47.42 -19.62
C GLY D 185 2.29 -47.57 -21.01
N THR D 186 1.21 -46.83 -21.29
CA THR D 186 0.50 -46.97 -22.59
C THR D 186 1.50 -47.18 -23.74
N ILE D 187 2.42 -46.24 -23.94
CA ILE D 187 3.36 -46.33 -25.10
C ILE D 187 3.99 -47.73 -25.16
N THR D 188 4.24 -48.37 -24.02
CA THR D 188 4.92 -49.65 -24.03
C THR D 188 3.92 -50.80 -24.04
N GLY D 189 2.95 -50.77 -23.15
CA GLY D 189 1.98 -51.85 -23.10
C GLY D 189 1.15 -51.93 -24.36
N ALA D 190 0.66 -50.79 -24.83
CA ALA D 190 -0.21 -50.80 -26.00
C ALA D 190 0.54 -51.35 -27.21
N GLY D 191 1.78 -50.91 -27.41
CA GLY D 191 2.55 -51.41 -28.54
C GLY D 191 2.86 -52.88 -28.39
N ARG D 192 3.30 -53.29 -27.20
CA ARG D 192 3.68 -54.69 -27.01
C ARG D 192 2.49 -55.61 -27.22
N TYR D 193 1.27 -55.12 -26.98
CA TYR D 193 0.12 -55.96 -27.26
C TYR D 193 -0.27 -55.90 -28.72
N LEU D 194 -0.47 -54.69 -29.26
CA LEU D 194 -0.96 -54.57 -30.62
C LEU D 194 -0.01 -55.21 -31.62
N LYS D 195 1.29 -55.22 -31.32
CA LYS D 195 2.24 -55.77 -32.27
C LYS D 195 2.10 -57.28 -32.38
N GLU D 196 1.91 -57.97 -31.24
CA GLU D 196 1.87 -59.43 -31.26
C GLU D 196 0.67 -59.92 -32.06
N VAL D 197 -0.49 -59.30 -31.87
CA VAL D 197 -1.70 -59.76 -32.55
C VAL D 197 -1.76 -59.33 -34.00
N SER D 198 -0.88 -58.43 -34.43
CA SER D 198 -0.86 -57.98 -35.82
C SER D 198 0.53 -58.10 -36.45
N GLY D 199 1.43 -58.85 -35.83
CA GLY D 199 2.78 -58.96 -36.36
C GLY D 199 3.44 -57.61 -36.48
N GLY D 200 3.68 -57.18 -37.71
CA GLY D 200 4.26 -55.87 -37.94
C GLY D 200 3.32 -54.97 -38.70
N ARG D 201 2.02 -55.26 -38.63
CA ARG D 201 1.06 -54.50 -39.41
C ARG D 201 0.80 -53.13 -38.82
N VAL D 202 1.20 -52.87 -37.57
CA VAL D 202 0.88 -51.64 -36.88
C VAL D 202 2.17 -50.95 -36.46
N ARG D 203 2.24 -49.65 -36.70
CA ARG D 203 3.36 -48.83 -36.27
C ARG D 203 3.00 -48.14 -34.97
N ILE D 204 3.89 -48.23 -33.98
CA ILE D 204 3.67 -47.66 -32.66
C ILE D 204 4.40 -46.32 -32.62
N VAL D 205 3.69 -45.24 -32.88
CA VAL D 205 4.30 -43.92 -32.84
C VAL D 205 4.37 -43.41 -31.40
N GLY D 206 5.26 -42.46 -31.17
CA GLY D 206 5.42 -41.88 -29.85
C GLY D 206 5.58 -40.37 -29.88
N ALA D 207 4.77 -39.66 -29.11
CA ALA D 207 4.79 -38.21 -29.07
C ALA D 207 5.47 -37.74 -27.81
N ASP D 208 6.38 -36.78 -27.95
CA ASP D 208 7.15 -36.26 -26.85
C ASP D 208 7.55 -34.83 -27.19
N PRO D 209 7.42 -33.90 -26.24
CA PRO D 209 7.83 -32.52 -26.52
C PRO D 209 9.30 -32.44 -26.89
N GLU D 210 9.57 -31.62 -27.90
CA GLU D 210 10.96 -31.46 -28.41
C GLU D 210 11.93 -31.23 -27.26
N GLY D 211 13.21 -31.43 -27.52
CA GLY D 211 14.22 -31.22 -26.50
C GLY D 211 14.03 -32.14 -25.31
N SER D 212 13.74 -33.41 -25.56
CA SER D 212 13.52 -34.39 -24.51
C SER D 212 14.39 -35.61 -24.73
N VAL D 213 14.64 -36.34 -23.65
CA VAL D 213 15.51 -37.50 -23.74
C VAL D 213 14.92 -38.55 -24.67
N TYR D 214 13.61 -38.76 -24.60
CA TYR D 214 12.99 -39.74 -25.47
C TYR D 214 13.20 -39.40 -26.94
N SER D 215 13.43 -38.12 -27.25
CA SER D 215 13.65 -37.67 -28.62
C SER D 215 15.12 -37.49 -28.94
N GLY D 216 16.01 -38.01 -28.10
CA GLY D 216 17.44 -37.87 -28.33
C GLY D 216 17.92 -36.43 -28.27
N GLY D 217 17.49 -35.69 -27.26
CA GLY D 217 17.91 -34.31 -27.10
C GLY D 217 18.49 -34.01 -25.74
N ALA D 218 18.42 -32.75 -25.32
CA ALA D 218 18.97 -32.31 -24.05
C ALA D 218 17.85 -31.98 -23.07
N GLY D 219 18.22 -31.84 -21.80
CA GLY D 219 17.24 -31.54 -20.77
C GLY D 219 16.58 -30.20 -21.00
N ARG D 220 15.44 -30.02 -20.33
CA ARG D 220 14.67 -28.80 -20.49
C ARG D 220 13.53 -28.76 -19.48
N PRO D 221 13.06 -27.59 -19.08
CA PRO D 221 11.87 -27.52 -18.25
C PRO D 221 10.64 -28.03 -18.99
N TYR D 222 9.60 -28.31 -18.22
CA TYR D 222 8.39 -28.90 -18.74
C TYR D 222 7.20 -27.98 -18.50
N LEU D 223 6.27 -27.99 -19.45
CA LEU D 223 5.03 -27.24 -19.31
C LEU D 223 3.80 -28.10 -19.55
N VAL D 224 3.97 -29.36 -19.93
CA VAL D 224 2.86 -30.30 -20.11
C VAL D 224 3.04 -31.40 -19.07
N GLU D 225 2.28 -31.33 -17.99
CA GLU D 225 2.50 -32.23 -16.88
C GLU D 225 2.35 -33.68 -17.31
N GLY D 226 3.26 -34.52 -16.84
CA GLY D 226 3.19 -35.94 -17.11
C GLY D 226 4.10 -36.40 -18.22
N VAL D 227 4.21 -35.63 -19.28
CA VAL D 227 5.02 -36.01 -20.42
C VAL D 227 6.46 -35.59 -20.15
N GLY D 228 7.38 -36.18 -20.90
CA GLY D 228 8.77 -35.81 -20.83
C GLY D 228 9.45 -36.38 -19.60
N GLU D 229 10.78 -36.45 -19.68
CA GLU D 229 11.61 -36.95 -18.59
C GLU D 229 13.06 -36.82 -19.00
N ASP D 230 13.94 -36.85 -18.02
CA ASP D 230 15.37 -36.75 -18.27
C ASP D 230 16.13 -38.06 -18.09
N PHE D 231 15.80 -38.84 -17.07
CA PHE D 231 16.43 -40.14 -16.87
C PHE D 231 15.50 -41.23 -17.37
N TRP D 232 16.04 -42.13 -18.19
CA TRP D 232 15.24 -43.19 -18.77
C TRP D 232 14.67 -44.09 -17.67
N PRO D 233 13.37 -44.07 -17.45
CA PRO D 233 12.78 -44.98 -16.45
C PRO D 233 13.01 -46.43 -16.82
N ALA D 234 13.24 -47.25 -15.79
CA ALA D 234 13.49 -48.66 -16.02
C ALA D 234 12.27 -49.41 -16.54
N ALA D 235 11.09 -48.80 -16.48
CA ALA D 235 9.87 -49.45 -16.94
C ALA D 235 9.54 -49.09 -18.38
N TYR D 236 10.53 -48.71 -19.17
CA TYR D 236 10.31 -48.38 -20.57
C TYR D 236 11.34 -49.08 -21.43
N ASP D 237 10.93 -49.46 -22.63
CA ASP D 237 11.82 -50.11 -23.58
C ASP D 237 11.56 -49.55 -24.97
N PRO D 238 12.50 -48.77 -25.52
CA PRO D 238 12.28 -48.19 -26.86
C PRO D 238 12.17 -49.23 -27.95
N SER D 239 12.55 -50.49 -27.69
CA SER D 239 12.45 -51.51 -28.72
C SER D 239 11.02 -51.72 -29.18
N VAL D 240 10.04 -51.32 -28.37
CA VAL D 240 8.64 -51.51 -28.72
C VAL D 240 8.22 -50.49 -29.78
N PRO D 241 8.37 -49.19 -29.50
CA PRO D 241 7.93 -48.19 -30.47
C PRO D 241 8.70 -48.29 -31.77
N ASP D 242 8.03 -47.93 -32.87
CA ASP D 242 8.65 -47.95 -34.18
C ASP D 242 9.57 -46.75 -34.37
N GLU D 243 9.04 -45.55 -34.14
CA GLU D 243 9.85 -44.35 -34.27
C GLU D 243 9.15 -43.22 -33.51
N ILE D 244 9.91 -42.52 -32.68
CA ILE D 244 9.37 -41.48 -31.83
C ILE D 244 9.36 -40.16 -32.60
N ILE D 245 8.23 -39.46 -32.55
CA ILE D 245 8.07 -38.18 -33.22
C ILE D 245 7.96 -37.09 -32.17
N ALA D 246 8.77 -36.05 -32.31
CA ALA D 246 8.78 -34.96 -31.35
C ALA D 246 7.76 -33.90 -31.73
N VAL D 247 7.43 -33.05 -30.76
CA VAL D 247 6.47 -31.99 -30.98
C VAL D 247 6.86 -30.80 -30.13
N SER D 248 6.63 -29.60 -30.68
CA SER D 248 6.97 -28.38 -29.98
C SER D 248 5.84 -27.97 -29.04
N ASP D 249 6.23 -27.38 -27.91
CA ASP D 249 5.23 -26.95 -26.94
C ASP D 249 4.29 -25.90 -27.54
N SER D 250 4.85 -24.95 -28.29
CA SER D 250 4.04 -23.88 -28.84
C SER D 250 2.94 -24.41 -29.74
N ASP D 251 3.18 -25.54 -30.41
CA ASP D 251 2.17 -26.15 -31.26
C ASP D 251 1.32 -27.16 -30.53
N SER D 252 1.51 -27.31 -29.22
CA SER D 252 0.73 -28.26 -28.44
C SER D 252 -0.47 -27.59 -27.79
N PHE D 253 -0.22 -26.54 -27.01
CA PHE D 253 -1.33 -25.86 -26.35
C PHE D 253 -2.30 -25.31 -27.38
N ASP D 254 -1.78 -24.71 -28.46
CA ASP D 254 -2.65 -24.22 -29.50
C ASP D 254 -3.47 -25.36 -30.10
N MET D 255 -2.86 -26.52 -30.29
CA MET D 255 -3.61 -27.67 -30.78
C MET D 255 -4.69 -28.07 -29.79
N THR D 256 -4.39 -28.02 -28.49
CA THR D 256 -5.40 -28.37 -27.51
C THR D 256 -6.59 -27.44 -27.58
N ARG D 257 -6.33 -26.14 -27.64
CA ARG D 257 -7.43 -25.18 -27.72
C ARG D 257 -8.21 -25.37 -29.01
N ARG D 258 -7.51 -25.61 -30.12
CA ARG D 258 -8.20 -25.86 -31.39
C ARG D 258 -9.12 -27.06 -31.26
N LEU D 259 -8.57 -28.19 -30.83
CA LEU D 259 -9.37 -29.39 -30.65
C LEU D 259 -10.56 -29.13 -29.76
N ALA D 260 -10.37 -28.35 -28.69
CA ALA D 260 -11.47 -28.06 -27.80
C ALA D 260 -12.58 -27.31 -28.54
N ARG D 261 -12.21 -26.31 -29.33
CA ARG D 261 -13.23 -25.51 -30.00
C ARG D 261 -13.85 -26.19 -31.20
N GLU D 262 -13.18 -27.18 -31.79
CA GLU D 262 -13.62 -27.74 -33.05
C GLU D 262 -14.10 -29.18 -32.98
N GLU D 263 -13.85 -29.88 -31.87
CA GLU D 263 -14.29 -31.25 -31.69
C GLU D 263 -14.86 -31.51 -30.30
N ALA D 264 -15.01 -30.47 -29.47
CA ALA D 264 -15.61 -30.60 -28.15
C ALA D 264 -14.86 -31.65 -27.30
N MET D 265 -13.55 -31.46 -27.16
CA MET D 265 -12.70 -32.34 -26.38
C MET D 265 -11.94 -31.47 -25.37
N LEU D 266 -12.57 -31.23 -24.22
CA LEU D 266 -11.90 -30.41 -23.15
C LEU D 266 -10.79 -31.24 -22.51
N VAL D 267 -9.83 -31.71 -23.31
CA VAL D 267 -8.72 -32.51 -22.81
C VAL D 267 -7.56 -31.61 -22.42
N GLY D 268 -6.58 -32.18 -21.72
CA GLY D 268 -5.42 -31.43 -21.25
C GLY D 268 -4.42 -31.12 -22.34
N GLY D 269 -3.16 -30.98 -21.95
CA GLY D 269 -2.12 -30.62 -22.88
C GLY D 269 -1.46 -31.82 -23.51
N SER D 270 -1.19 -32.84 -22.72
CA SER D 270 -0.61 -34.06 -23.29
C SER D 270 -1.49 -34.60 -24.39
N CYS D 271 -2.81 -34.49 -24.24
CA CYS D 271 -3.69 -34.90 -25.30
C CYS D 271 -3.45 -34.10 -26.56
N GLY D 272 -3.27 -32.78 -26.42
CA GLY D 272 -2.98 -31.97 -27.58
C GLY D 272 -1.69 -32.38 -28.25
N MET D 273 -0.66 -32.66 -27.46
CA MET D 273 0.61 -33.09 -28.04
C MET D 273 0.44 -34.38 -28.81
N ALA D 274 -0.27 -35.34 -28.24
CA ALA D 274 -0.50 -36.59 -28.94
C ALA D 274 -1.27 -36.36 -30.23
N VAL D 275 -2.28 -35.50 -30.17
CA VAL D 275 -3.10 -35.23 -31.34
C VAL D 275 -2.24 -34.64 -32.45
N VAL D 276 -1.41 -33.66 -32.12
CA VAL D 276 -0.56 -33.06 -33.14
C VAL D 276 0.42 -34.08 -33.68
N ALA D 277 0.95 -34.94 -32.80
CA ALA D 277 1.83 -35.99 -33.27
C ALA D 277 1.13 -36.82 -34.31
N ALA D 278 0.02 -37.45 -33.95
CA ALA D 278 -0.67 -38.30 -34.90
C ALA D 278 -0.95 -37.52 -36.17
N LEU D 279 -1.61 -36.37 -36.04
CA LEU D 279 -1.85 -35.49 -37.17
C LEU D 279 -0.67 -35.45 -38.13
N LYS D 280 0.54 -35.20 -37.62
CA LYS D 280 1.72 -35.18 -38.48
C LYS D 280 2.00 -36.56 -39.07
N VAL D 281 1.81 -37.62 -38.28
CA VAL D 281 2.11 -38.97 -38.75
C VAL D 281 1.18 -39.37 -39.88
N ALA D 282 -0.02 -38.83 -39.88
CA ALA D 282 -1.09 -39.17 -40.80
C ALA D 282 -0.77 -38.78 -42.23
N GLU D 283 0.39 -38.19 -42.48
CA GLU D 283 0.77 -37.81 -43.84
C GLU D 283 1.58 -38.90 -44.51
N GLU D 284 2.61 -39.42 -43.85
CA GLU D 284 3.41 -40.46 -44.48
C GLU D 284 2.56 -41.68 -44.83
N ALA D 285 1.50 -41.92 -44.06
CA ALA D 285 0.57 -43.00 -44.35
C ALA D 285 -0.59 -42.42 -45.15
N GLY D 286 -0.85 -43.00 -46.31
CA GLY D 286 -1.86 -42.48 -47.19
C GLY D 286 -3.25 -42.75 -46.68
N PRO D 287 -4.25 -42.36 -47.46
CA PRO D 287 -5.64 -42.59 -47.08
C PRO D 287 -5.91 -44.07 -46.87
N ASP D 288 -7.11 -44.36 -46.37
CA ASP D 288 -7.59 -45.69 -46.05
C ASP D 288 -6.99 -46.18 -44.74
N ALA D 289 -6.06 -45.44 -44.13
CA ALA D 289 -5.47 -45.86 -42.87
C ALA D 289 -6.31 -45.39 -41.69
N LEU D 290 -6.29 -46.19 -40.62
CA LEU D 290 -7.02 -45.90 -39.41
C LEU D 290 -6.02 -45.67 -38.28
N ILE D 291 -6.01 -44.45 -37.75
CA ILE D 291 -5.09 -44.04 -36.70
C ILE D 291 -5.86 -43.99 -35.39
N VAL D 292 -5.25 -44.46 -34.31
CA VAL D 292 -5.86 -44.46 -33.00
C VAL D 292 -4.96 -43.66 -32.08
N VAL D 293 -5.36 -42.43 -31.79
CA VAL D 293 -4.66 -41.56 -30.86
C VAL D 293 -5.22 -41.78 -29.47
N LEU D 294 -4.47 -41.34 -28.46
CA LEU D 294 -4.90 -41.49 -27.05
C LEU D 294 -4.86 -40.12 -26.36
N LEU D 295 -5.90 -39.80 -25.57
CA LEU D 295 -5.97 -38.52 -24.85
C LEU D 295 -6.16 -38.81 -23.38
N PRO D 296 -5.15 -39.31 -22.72
CA PRO D 296 -5.34 -39.76 -21.34
C PRO D 296 -5.30 -38.61 -20.34
N ASP D 297 -6.00 -37.53 -20.62
CA ASP D 297 -6.08 -36.43 -19.66
C ASP D 297 -7.30 -35.59 -20.00
N GLY D 298 -8.30 -35.65 -19.14
CA GLY D 298 -9.44 -34.77 -19.29
C GLY D 298 -9.15 -33.42 -18.67
N GLY D 299 -9.03 -32.39 -19.51
CA GLY D 299 -8.62 -31.10 -19.00
C GLY D 299 -9.76 -30.26 -18.49
N ARG D 300 -9.99 -30.29 -17.19
CA ARG D 300 -10.89 -29.36 -16.53
C ARG D 300 -10.20 -28.60 -15.42
N GLY D 301 -9.30 -29.24 -14.67
CA GLY D 301 -8.44 -28.51 -13.78
C GLY D 301 -7.37 -27.72 -14.52
N TYR D 302 -7.07 -28.11 -15.75
CA TYR D 302 -6.16 -27.32 -16.57
C TYR D 302 -6.78 -26.01 -17.04
N MET D 303 -8.09 -25.83 -16.83
CA MET D 303 -8.74 -24.62 -17.32
C MET D 303 -8.20 -23.37 -16.64
N SER D 304 -7.44 -23.51 -15.56
CA SER D 304 -6.87 -22.34 -14.90
C SER D 304 -5.84 -21.64 -15.79
N LYS D 305 -5.00 -22.41 -16.47
CA LYS D 305 -3.91 -21.83 -17.25
C LYS D 305 -4.02 -22.10 -18.73
N ILE D 306 -4.18 -23.36 -19.14
CA ILE D 306 -4.10 -23.69 -20.55
C ILE D 306 -5.16 -22.92 -21.34
N PHE D 307 -6.39 -22.91 -20.84
CA PHE D 307 -7.44 -22.15 -21.50
C PHE D 307 -7.50 -20.72 -21.01
N ASN D 308 -6.67 -20.38 -20.02
CA ASN D 308 -6.60 -18.98 -19.54
C ASN D 308 -5.89 -18.14 -20.60
N ASP D 309 -6.32 -16.89 -20.78
CA ASP D 309 -5.71 -16.03 -21.78
C ASP D 309 -4.42 -15.38 -21.30
N ALA D 310 -4.13 -15.43 -20.01
CA ALA D 310 -2.94 -14.79 -19.48
C ALA D 310 -1.77 -15.75 -19.36
N TRP D 311 -1.97 -16.87 -18.66
CA TRP D 311 -0.88 -17.80 -18.46
C TRP D 311 -0.31 -18.26 -19.78
N MET D 312 -1.14 -18.49 -20.78
CA MET D 312 -0.64 -18.83 -22.09
C MET D 312 -0.01 -17.65 -22.81
N SER D 313 -0.17 -16.44 -22.27
CA SER D 313 0.46 -15.28 -22.88
C SER D 313 1.81 -14.96 -22.25
N SER D 314 2.01 -15.34 -20.98
CA SER D 314 3.27 -15.07 -20.33
C SER D 314 4.40 -15.81 -21.01
N TYR D 315 4.13 -17.03 -21.48
CA TYR D 315 5.16 -17.81 -22.14
C TYR D 315 5.33 -17.45 -23.61
N GLY D 316 4.71 -16.37 -24.07
CA GLY D 316 5.02 -15.84 -25.37
C GLY D 316 4.49 -16.61 -26.55
N PHE D 317 3.41 -17.37 -26.37
CA PHE D 317 2.77 -18.02 -27.51
C PHE D 317 1.26 -18.05 -27.28
N LEU D 318 0.53 -17.23 -28.03
CA LEU D 318 -0.92 -17.30 -28.06
C LEU D 318 -1.34 -16.80 -29.44
N ARG D 319 -1.62 -17.75 -30.33
CA ARG D 319 -1.86 -17.41 -31.73
C ARG D 319 -3.30 -16.99 -31.99
N SER D 320 -4.16 -17.02 -30.99
CA SER D 320 -5.53 -16.54 -31.15
C SER D 320 -6.18 -16.47 -29.78
N ARG D 321 -6.88 -15.37 -29.52
CA ARG D 321 -7.54 -15.22 -28.24
C ARG D 321 -8.73 -16.17 -28.15
N LEU D 322 -9.09 -16.54 -26.92
CA LEU D 322 -10.11 -17.57 -26.72
C LEU D 322 -11.40 -17.24 -27.46
N ASP D 323 -11.84 -15.99 -27.38
CA ASP D 323 -13.07 -15.61 -28.08
C ASP D 323 -12.92 -15.60 -29.58
N GLY D 324 -11.73 -15.91 -30.10
CA GLY D 324 -11.54 -15.96 -31.54
C GLY D 324 -11.16 -14.62 -32.14
N SER D 325 -12.10 -13.68 -32.13
CA SER D 325 -11.86 -12.38 -32.74
C SER D 325 -10.72 -11.65 -32.02
N THR D 326 -9.72 -11.23 -32.79
CA THR D 326 -8.66 -10.41 -32.21
C THR D 326 -9.22 -9.05 -31.83
N GLU D 327 -8.75 -8.52 -30.71
CA GLU D 327 -9.28 -7.29 -30.16
C GLU D 327 -8.17 -6.25 -30.05
N GLN D 328 -8.56 -4.99 -30.08
CA GLN D 328 -7.63 -3.91 -29.87
C GLN D 328 -7.15 -3.90 -28.42
N SER D 329 -5.85 -3.68 -28.24
CA SER D 329 -5.28 -3.54 -26.87
C SER D 329 -4.33 -2.33 -26.92
N THR D 330 -4.87 -1.13 -27.15
CA THR D 330 -4.02 0.07 -27.33
C THR D 330 -3.13 0.31 -26.11
N VAL D 331 -2.03 1.05 -26.31
CA VAL D 331 -1.09 1.36 -25.18
C VAL D 331 -1.82 2.21 -24.15
N GLY D 332 -2.93 2.83 -24.53
CA GLY D 332 -3.66 3.68 -23.61
C GLY D 332 -3.96 3.01 -22.29
N ASP D 333 -4.80 1.98 -22.30
CA ASP D 333 -5.04 1.25 -21.06
C ASP D 333 -3.76 0.62 -20.55
N VAL D 334 -2.92 0.14 -21.46
CA VAL D 334 -1.63 -0.41 -21.05
C VAL D 334 -0.82 0.63 -20.30
N LEU D 335 -1.02 1.91 -20.64
CA LEU D 335 -0.27 2.98 -19.99
C LEU D 335 -0.83 3.33 -18.62
N ARG D 336 -2.02 2.86 -18.28
CA ARG D 336 -2.62 3.13 -16.98
C ARG D 336 -2.72 1.89 -16.11
N ARG D 337 -3.43 0.87 -16.56
CA ARG D 337 -3.58 -0.36 -15.78
C ARG D 337 -4.32 -0.10 -14.47
N LYS D 338 -4.66 1.17 -14.22
CA LYS D 338 -5.35 1.54 -12.96
C LYS D 338 -6.10 2.86 -13.14
N SER D 339 -6.17 3.38 -14.37
CA SER D 339 -6.81 4.71 -14.54
C SER D 339 -7.38 4.88 -15.94
N GLY D 340 -8.36 5.77 -16.10
CA GLY D 340 -8.89 6.08 -17.44
C GLY D 340 -8.26 7.37 -17.92
N ALA D 341 -7.92 8.26 -16.98
CA ALA D 341 -7.24 9.53 -17.34
C ALA D 341 -5.75 9.24 -17.53
N LEU D 342 -4.89 9.96 -16.79
CA LEU D 342 -3.43 9.78 -16.95
C LEU D 342 -2.68 10.45 -15.79
N PRO D 343 -1.82 9.73 -15.06
CA PRO D 343 -1.01 10.38 -14.02
C PRO D 343 -0.07 11.37 -14.72
N ALA D 344 0.04 12.60 -14.20
CA ALA D 344 0.90 13.63 -14.82
C ALA D 344 2.15 12.96 -15.37
N LEU D 345 2.44 13.14 -16.66
CA LEU D 345 3.58 12.50 -17.28
C LEU D 345 4.76 12.96 -16.46
N VAL D 346 5.23 12.08 -15.57
CA VAL D 346 6.24 12.47 -14.63
C VAL D 346 7.34 13.18 -15.40
N HIS D 347 7.66 14.40 -14.99
CA HIS D 347 8.59 15.23 -15.73
C HIS D 347 9.64 15.78 -14.77
N THR D 348 10.64 16.41 -15.34
CA THR D 348 11.71 17.00 -14.54
C THR D 348 12.32 18.14 -15.33
N HIS D 349 12.00 19.37 -14.91
CA HIS D 349 12.48 20.52 -15.65
C HIS D 349 14.02 20.53 -15.66
N PRO D 350 14.63 20.91 -16.77
CA PRO D 350 16.09 20.73 -16.90
C PRO D 350 16.90 21.66 -16.03
N SER D 351 16.25 22.46 -15.20
CA SER D 351 16.97 23.30 -14.26
C SER D 351 17.06 22.70 -12.86
N GLU D 352 16.23 21.72 -12.56
CA GLU D 352 16.24 21.13 -11.23
C GLU D 352 17.51 20.31 -11.02
N THR D 353 17.88 20.15 -9.76
CA THR D 353 19.12 19.46 -9.44
C THR D 353 19.01 17.97 -9.72
N VAL D 354 20.16 17.34 -9.95
CA VAL D 354 20.17 15.92 -10.27
C VAL D 354 19.62 15.12 -9.11
N ARG D 355 19.96 15.50 -7.88
CA ARG D 355 19.41 14.81 -6.72
C ARG D 355 17.90 14.87 -6.73
N ASP D 356 17.34 16.02 -7.08
CA ASP D 356 15.89 16.14 -7.14
C ASP D 356 15.31 15.19 -8.16
N ALA D 357 15.93 15.09 -9.33
CA ALA D 357 15.40 14.20 -10.35
C ALA D 357 15.47 12.75 -9.89
N ILE D 358 16.60 12.34 -9.31
CA ILE D 358 16.72 10.96 -8.87
C ILE D 358 15.69 10.66 -7.79
N GLY D 359 15.48 11.61 -6.87
CA GLY D 359 14.47 11.40 -5.85
C GLY D 359 13.07 11.30 -6.42
N ILE D 360 12.76 12.15 -7.40
CA ILE D 360 11.42 12.12 -7.97
C ILE D 360 11.19 10.82 -8.72
N LEU D 361 12.22 10.33 -9.41
CA LEU D 361 12.11 9.01 -10.04
C LEU D 361 11.92 7.92 -8.99
N ARG D 362 12.66 7.98 -7.89
CA ARG D 362 12.53 6.97 -6.86
C ARG D 362 11.18 7.02 -6.18
N GLU D 363 10.51 8.17 -6.19
CA GLU D 363 9.22 8.29 -5.52
C GLU D 363 8.05 7.89 -6.41
N TYR D 364 8.13 8.14 -7.72
CA TYR D 364 7.08 7.77 -8.64
C TYR D 364 7.28 6.40 -9.27
N GLY D 365 8.35 5.70 -8.92
CA GLY D 365 8.55 4.35 -9.41
C GLY D 365 8.65 4.26 -10.92
N VAL D 366 9.60 4.99 -11.51
CA VAL D 366 9.84 4.93 -12.95
C VAL D 366 11.33 4.86 -13.19
N SER D 367 11.69 4.35 -14.37
CA SER D 367 13.08 4.23 -14.77
C SER D 367 13.37 4.98 -16.07
N GLN D 368 12.52 5.93 -16.45
CA GLN D 368 12.73 6.69 -17.66
C GLN D 368 11.80 7.90 -17.65
N MET D 369 12.31 9.10 -17.95
CA MET D 369 11.41 10.24 -17.92
C MET D 369 11.92 11.35 -18.81
N PRO D 370 11.06 11.99 -19.58
CA PRO D 370 11.48 13.15 -20.36
C PRO D 370 11.52 14.41 -19.51
N VAL D 371 12.35 15.34 -19.96
CA VAL D 371 12.52 16.62 -19.29
C VAL D 371 12.23 17.72 -20.29
N VAL D 372 11.32 18.63 -19.92
CA VAL D 372 10.85 19.68 -20.79
C VAL D 372 10.96 21.02 -20.06
N GLY D 373 10.75 22.09 -20.81
CA GLY D 373 10.83 23.42 -20.24
C GLY D 373 9.53 23.91 -19.65
N ALA D 374 8.46 23.89 -20.43
CA ALA D 374 7.18 24.41 -19.99
C ALA D 374 6.44 23.36 -19.16
N GLU D 375 5.16 23.60 -18.89
CA GLU D 375 4.37 22.69 -18.11
C GLU D 375 4.08 21.42 -18.92
N PRO D 376 3.75 20.33 -18.25
CA PRO D 376 3.52 19.05 -18.94
C PRO D 376 2.43 19.18 -19.98
N PRO D 377 1.21 19.59 -19.58
CA PRO D 377 0.10 19.55 -20.53
C PRO D 377 0.35 20.34 -21.81
N VAL D 378 0.74 21.62 -21.68
CA VAL D 378 0.88 22.47 -22.85
C VAL D 378 1.99 22.01 -23.79
N MET D 379 2.82 21.06 -23.37
CA MET D 379 3.95 20.64 -24.19
C MET D 379 3.45 20.08 -25.52
N ALA D 380 4.19 20.37 -26.59
CA ALA D 380 3.80 19.99 -27.94
C ALA D 380 4.82 19.06 -28.59
N GLY D 381 5.55 18.30 -27.77
CA GLY D 381 6.52 17.35 -28.29
C GLY D 381 7.90 17.91 -28.55
N GLU D 382 8.23 19.07 -28.00
CA GLU D 382 9.56 19.66 -28.12
C GLU D 382 10.47 19.32 -26.95
N VAL D 383 10.15 18.24 -26.23
CA VAL D 383 10.95 17.88 -25.06
C VAL D 383 12.39 17.69 -25.47
N ALA D 384 13.30 18.21 -24.64
CA ALA D 384 14.73 18.14 -24.93
C ALA D 384 15.42 17.03 -24.15
N GLY D 385 15.25 17.00 -22.83
CA GLY D 385 15.97 16.02 -22.03
C GLY D 385 15.26 14.69 -21.98
N SER D 386 16.02 13.63 -21.72
CA SER D 386 15.47 12.30 -21.56
C SER D 386 16.39 11.55 -20.60
N VAL D 387 16.03 11.53 -19.31
CA VAL D 387 16.88 10.99 -18.27
C VAL D 387 16.31 9.67 -17.81
N SER D 388 17.15 8.64 -17.80
CA SER D 388 16.74 7.35 -17.26
C SER D 388 17.07 7.31 -15.77
N GLU D 389 16.99 6.14 -15.17
CA GLU D 389 17.37 5.99 -13.78
C GLU D 389 18.70 5.28 -13.61
N ARG D 390 19.06 4.41 -14.55
CA ARG D 390 20.34 3.72 -14.44
C ARG D 390 21.51 4.62 -14.80
N GLU D 391 21.32 5.54 -15.76
CA GLU D 391 22.43 6.40 -16.17
C GLU D 391 22.90 7.27 -15.02
N LEU D 392 21.98 7.95 -14.34
CA LEU D 392 22.37 8.82 -13.25
C LEU D 392 23.04 8.03 -12.14
N LEU D 393 22.48 6.86 -11.79
CA LEU D 393 23.11 6.04 -10.77
C LEU D 393 24.50 5.59 -11.17
N SER D 394 24.72 5.37 -12.47
CA SER D 394 26.05 5.03 -12.93
C SER D 394 26.94 6.26 -13.08
N ALA D 395 26.37 7.45 -13.03
CA ALA D 395 27.15 8.68 -13.14
C ALA D 395 27.41 9.33 -11.80
N VAL D 396 26.55 9.09 -10.82
CA VAL D 396 26.77 9.67 -9.50
C VAL D 396 28.02 9.09 -8.87
N PHE D 397 28.29 7.81 -9.10
CA PHE D 397 29.43 7.17 -8.48
C PHE D 397 30.66 7.15 -9.37
N GLU D 398 30.50 7.27 -10.68
CA GLU D 398 31.62 7.24 -11.59
C GLU D 398 32.42 8.54 -11.61
N GLY D 399 32.17 9.45 -10.66
CA GLY D 399 32.87 10.72 -10.62
C GLY D 399 32.55 11.65 -11.76
N ARG D 400 31.81 11.22 -12.76
CA ARG D 400 31.47 12.07 -13.89
C ARG D 400 30.30 13.00 -13.61
N ALA D 401 29.81 13.03 -12.37
CA ALA D 401 28.73 13.92 -12.00
C ALA D 401 28.73 14.10 -10.50
N LYS D 402 28.01 15.12 -10.04
CA LYS D 402 27.85 15.38 -8.62
C LYS D 402 26.44 15.85 -8.36
N LEU D 403 25.92 15.51 -7.18
CA LEU D 403 24.53 15.82 -6.86
C LEU D 403 24.22 17.29 -7.08
N ALA D 404 25.15 18.18 -6.71
CA ALA D 404 24.91 19.60 -6.91
C ALA D 404 24.78 19.95 -8.38
N ASP D 405 25.26 19.09 -9.28
CA ASP D 405 25.26 19.40 -10.70
C ASP D 405 23.84 19.48 -11.24
N ALA D 406 23.67 20.26 -12.30
CA ALA D 406 22.38 20.39 -12.95
C ALA D 406 22.16 19.25 -13.94
N VAL D 407 20.93 18.73 -13.96
CA VAL D 407 20.64 17.61 -14.85
C VAL D 407 20.76 17.99 -16.31
N SER D 408 20.73 19.28 -16.62
CA SER D 408 20.72 19.70 -18.02
C SER D 408 22.03 19.38 -18.73
N ALA D 409 23.08 19.01 -17.99
CA ALA D 409 24.36 18.66 -18.60
C ALA D 409 24.62 17.16 -18.61
N HIS D 410 23.61 16.35 -18.27
CA HIS D 410 23.78 14.91 -18.30
C HIS D 410 22.61 14.17 -18.94
N MET D 411 21.61 14.88 -19.45
CA MET D 411 20.46 14.21 -20.03
C MET D 411 20.85 13.42 -21.27
N SER D 412 20.29 12.22 -21.38
CA SER D 412 20.51 11.39 -22.54
C SER D 412 19.70 11.91 -23.73
N PRO D 413 20.08 11.53 -24.95
CA PRO D 413 19.33 11.98 -26.12
C PRO D 413 17.85 11.65 -25.97
N PRO D 414 16.97 12.57 -26.37
CA PRO D 414 15.54 12.37 -26.12
C PRO D 414 15.04 11.07 -26.74
N LEU D 415 14.45 10.22 -25.92
CA LEU D 415 13.95 8.94 -26.39
C LEU D 415 12.81 9.14 -27.38
N ARG D 416 12.80 8.32 -28.43
CA ARG D 416 11.83 8.48 -29.50
C ARG D 416 10.42 8.18 -29.02
N MET D 417 9.45 8.80 -29.68
CA MET D 417 8.04 8.62 -29.36
C MET D 417 7.38 7.67 -30.35
N ILE D 418 6.26 7.11 -29.91
CA ILE D 418 5.50 6.18 -30.79
C ILE D 418 4.03 6.60 -30.71
N GLY D 419 3.15 5.82 -31.32
CA GLY D 419 1.74 6.10 -31.33
C GLY D 419 1.08 5.82 -30.00
N ALA D 420 -0.16 6.28 -29.87
CA ALA D 420 -0.94 6.13 -28.66
C ALA D 420 -2.05 5.10 -28.79
N GLY D 421 -2.80 5.14 -29.87
CA GLY D 421 -3.86 4.18 -30.10
C GLY D 421 -3.42 2.93 -30.81
N GLU D 422 -2.12 2.76 -31.04
CA GLU D 422 -1.64 1.61 -31.79
C GLU D 422 -1.76 0.34 -30.95
N LEU D 423 -1.81 -0.80 -31.63
CA LEU D 423 -1.93 -2.08 -30.96
C LEU D 423 -0.65 -2.42 -30.22
N VAL D 424 -0.82 -3.24 -29.17
CA VAL D 424 0.35 -3.62 -28.38
C VAL D 424 1.36 -4.38 -29.22
N SER D 425 0.87 -5.19 -30.16
CA SER D 425 1.78 -6.00 -30.98
C SER D 425 2.85 -5.12 -31.63
N ALA D 426 2.43 -4.05 -32.29
CA ALA D 426 3.39 -3.14 -32.89
C ALA D 426 4.25 -2.49 -31.82
N ALA D 427 3.67 -2.20 -30.66
CA ALA D 427 4.44 -1.58 -29.60
C ALA D 427 5.64 -2.45 -29.23
N GLY D 428 5.41 -3.73 -28.98
CA GLY D 428 6.51 -4.61 -28.66
C GLY D 428 7.48 -4.80 -29.82
N LYS D 429 6.94 -4.95 -31.02
CA LYS D 429 7.81 -5.09 -32.19
C LYS D 429 8.78 -3.92 -32.27
N ALA D 430 8.28 -2.70 -32.04
CA ALA D 430 9.16 -1.55 -32.04
C ALA D 430 10.07 -1.53 -30.82
N LEU D 431 9.56 -1.99 -29.67
CA LEU D 431 10.38 -2.02 -28.47
C LEU D 431 11.57 -2.93 -28.61
N ARG D 432 11.54 -3.85 -29.58
CA ARG D 432 12.70 -4.72 -29.75
C ARG D 432 13.98 -3.94 -30.00
N ASP D 433 13.90 -2.71 -30.51
CA ASP D 433 15.09 -1.92 -30.84
C ASP D 433 15.38 -0.81 -29.85
N TRP D 434 14.55 -0.63 -28.83
CA TRP D 434 14.81 0.40 -27.83
C TRP D 434 14.30 -0.08 -26.49
N ASP D 435 14.85 0.50 -25.42
CA ASP D 435 14.50 0.09 -24.07
C ASP D 435 13.37 0.91 -23.48
N ALA D 436 12.79 1.82 -24.25
CA ALA D 436 11.68 2.62 -23.76
C ALA D 436 11.21 3.51 -24.91
N LEU D 437 10.06 4.15 -24.71
CA LEU D 437 9.55 5.09 -25.69
C LEU D 437 8.59 6.04 -25.00
N MET D 438 8.31 7.16 -25.66
CA MET D 438 7.42 8.18 -25.14
C MET D 438 6.11 8.12 -25.92
N VAL D 439 5.05 7.70 -25.24
CA VAL D 439 3.74 7.63 -25.85
C VAL D 439 3.10 9.01 -25.79
N VAL D 440 2.77 9.55 -26.97
CA VAL D 440 2.15 10.86 -27.08
C VAL D 440 0.66 10.66 -27.34
N GLU D 441 -0.17 11.38 -26.59
CA GLU D 441 -1.62 11.19 -26.65
C GLU D 441 -2.21 12.23 -27.61
N GLU D 442 -2.40 11.81 -28.85
CA GLU D 442 -2.99 12.62 -29.92
C GLU D 442 -2.06 13.71 -30.41
N GLY D 443 -0.86 13.85 -29.85
CA GLY D 443 0.06 14.90 -30.26
C GLY D 443 0.77 15.54 -29.10
N LYS D 444 0.52 15.04 -27.89
CA LYS D 444 1.18 15.53 -26.71
C LYS D 444 1.85 14.38 -25.97
N PRO D 445 3.06 14.56 -25.47
CA PRO D 445 3.68 13.50 -24.66
C PRO D 445 2.87 13.21 -23.42
N VAL D 446 2.29 12.01 -23.36
CA VAL D 446 1.37 11.65 -22.29
C VAL D 446 2.00 10.67 -21.30
N GLY D 447 2.83 9.74 -21.78
CA GLY D 447 3.44 8.82 -20.85
C GLY D 447 4.70 8.21 -21.41
N VAL D 448 5.28 7.29 -20.65
CA VAL D 448 6.47 6.56 -21.06
C VAL D 448 6.22 5.08 -20.91
N ILE D 449 6.64 4.31 -21.91
CA ILE D 449 6.42 2.87 -21.96
C ILE D 449 7.77 2.17 -21.98
N THR D 450 7.93 1.18 -21.11
CA THR D 450 9.14 0.40 -21.02
C THR D 450 8.82 -1.09 -21.14
N ARG D 451 9.79 -1.87 -21.60
CA ARG D 451 9.55 -3.29 -21.80
C ARG D 451 8.99 -3.93 -20.54
N TYR D 452 9.50 -3.54 -19.38
CA TYR D 452 9.06 -4.14 -18.13
C TYR D 452 7.56 -3.95 -17.95
N ASP D 453 7.07 -2.73 -18.18
CA ASP D 453 5.65 -2.48 -17.99
C ASP D 453 4.81 -3.26 -18.99
N LEU D 454 5.27 -3.34 -20.24
CA LEU D 454 4.52 -4.10 -21.25
C LEU D 454 4.41 -5.56 -20.86
N LEU D 455 5.52 -6.16 -20.44
CA LEU D 455 5.48 -7.56 -20.02
C LEU D 455 4.57 -7.74 -18.81
N GLY D 456 4.66 -6.82 -17.84
CA GLY D 456 3.80 -6.93 -16.68
C GLY D 456 2.33 -6.87 -17.04
N PHE D 457 2.00 -5.96 -17.96
CA PHE D 457 0.59 -5.82 -18.40
C PHE D 457 0.15 -7.11 -19.10
N LEU D 458 0.98 -7.63 -20.01
CA LEU D 458 0.58 -8.81 -20.76
C LEU D 458 0.46 -10.03 -19.86
N SER D 459 1.26 -10.11 -18.81
CA SER D 459 1.19 -11.26 -17.91
C SER D 459 0.13 -11.12 -16.84
N GLU D 460 -0.29 -9.89 -16.51
CA GLU D 460 -1.29 -9.72 -15.47
C GLU D 460 -2.65 -10.23 -15.92
N GLY D 461 -3.03 -9.94 -17.15
CA GLY D 461 -4.32 -10.37 -17.66
C GLY D 461 -5.28 -9.21 -17.92
#